data_1XAW
# 
_entry.id   1XAW 
# 
_audit_conform.dict_name       mmcif_pdbx.dic 
_audit_conform.dict_version    5.386 
_audit_conform.dict_location   http://mmcif.pdb.org/dictionaries/ascii/mmcif_pdbx.dic 
# 
loop_
_database_2.database_id 
_database_2.database_code 
_database_2.pdbx_database_accession 
_database_2.pdbx_DOI 
PDB   1XAW         pdb_00001xaw 10.2210/pdb1xaw/pdb 
RCSB  RCSB030151   ?            ?                   
WWPDB D_1000030151 ?            ?                   
# 
loop_
_pdbx_audit_revision_history.ordinal 
_pdbx_audit_revision_history.data_content_type 
_pdbx_audit_revision_history.major_revision 
_pdbx_audit_revision_history.minor_revision 
_pdbx_audit_revision_history.revision_date 
1 'Structure model' 1 0 2005-09-06 
2 'Structure model' 1 1 2008-04-30 
3 'Structure model' 1 2 2011-07-13 
4 'Structure model' 1 3 2021-10-20 
5 'Structure model' 1 4 2024-02-14 
# 
_pdbx_audit_revision_details.ordinal             1 
_pdbx_audit_revision_details.revision_ordinal    1 
_pdbx_audit_revision_details.data_content_type   'Structure model' 
_pdbx_audit_revision_details.provider            repository 
_pdbx_audit_revision_details.type                'Initial release' 
_pdbx_audit_revision_details.description         ? 
_pdbx_audit_revision_details.details             ? 
# 
loop_
_pdbx_audit_revision_group.ordinal 
_pdbx_audit_revision_group.revision_ordinal 
_pdbx_audit_revision_group.data_content_type 
_pdbx_audit_revision_group.group 
1 2 'Structure model' 'Version format compliance' 
2 3 'Structure model' 'Version format compliance' 
3 4 'Structure model' 'Database references'       
4 5 'Structure model' 'Data collection'           
# 
loop_
_pdbx_audit_revision_category.ordinal 
_pdbx_audit_revision_category.revision_ordinal 
_pdbx_audit_revision_category.data_content_type 
_pdbx_audit_revision_category.category 
1 4 'Structure model' database_2         
2 4 'Structure model' struct_ref_seq_dif 
3 5 'Structure model' chem_comp_atom     
4 5 'Structure model' chem_comp_bond     
# 
loop_
_pdbx_audit_revision_item.ordinal 
_pdbx_audit_revision_item.revision_ordinal 
_pdbx_audit_revision_item.data_content_type 
_pdbx_audit_revision_item.item 
1 4 'Structure model' '_database_2.pdbx_DOI'                
2 4 'Structure model' '_database_2.pdbx_database_accession' 
3 4 'Structure model' '_struct_ref_seq_dif.details'         
# 
_pdbx_database_status.status_code                     REL 
_pdbx_database_status.entry_id                        1XAW 
_pdbx_database_status.recvd_initial_deposition_date   2004-08-26 
_pdbx_database_status.deposit_site                    RCSB 
_pdbx_database_status.process_site                    RCSB 
_pdbx_database_status.status_code_sf                  REL 
_pdbx_database_status.status_code_mr                  ? 
_pdbx_database_status.SG_entry                        ? 
_pdbx_database_status.pdb_format_compatible           Y 
_pdbx_database_status.status_code_cs                  ? 
_pdbx_database_status.status_code_nmr_data            ? 
_pdbx_database_status.methods_development_category    ? 
# 
loop_
_audit_author.name 
_audit_author.pdbx_ordinal 
'Li, Y.'         1 
'Fanning, A.S.'  2 
'Anderson, J.M.' 3 
'Lavie, A.'      4 
# 
_citation.id                        primary 
_citation.title                     
'Structure of the Conserved Cytoplasmic C-terminal Domain of Occludin: Identification of the ZO-1 Binding Surface.' 
_citation.journal_abbrev            J.Mol.Biol. 
_citation.journal_volume            352 
_citation.page_first                151 
_citation.page_last                 164 
_citation.year                      2005 
_citation.journal_id_ASTM           JMOBAK 
_citation.country                   UK 
_citation.journal_id_ISSN           0022-2836 
_citation.journal_id_CSD            0070 
_citation.book_publisher            ? 
_citation.pdbx_database_id_PubMed   16081103 
_citation.pdbx_database_id_DOI      10.1016/j.jmb.2005.07.017 
# 
loop_
_citation_author.citation_id 
_citation_author.name 
_citation_author.ordinal 
_citation_author.identifier_ORCID 
primary 'Li, Y.'         1 ? 
primary 'Fanning, A.S.'  2 ? 
primary 'Anderson, J.M.' 3 ? 
primary 'Lavie, A.'      4 ? 
# 
loop_
_entity.id 
_entity.type 
_entity.src_method 
_entity.pdbx_description 
_entity.formula_weight 
_entity.pdbx_number_of_molecules 
_entity.pdbx_ec 
_entity.pdbx_mutation 
_entity.pdbx_fragment 
_entity.details 
1 polymer man Occludin 16601.273 1  ? E449V 'residues 383-522' ? 
2 water   nat water    18.015    83 ? ?     ?                  ? 
# 
_entity_poly.entity_id                      1 
_entity_poly.type                           'polypeptide(L)' 
_entity_poly.nstd_linkage                   no 
_entity_poly.nstd_monomer                   no 
_entity_poly.pdbx_seq_one_letter_code       
;AKGRAGRSKRTEQDHYETDYTTGGESCDELEEDWIREYPPITSDQQRQLYKRNFDTGLQEYKSLQSVLDEINKELSRLDK
ELDDYREESEEYMAAADEYNRLKQVKGSADYKSKKNHCKQLKSKLSHIKKMVGDYDRQKT
;
_entity_poly.pdbx_seq_one_letter_code_can   
;AKGRAGRSKRTEQDHYETDYTTGGESCDELEEDWIREYPPITSDQQRQLYKRNFDTGLQEYKSLQSVLDEINKELSRLDK
ELDDYREESEEYMAAADEYNRLKQVKGSADYKSKKNHCKQLKSKLSHIKKMVGDYDRQKT
;
_entity_poly.pdbx_strand_id                 A 
_entity_poly.pdbx_target_identifier         ? 
# 
_pdbx_entity_nonpoly.entity_id   2 
_pdbx_entity_nonpoly.name        water 
_pdbx_entity_nonpoly.comp_id     HOH 
# 
loop_
_entity_poly_seq.entity_id 
_entity_poly_seq.num 
_entity_poly_seq.mon_id 
_entity_poly_seq.hetero 
1 1   ALA n 
1 2   LYS n 
1 3   GLY n 
1 4   ARG n 
1 5   ALA n 
1 6   GLY n 
1 7   ARG n 
1 8   SER n 
1 9   LYS n 
1 10  ARG n 
1 11  THR n 
1 12  GLU n 
1 13  GLN n 
1 14  ASP n 
1 15  HIS n 
1 16  TYR n 
1 17  GLU n 
1 18  THR n 
1 19  ASP n 
1 20  TYR n 
1 21  THR n 
1 22  THR n 
1 23  GLY n 
1 24  GLY n 
1 25  GLU n 
1 26  SER n 
1 27  CYS n 
1 28  ASP n 
1 29  GLU n 
1 30  LEU n 
1 31  GLU n 
1 32  GLU n 
1 33  ASP n 
1 34  TRP n 
1 35  ILE n 
1 36  ARG n 
1 37  GLU n 
1 38  TYR n 
1 39  PRO n 
1 40  PRO n 
1 41  ILE n 
1 42  THR n 
1 43  SER n 
1 44  ASP n 
1 45  GLN n 
1 46  GLN n 
1 47  ARG n 
1 48  GLN n 
1 49  LEU n 
1 50  TYR n 
1 51  LYS n 
1 52  ARG n 
1 53  ASN n 
1 54  PHE n 
1 55  ASP n 
1 56  THR n 
1 57  GLY n 
1 58  LEU n 
1 59  GLN n 
1 60  GLU n 
1 61  TYR n 
1 62  LYS n 
1 63  SER n 
1 64  LEU n 
1 65  GLN n 
1 66  SER n 
1 67  VAL n 
1 68  LEU n 
1 69  ASP n 
1 70  GLU n 
1 71  ILE n 
1 72  ASN n 
1 73  LYS n 
1 74  GLU n 
1 75  LEU n 
1 76  SER n 
1 77  ARG n 
1 78  LEU n 
1 79  ASP n 
1 80  LYS n 
1 81  GLU n 
1 82  LEU n 
1 83  ASP n 
1 84  ASP n 
1 85  TYR n 
1 86  ARG n 
1 87  GLU n 
1 88  GLU n 
1 89  SER n 
1 90  GLU n 
1 91  GLU n 
1 92  TYR n 
1 93  MET n 
1 94  ALA n 
1 95  ALA n 
1 96  ALA n 
1 97  ASP n 
1 98  GLU n 
1 99  TYR n 
1 100 ASN n 
1 101 ARG n 
1 102 LEU n 
1 103 LYS n 
1 104 GLN n 
1 105 VAL n 
1 106 LYS n 
1 107 GLY n 
1 108 SER n 
1 109 ALA n 
1 110 ASP n 
1 111 TYR n 
1 112 LYS n 
1 113 SER n 
1 114 LYS n 
1 115 LYS n 
1 116 ASN n 
1 117 HIS n 
1 118 CYS n 
1 119 LYS n 
1 120 GLN n 
1 121 LEU n 
1 122 LYS n 
1 123 SER n 
1 124 LYS n 
1 125 LEU n 
1 126 SER n 
1 127 HIS n 
1 128 ILE n 
1 129 LYS n 
1 130 LYS n 
1 131 MET n 
1 132 VAL n 
1 133 GLY n 
1 134 ASP n 
1 135 TYR n 
1 136 ASP n 
1 137 ARG n 
1 138 GLN n 
1 139 LYS n 
1 140 THR n 
# 
_entity_src_gen.entity_id                          1 
_entity_src_gen.pdbx_src_id                        1 
_entity_src_gen.pdbx_alt_source_flag               sample 
_entity_src_gen.pdbx_seq_type                      ? 
_entity_src_gen.pdbx_beg_seq_num                   ? 
_entity_src_gen.pdbx_end_seq_num                   ? 
_entity_src_gen.gene_src_common_name               human 
_entity_src_gen.gene_src_genus                     Homo 
_entity_src_gen.pdbx_gene_src_gene                 OCLN 
_entity_src_gen.gene_src_species                   ? 
_entity_src_gen.gene_src_strain                    ? 
_entity_src_gen.gene_src_tissue                    ? 
_entity_src_gen.gene_src_tissue_fraction           ? 
_entity_src_gen.gene_src_details                   ? 
_entity_src_gen.pdbx_gene_src_fragment             ? 
_entity_src_gen.pdbx_gene_src_scientific_name      'Homo sapiens' 
_entity_src_gen.pdbx_gene_src_ncbi_taxonomy_id     9606 
_entity_src_gen.pdbx_gene_src_variant              ? 
_entity_src_gen.pdbx_gene_src_cell_line            ? 
_entity_src_gen.pdbx_gene_src_atcc                 ? 
_entity_src_gen.pdbx_gene_src_organ                ? 
_entity_src_gen.pdbx_gene_src_organelle            ? 
_entity_src_gen.pdbx_gene_src_cell                 ? 
_entity_src_gen.pdbx_gene_src_cellular_location    ? 
_entity_src_gen.host_org_common_name               ? 
_entity_src_gen.pdbx_host_org_scientific_name      'Escherichia coli' 
_entity_src_gen.pdbx_host_org_ncbi_taxonomy_id     562 
_entity_src_gen.host_org_genus                     Escherichia 
_entity_src_gen.pdbx_host_org_gene                 ? 
_entity_src_gen.pdbx_host_org_organ                ? 
_entity_src_gen.host_org_species                   ? 
_entity_src_gen.pdbx_host_org_tissue               ? 
_entity_src_gen.pdbx_host_org_tissue_fraction      ? 
_entity_src_gen.pdbx_host_org_strain               ? 
_entity_src_gen.pdbx_host_org_variant              ? 
_entity_src_gen.pdbx_host_org_cell_line            ? 
_entity_src_gen.pdbx_host_org_atcc                 ? 
_entity_src_gen.pdbx_host_org_culture_collection   ? 
_entity_src_gen.pdbx_host_org_cell                 ? 
_entity_src_gen.pdbx_host_org_organelle            ? 
_entity_src_gen.pdbx_host_org_cellular_location    ? 
_entity_src_gen.pdbx_host_org_vector_type          ? 
_entity_src_gen.pdbx_host_org_vector               ? 
_entity_src_gen.host_org_details                   ? 
_entity_src_gen.expression_system_id               ? 
_entity_src_gen.plasmid_name                       ? 
_entity_src_gen.plasmid_details                    ? 
_entity_src_gen.pdbx_description                   ? 
# 
loop_
_chem_comp.id 
_chem_comp.type 
_chem_comp.mon_nstd_flag 
_chem_comp.name 
_chem_comp.pdbx_synonyms 
_chem_comp.formula 
_chem_comp.formula_weight 
ALA 'L-peptide linking' y ALANINE         ? 'C3 H7 N O2'     89.093  
ARG 'L-peptide linking' y ARGININE        ? 'C6 H15 N4 O2 1' 175.209 
ASN 'L-peptide linking' y ASPARAGINE      ? 'C4 H8 N2 O3'    132.118 
ASP 'L-peptide linking' y 'ASPARTIC ACID' ? 'C4 H7 N O4'     133.103 
CYS 'L-peptide linking' y CYSTEINE        ? 'C3 H7 N O2 S'   121.158 
GLN 'L-peptide linking' y GLUTAMINE       ? 'C5 H10 N2 O3'   146.144 
GLU 'L-peptide linking' y 'GLUTAMIC ACID' ? 'C5 H9 N O4'     147.129 
GLY 'peptide linking'   y GLYCINE         ? 'C2 H5 N O2'     75.067  
HIS 'L-peptide linking' y HISTIDINE       ? 'C6 H10 N3 O2 1' 156.162 
HOH non-polymer         . WATER           ? 'H2 O'           18.015  
ILE 'L-peptide linking' y ISOLEUCINE      ? 'C6 H13 N O2'    131.173 
LEU 'L-peptide linking' y LEUCINE         ? 'C6 H13 N O2'    131.173 
LYS 'L-peptide linking' y LYSINE          ? 'C6 H15 N2 O2 1' 147.195 
MET 'L-peptide linking' y METHIONINE      ? 'C5 H11 N O2 S'  149.211 
PHE 'L-peptide linking' y PHENYLALANINE   ? 'C9 H11 N O2'    165.189 
PRO 'L-peptide linking' y PROLINE         ? 'C5 H9 N O2'     115.130 
SER 'L-peptide linking' y SERINE          ? 'C3 H7 N O3'     105.093 
THR 'L-peptide linking' y THREONINE       ? 'C4 H9 N O3'     119.119 
TRP 'L-peptide linking' y TRYPTOPHAN      ? 'C11 H12 N2 O2'  204.225 
TYR 'L-peptide linking' y TYROSINE        ? 'C9 H11 N O3'    181.189 
VAL 'L-peptide linking' y VALINE          ? 'C5 H11 N O2'    117.146 
# 
loop_
_pdbx_poly_seq_scheme.asym_id 
_pdbx_poly_seq_scheme.entity_id 
_pdbx_poly_seq_scheme.seq_id 
_pdbx_poly_seq_scheme.mon_id 
_pdbx_poly_seq_scheme.ndb_seq_num 
_pdbx_poly_seq_scheme.pdb_seq_num 
_pdbx_poly_seq_scheme.auth_seq_num 
_pdbx_poly_seq_scheme.pdb_mon_id 
_pdbx_poly_seq_scheme.auth_mon_id 
_pdbx_poly_seq_scheme.pdb_strand_id 
_pdbx_poly_seq_scheme.pdb_ins_code 
_pdbx_poly_seq_scheme.hetero 
A 1 1   ALA 1   383 ?   ?   ?   A . n 
A 1 2   LYS 2   384 ?   ?   ?   A . n 
A 1 3   GLY 3   385 ?   ?   ?   A . n 
A 1 4   ARG 4   386 ?   ?   ?   A . n 
A 1 5   ALA 5   387 ?   ?   ?   A . n 
A 1 6   GLY 6   388 ?   ?   ?   A . n 
A 1 7   ARG 7   389 ?   ?   ?   A . n 
A 1 8   SER 8   390 ?   ?   ?   A . n 
A 1 9   LYS 9   391 ?   ?   ?   A . n 
A 1 10  ARG 10  392 ?   ?   ?   A . n 
A 1 11  THR 11  393 ?   ?   ?   A . n 
A 1 12  GLU 12  394 ?   ?   ?   A . n 
A 1 13  GLN 13  395 ?   ?   ?   A . n 
A 1 14  ASP 14  396 ?   ?   ?   A . n 
A 1 15  HIS 15  397 ?   ?   ?   A . n 
A 1 16  TYR 16  398 ?   ?   ?   A . n 
A 1 17  GLU 17  399 ?   ?   ?   A . n 
A 1 18  THR 18  400 ?   ?   ?   A . n 
A 1 19  ASP 19  401 ?   ?   ?   A . n 
A 1 20  TYR 20  402 ?   ?   ?   A . n 
A 1 21  THR 21  403 ?   ?   ?   A . n 
A 1 22  THR 22  404 ?   ?   ?   A . n 
A 1 23  GLY 23  405 ?   ?   ?   A . n 
A 1 24  GLY 24  406 ?   ?   ?   A . n 
A 1 25  GLU 25  407 ?   ?   ?   A . n 
A 1 26  SER 26  408 ?   ?   ?   A . n 
A 1 27  CYS 27  409 ?   ?   ?   A . n 
A 1 28  ASP 28  410 ?   ?   ?   A . n 
A 1 29  GLU 29  411 ?   ?   ?   A . n 
A 1 30  LEU 30  412 ?   ?   ?   A . n 
A 1 31  GLU 31  413 ?   ?   ?   A . n 
A 1 32  GLU 32  414 ?   ?   ?   A . n 
A 1 33  ASP 33  415 ?   ?   ?   A . n 
A 1 34  TRP 34  416 416 TRP TRP A . n 
A 1 35  ILE 35  417 417 ILE ILE A . n 
A 1 36  ARG 36  418 418 ARG ARG A . n 
A 1 37  GLU 37  419 419 GLU GLU A . n 
A 1 38  TYR 38  420 420 TYR TYR A . n 
A 1 39  PRO 39  421 421 PRO PRO A . n 
A 1 40  PRO 40  422 422 PRO PRO A . n 
A 1 41  ILE 41  423 423 ILE ILE A . n 
A 1 42  THR 42  424 424 THR THR A . n 
A 1 43  SER 43  425 425 SER SER A . n 
A 1 44  ASP 44  426 426 ASP ASP A . n 
A 1 45  GLN 45  427 427 GLN GLN A . n 
A 1 46  GLN 46  428 428 GLN GLN A . n 
A 1 47  ARG 47  429 429 ARG ARG A . n 
A 1 48  GLN 48  430 430 GLN GLN A . n 
A 1 49  LEU 49  431 431 LEU LEU A . n 
A 1 50  TYR 50  432 432 TYR TYR A . n 
A 1 51  LYS 51  433 433 LYS LYS A . n 
A 1 52  ARG 52  434 434 ARG ARG A . n 
A 1 53  ASN 53  435 435 ASN ASN A . n 
A 1 54  PHE 54  436 436 PHE PHE A . n 
A 1 55  ASP 55  437 437 ASP ASP A . n 
A 1 56  THR 56  438 438 THR THR A . n 
A 1 57  GLY 57  439 439 GLY GLY A . n 
A 1 58  LEU 58  440 440 LEU LEU A . n 
A 1 59  GLN 59  441 441 GLN GLN A . n 
A 1 60  GLU 60  442 442 GLU GLU A . n 
A 1 61  TYR 61  443 443 TYR TYR A . n 
A 1 62  LYS 62  444 444 LYS LYS A . n 
A 1 63  SER 63  445 445 SER SER A . n 
A 1 64  LEU 64  446 446 LEU LEU A . n 
A 1 65  GLN 65  447 447 GLN GLN A . n 
A 1 66  SER 66  448 448 SER SER A . n 
A 1 67  VAL 67  449 449 VAL VAL A . n 
A 1 68  LEU 68  450 450 LEU LEU A . n 
A 1 69  ASP 69  451 451 ASP ASP A . n 
A 1 70  GLU 70  452 452 GLU GLU A . n 
A 1 71  ILE 71  453 453 ILE ILE A . n 
A 1 72  ASN 72  454 454 ASN ASN A . n 
A 1 73  LYS 73  455 455 LYS LYS A . n 
A 1 74  GLU 74  456 456 GLU GLU A . n 
A 1 75  LEU 75  457 457 LEU LEU A . n 
A 1 76  SER 76  458 458 SER SER A . n 
A 1 77  ARG 77  459 459 ARG ARG A . n 
A 1 78  LEU 78  460 460 LEU LEU A . n 
A 1 79  ASP 79  461 461 ASP ASP A . n 
A 1 80  LYS 80  462 462 LYS LYS A . n 
A 1 81  GLU 81  463 463 GLU GLU A . n 
A 1 82  LEU 82  464 464 LEU LEU A . n 
A 1 83  ASP 83  465 465 ASP ASP A . n 
A 1 84  ASP 84  466 466 ASP ASP A . n 
A 1 85  TYR 85  467 467 TYR TYR A . n 
A 1 86  ARG 86  468 468 ARG ARG A . n 
A 1 87  GLU 87  469 469 GLU GLU A . n 
A 1 88  GLU 88  470 470 GLU GLU A . n 
A 1 89  SER 89  471 471 SER SER A . n 
A 1 90  GLU 90  472 472 GLU GLU A . n 
A 1 91  GLU 91  473 473 GLU GLU A . n 
A 1 92  TYR 92  474 474 TYR TYR A . n 
A 1 93  MET 93  475 475 MET MET A . n 
A 1 94  ALA 94  476 476 ALA ALA A . n 
A 1 95  ALA 95  477 477 ALA ALA A . n 
A 1 96  ALA 96  478 478 ALA ALA A . n 
A 1 97  ASP 97  479 479 ASP ASP A . n 
A 1 98  GLU 98  480 480 GLU GLU A . n 
A 1 99  TYR 99  481 481 TYR TYR A . n 
A 1 100 ASN 100 482 482 ASN ASN A . n 
A 1 101 ARG 101 483 483 ARG ARG A . n 
A 1 102 LEU 102 484 484 LEU LEU A . n 
A 1 103 LYS 103 485 485 LYS LYS A . n 
A 1 104 GLN 104 486 486 GLN GLN A . n 
A 1 105 VAL 105 487 487 VAL VAL A . n 
A 1 106 LYS 106 488 488 LYS LYS A . n 
A 1 107 GLY 107 489 489 GLY GLY A . n 
A 1 108 SER 108 490 490 SER SER A . n 
A 1 109 ALA 109 491 491 ALA ALA A . n 
A 1 110 ASP 110 492 492 ASP ASP A . n 
A 1 111 TYR 111 493 493 TYR TYR A . n 
A 1 112 LYS 112 494 494 LYS LYS A . n 
A 1 113 SER 113 495 495 SER SER A . n 
A 1 114 LYS 114 496 496 LYS LYS A . n 
A 1 115 LYS 115 497 497 LYS LYS A . n 
A 1 116 ASN 116 498 498 ASN ASN A . n 
A 1 117 HIS 117 499 499 HIS HIS A . n 
A 1 118 CYS 118 500 500 CYS CYS A . n 
A 1 119 LYS 119 501 501 LYS LYS A . n 
A 1 120 GLN 120 502 502 GLN GLN A . n 
A 1 121 LEU 121 503 503 LEU LEU A . n 
A 1 122 LYS 122 504 504 LYS LYS A . n 
A 1 123 SER 123 505 505 SER SER A . n 
A 1 124 LYS 124 506 506 LYS LYS A . n 
A 1 125 LEU 125 507 507 LEU LEU A . n 
A 1 126 SER 126 508 508 SER SER A . n 
A 1 127 HIS 127 509 509 HIS HIS A . n 
A 1 128 ILE 128 510 510 ILE ILE A . n 
A 1 129 LYS 129 511 511 LYS LYS A . n 
A 1 130 LYS 130 512 512 LYS LYS A . n 
A 1 131 MET 131 513 513 MET MET A . n 
A 1 132 VAL 132 514 514 VAL VAL A . n 
A 1 133 GLY 133 515 515 GLY GLY A . n 
A 1 134 ASP 134 516 516 ASP ASP A . n 
A 1 135 TYR 135 517 517 TYR TYR A . n 
A 1 136 ASP 136 518 518 ASP ASP A . n 
A 1 137 ARG 137 519 519 ARG ARG A . n 
A 1 138 GLN 138 520 520 GLN GLN A . n 
A 1 139 LYS 139 521 521 LYS LYS A . n 
A 1 140 THR 140 522 522 THR THR A . n 
# 
loop_
_pdbx_nonpoly_scheme.asym_id 
_pdbx_nonpoly_scheme.entity_id 
_pdbx_nonpoly_scheme.mon_id 
_pdbx_nonpoly_scheme.ndb_seq_num 
_pdbx_nonpoly_scheme.pdb_seq_num 
_pdbx_nonpoly_scheme.auth_seq_num 
_pdbx_nonpoly_scheme.pdb_mon_id 
_pdbx_nonpoly_scheme.auth_mon_id 
_pdbx_nonpoly_scheme.pdb_strand_id 
_pdbx_nonpoly_scheme.pdb_ins_code 
B 2 HOH 1  1  1  HOH WAT A . 
B 2 HOH 2  2  2  HOH WAT A . 
B 2 HOH 3  3  3  HOH WAT A . 
B 2 HOH 4  4  4  HOH WAT A . 
B 2 HOH 5  5  5  HOH WAT A . 
B 2 HOH 6  6  6  HOH WAT A . 
B 2 HOH 7  7  7  HOH WAT A . 
B 2 HOH 8  8  8  HOH WAT A . 
B 2 HOH 9  9  9  HOH WAT A . 
B 2 HOH 10 10 10 HOH WAT A . 
B 2 HOH 11 11 11 HOH WAT A . 
B 2 HOH 12 12 12 HOH WAT A . 
B 2 HOH 13 13 13 HOH WAT A . 
B 2 HOH 14 14 14 HOH WAT A . 
B 2 HOH 15 15 15 HOH WAT A . 
B 2 HOH 16 16 16 HOH WAT A . 
B 2 HOH 17 17 17 HOH WAT A . 
B 2 HOH 18 18 18 HOH WAT A . 
B 2 HOH 19 19 19 HOH WAT A . 
B 2 HOH 20 20 20 HOH WAT A . 
B 2 HOH 21 21 21 HOH WAT A . 
B 2 HOH 22 22 22 HOH WAT A . 
B 2 HOH 23 23 23 HOH WAT A . 
B 2 HOH 24 24 24 HOH WAT A . 
B 2 HOH 25 25 25 HOH WAT A . 
B 2 HOH 26 26 26 HOH WAT A . 
B 2 HOH 27 28 28 HOH WAT A . 
B 2 HOH 28 29 29 HOH WAT A . 
B 2 HOH 29 30 30 HOH WAT A . 
B 2 HOH 30 31 31 HOH WAT A . 
B 2 HOH 31 32 32 HOH WAT A . 
B 2 HOH 32 33 33 HOH WAT A . 
B 2 HOH 33 34 34 HOH WAT A . 
B 2 HOH 34 35 35 HOH WAT A . 
B 2 HOH 35 36 36 HOH WAT A . 
B 2 HOH 36 37 37 HOH WAT A . 
B 2 HOH 37 38 38 HOH WAT A . 
B 2 HOH 38 39 39 HOH WAT A . 
B 2 HOH 39 40 40 HOH WAT A . 
B 2 HOH 40 41 41 HOH WAT A . 
B 2 HOH 41 42 42 HOH WAT A . 
B 2 HOH 42 43 43 HOH WAT A . 
B 2 HOH 43 44 44 HOH WAT A . 
B 2 HOH 44 45 45 HOH WAT A . 
B 2 HOH 45 46 46 HOH WAT A . 
B 2 HOH 46 47 47 HOH WAT A . 
B 2 HOH 47 48 48 HOH WAT A . 
B 2 HOH 48 49 49 HOH WAT A . 
B 2 HOH 49 50 50 HOH WAT A . 
B 2 HOH 50 51 51 HOH WAT A . 
B 2 HOH 51 52 52 HOH WAT A . 
B 2 HOH 52 53 53 HOH WAT A . 
B 2 HOH 53 54 54 HOH WAT A . 
B 2 HOH 54 55 55 HOH WAT A . 
B 2 HOH 55 56 56 HOH WAT A . 
B 2 HOH 56 57 57 HOH WAT A . 
B 2 HOH 57 58 58 HOH WAT A . 
B 2 HOH 58 59 59 HOH WAT A . 
B 2 HOH 59 60 60 HOH WAT A . 
B 2 HOH 60 61 61 HOH WAT A . 
B 2 HOH 61 62 62 HOH WAT A . 
B 2 HOH 62 63 63 HOH WAT A . 
B 2 HOH 63 64 64 HOH WAT A . 
B 2 HOH 64 65 65 HOH WAT A . 
B 2 HOH 65 66 66 HOH WAT A . 
B 2 HOH 66 67 67 HOH WAT A . 
B 2 HOH 67 68 68 HOH WAT A . 
B 2 HOH 68 69 69 HOH WAT A . 
B 2 HOH 69 70 70 HOH WAT A . 
B 2 HOH 70 71 71 HOH WAT A . 
B 2 HOH 71 72 72 HOH WAT A . 
B 2 HOH 72 73 73 HOH WAT A . 
B 2 HOH 73 74 74 HOH WAT A . 
B 2 HOH 74 75 75 HOH WAT A . 
B 2 HOH 75 76 76 HOH WAT A . 
B 2 HOH 76 77 77 HOH WAT A . 
B 2 HOH 77 78 78 HOH WAT A . 
B 2 HOH 78 79 79 HOH WAT A . 
B 2 HOH 79 80 80 HOH WAT A . 
B 2 HOH 80 81 81 HOH WAT A . 
B 2 HOH 81 82 82 HOH WAT A . 
B 2 HOH 82 83 83 HOH WAT A . 
B 2 HOH 83 84 84 HOH WAT A . 
# 
loop_
_software.name 
_software.classification 
_software.version 
_software.citation_id 
_software.pdbx_ordinal 
DENZO     'data reduction' .   ? 1 
SCALEPACK 'data scaling'   .   ? 2 
SOLVE     phasing          .   ? 3 
CNS       refinement       1.0 ? 4 
# 
_cell.entry_id           1XAW 
_cell.length_a           46.960 
_cell.length_b           109.570 
_cell.length_c           48.130 
_cell.angle_alpha        90.00 
_cell.angle_beta         90.00 
_cell.angle_gamma        90.00 
_cell.Z_PDB              8 
_cell.pdbx_unique_axis   ? 
# 
_symmetry.entry_id                         1XAW 
_symmetry.space_group_name_H-M             'C 2 2 21' 
_symmetry.pdbx_full_space_group_name_H-M   ? 
_symmetry.cell_setting                     ? 
_symmetry.Int_Tables_number                20 
_symmetry.space_group_name_Hall            ? 
# 
_exptl.entry_id          1XAW 
_exptl.method            'X-RAY DIFFRACTION' 
_exptl.crystals_number   1 
# 
_exptl_crystal.id                    1 
_exptl_crystal.density_meas          ? 
_exptl_crystal.density_Matthews      2.44 
_exptl_crystal.density_percent_sol   48 
_exptl_crystal.description           ? 
_exptl_crystal.F_000                 ? 
_exptl_crystal.preparation           ? 
# 
_exptl_crystal_grow.crystal_id      1 
_exptl_crystal_grow.method          'VAPOR DIFFUSION' 
_exptl_crystal_grow.temp            295.0 
_exptl_crystal_grow.temp_details    ? 
_exptl_crystal_grow.pH              5.6 
_exptl_crystal_grow.pdbx_details    'amonium sulfate, pH 5.6, VAPOR DIFFUSION, temperature 295.0K' 
_exptl_crystal_grow.pdbx_pH_range   . 
# 
loop_
_diffrn.id 
_diffrn.ambient_temp 
_diffrn.ambient_temp_details 
_diffrn.crystal_id 
1 100 ? 1 
2 ?   ? 1 
# 
_diffrn_detector.diffrn_id              1 
_diffrn_detector.detector               CCD 
_diffrn_detector.type                   'ADSC QUANTUM 4' 
_diffrn_detector.pdbx_collection_date   2002-03-22 
_diffrn_detector.details                ? 
# 
_diffrn_radiation.diffrn_id                        1 
_diffrn_radiation.wavelength_id                    1 
_diffrn_radiation.pdbx_monochromatic_or_laue_m_l   M 
_diffrn_radiation.monochromator                    GRAPHITE 
_diffrn_radiation.pdbx_diffrn_protocol             MAD 
_diffrn_radiation.pdbx_scattering_type             x-ray 
# 
loop_
_diffrn_radiation_wavelength.id 
_diffrn_radiation_wavelength.wavelength 
_diffrn_radiation_wavelength.wt 
1 0.9 1.0 
2 1.0 1.0 
# 
loop_
_diffrn_source.diffrn_id 
_diffrn_source.source 
_diffrn_source.type 
_diffrn_source.pdbx_synchrotron_site 
_diffrn_source.pdbx_synchrotron_beamline 
_diffrn_source.pdbx_wavelength 
_diffrn_source.pdbx_wavelength_list 
1 SYNCHROTRON 'APS BEAMLINE 14-BM-C' APS   14-BM-C ? 0.9 
2 SYNCHROTRON 'CHESS BEAMLINE F2'    CHESS F2      ? 1.0 
# 
_reflns.entry_id                     1XAW 
_reflns.observed_criterion_sigma_F   0.0 
_reflns.observed_criterion_sigma_I   -3.0 
_reflns.d_resolution_high            1.45 
_reflns.d_resolution_low             50.0 
_reflns.number_all                   22450 
_reflns.number_obs                   22041 
_reflns.percent_possible_obs         99.2 
_reflns.pdbx_Rmerge_I_obs            ? 
_reflns.pdbx_Rsym_value              0.063 
_reflns.pdbx_netI_over_sigmaI        ? 
_reflns.B_iso_Wilson_estimate        ? 
_reflns.pdbx_redundancy              ? 
_reflns.R_free_details               ? 
_reflns.limit_h_max                  ? 
_reflns.limit_h_min                  ? 
_reflns.limit_k_max                  ? 
_reflns.limit_k_min                  ? 
_reflns.limit_l_max                  ? 
_reflns.limit_l_min                  ? 
_reflns.observed_criterion_F_max     ? 
_reflns.observed_criterion_F_min     ? 
_reflns.pdbx_chi_squared             ? 
_reflns.pdbx_scaling_rejects         ? 
_reflns.pdbx_diffrn_id               1 
_reflns.pdbx_ordinal                 1 
# 
_reflns_shell.d_res_high             1.45 
_reflns_shell.d_res_low              1.5 
_reflns_shell.percent_possible_all   98.1 
_reflns_shell.Rmerge_I_obs           ? 
_reflns_shell.pdbx_Rsym_value        ? 
_reflns_shell.meanI_over_sigI_obs    ? 
_reflns_shell.pdbx_redundancy        ? 
_reflns_shell.percent_possible_obs   ? 
_reflns_shell.number_unique_all      ? 
_reflns_shell.number_measured_all    ? 
_reflns_shell.number_measured_obs    ? 
_reflns_shell.number_unique_obs      ? 
_reflns_shell.pdbx_chi_squared       ? 
_reflns_shell.pdbx_diffrn_id         ? 
_reflns_shell.pdbx_ordinal           1 
# 
_refine.entry_id                                 1XAW 
_refine.ls_d_res_high                            1.45 
_refine.ls_d_res_low                             24.73 
_refine.pdbx_ls_sigma_F                          0.0 
_refine.pdbx_ls_sigma_I                          ? 
_refine.ls_number_reflns_all                     22447 
_refine.ls_number_reflns_obs                     20914 
_refine.ls_number_reflns_R_free                  1127 
_refine.ls_percent_reflns_obs                    ? 
_refine.ls_R_factor_all                          0.275 
_refine.ls_R_factor_obs                          0.265 
_refine.ls_R_factor_R_work                       0.261 
_refine.ls_R_factor_R_free                       0.284 
_refine.ls_redundancy_reflns_obs                 ? 
_refine.pdbx_data_cutoff_high_absF               ? 
_refine.pdbx_data_cutoff_low_absF                ? 
_refine.ls_number_parameters                     ? 
_refine.ls_number_restraints                     ? 
_refine.ls_percent_reflns_R_free                 ? 
_refine.ls_R_factor_R_free_error                 ? 
_refine.ls_R_factor_R_free_error_details         ? 
_refine.pdbx_method_to_determine_struct          MAD 
_refine.pdbx_starting_model                      ? 
_refine.pdbx_ls_cross_valid_method               THROUGHOUT 
_refine.pdbx_R_Free_selection_details            RANDOM 
_refine.pdbx_stereochem_target_val_spec_case     ? 
_refine.pdbx_stereochemistry_target_values       'Engh & Huber' 
_refine.solvent_model_details                    ? 
_refine.solvent_model_param_bsol                 ? 
_refine.solvent_model_param_ksol                 ? 
_refine.occupancy_max                            ? 
_refine.occupancy_min                            ? 
_refine.pdbx_isotropic_thermal_model             ? 
_refine.B_iso_mean                               ? 
_refine.aniso_B[1][1]                            ? 
_refine.aniso_B[1][2]                            ? 
_refine.aniso_B[1][3]                            ? 
_refine.aniso_B[2][2]                            ? 
_refine.aniso_B[2][3]                            ? 
_refine.aniso_B[3][3]                            ? 
_refine.details                                  ? 
_refine.B_iso_min                                ? 
_refine.B_iso_max                                ? 
_refine.correlation_coeff_Fo_to_Fc               ? 
_refine.correlation_coeff_Fo_to_Fc_free          ? 
_refine.pdbx_solvent_vdw_probe_radii             ? 
_refine.pdbx_solvent_ion_probe_radii             ? 
_refine.pdbx_solvent_shrinkage_radii             ? 
_refine.overall_SU_R_Cruickshank_DPI             ? 
_refine.overall_SU_R_free                        ? 
_refine.overall_SU_B                             ? 
_refine.overall_SU_ML                            ? 
_refine.pdbx_overall_ESU_R                       ? 
_refine.pdbx_overall_ESU_R_Free                  ? 
_refine.pdbx_data_cutoff_high_rms_absF           ? 
_refine.ls_wR_factor_R_free                      ? 
_refine.ls_wR_factor_R_work                      ? 
_refine.overall_FOM_free_R_set                   ? 
_refine.overall_FOM_work_R_set                   ? 
_refine.pdbx_refine_id                           'X-RAY DIFFRACTION' 
_refine.pdbx_diffrn_id                           1 
_refine.pdbx_TLS_residual_ADP_flag               ? 
_refine.pdbx_overall_phase_error                 ? 
_refine.pdbx_overall_SU_R_free_Cruickshank_DPI   ? 
_refine.pdbx_overall_SU_R_Blow_DPI               ? 
_refine.pdbx_overall_SU_R_free_Blow_DPI          ? 
# 
_refine_analyze.entry_id                        1XAW 
_refine_analyze.Luzzati_coordinate_error_obs    0.23 
_refine_analyze.Luzzati_sigma_a_obs             ? 
_refine_analyze.Luzzati_d_res_low_obs           ? 
_refine_analyze.Luzzati_coordinate_error_free   ? 
_refine_analyze.Luzzati_sigma_a_free            ? 
_refine_analyze.Luzzati_d_res_low_free          ? 
_refine_analyze.number_disordered_residues      ? 
_refine_analyze.occupancy_sum_non_hydrogen      ? 
_refine_analyze.occupancy_sum_hydrogen          ? 
_refine_analyze.pdbx_Luzzati_d_res_high_obs     ? 
_refine_analyze.pdbx_refine_id                  'X-RAY DIFFRACTION' 
# 
_refine_hist.pdbx_refine_id                   'X-RAY DIFFRACTION' 
_refine_hist.cycle_id                         LAST 
_refine_hist.pdbx_number_atoms_protein        904 
_refine_hist.pdbx_number_atoms_nucleic_acid   0 
_refine_hist.pdbx_number_atoms_ligand         0 
_refine_hist.number_atoms_solvent             83 
_refine_hist.number_atoms_total               987 
_refine_hist.d_res_high                       1.45 
_refine_hist.d_res_low                        24.73 
# 
_struct.entry_id                  1XAW 
_struct.title                     'crystal structure of the cytoplasmic distal C-terminal domain of occludin' 
_struct.pdbx_model_details        ? 
_struct.pdbx_CASP_flag            ? 
_struct.pdbx_model_type_details   ? 
# 
_struct_keywords.entry_id        1XAW 
_struct_keywords.pdbx_keywords   'CELL ADHESION' 
_struct_keywords.text            'coiled-coil, cell adhesion' 
# 
loop_
_struct_asym.id 
_struct_asym.pdbx_blank_PDB_chainid_flag 
_struct_asym.pdbx_modified 
_struct_asym.entity_id 
_struct_asym.details 
A N N 1 ? 
B N N 2 ? 
# 
_struct_ref.id                         1 
_struct_ref.db_name                    UNP 
_struct_ref.db_code                    OCLN_HUMAN 
_struct_ref.pdbx_db_accession          Q16625 
_struct_ref.entity_id                  1 
_struct_ref.pdbx_seq_one_letter_code   
;AKGRAGRSKRTEQDHYETDYTTGGESCDELEEDWIREYPPITSDQQRQLYKRNFDTGLQEYKSLQSELDEINKELSRLDK
ELDDYREESEEYMAAADEYNRLKQVKGSADYKSKKNHCKQLKSKLSHIKKMVGDYDRQKT
;
_struct_ref.pdbx_align_begin           383 
_struct_ref.pdbx_db_isoform            ? 
# 
_struct_ref_seq.align_id                      1 
_struct_ref_seq.ref_id                        1 
_struct_ref_seq.pdbx_PDB_id_code              1XAW 
_struct_ref_seq.pdbx_strand_id                A 
_struct_ref_seq.seq_align_beg                 1 
_struct_ref_seq.pdbx_seq_align_beg_ins_code   ? 
_struct_ref_seq.seq_align_end                 140 
_struct_ref_seq.pdbx_seq_align_end_ins_code   ? 
_struct_ref_seq.pdbx_db_accession             Q16625 
_struct_ref_seq.db_align_beg                  383 
_struct_ref_seq.pdbx_db_align_beg_ins_code    ? 
_struct_ref_seq.db_align_end                  522 
_struct_ref_seq.pdbx_db_align_end_ins_code    ? 
_struct_ref_seq.pdbx_auth_seq_align_beg       383 
_struct_ref_seq.pdbx_auth_seq_align_end       522 
# 
_struct_ref_seq_dif.align_id                     1 
_struct_ref_seq_dif.pdbx_pdb_id_code             1XAW 
_struct_ref_seq_dif.mon_id                       VAL 
_struct_ref_seq_dif.pdbx_pdb_strand_id           A 
_struct_ref_seq_dif.seq_num                      67 
_struct_ref_seq_dif.pdbx_pdb_ins_code            ? 
_struct_ref_seq_dif.pdbx_seq_db_name             UNP 
_struct_ref_seq_dif.pdbx_seq_db_accession_code   Q16625 
_struct_ref_seq_dif.db_mon_id                    GLU 
_struct_ref_seq_dif.pdbx_seq_db_seq_num          449 
_struct_ref_seq_dif.details                      'engineered mutation' 
_struct_ref_seq_dif.pdbx_auth_seq_num            449 
_struct_ref_seq_dif.pdbx_ordinal                 1 
# 
_pdbx_struct_assembly.id                   1 
_pdbx_struct_assembly.details              author_defined_assembly 
_pdbx_struct_assembly.method_details       ? 
_pdbx_struct_assembly.oligomeric_details   monomeric 
_pdbx_struct_assembly.oligomeric_count     1 
# 
_pdbx_struct_assembly_gen.assembly_id       1 
_pdbx_struct_assembly_gen.oper_expression   1 
_pdbx_struct_assembly_gen.asym_id_list      A,B 
# 
_pdbx_struct_oper_list.id                   1 
_pdbx_struct_oper_list.type                 'identity operation' 
_pdbx_struct_oper_list.name                 1_555 
_pdbx_struct_oper_list.symmetry_operation   x,y,z 
_pdbx_struct_oper_list.matrix[1][1]         1.0000000000 
_pdbx_struct_oper_list.matrix[1][2]         0.0000000000 
_pdbx_struct_oper_list.matrix[1][3]         0.0000000000 
_pdbx_struct_oper_list.vector[1]            0.0000000000 
_pdbx_struct_oper_list.matrix[2][1]         0.0000000000 
_pdbx_struct_oper_list.matrix[2][2]         1.0000000000 
_pdbx_struct_oper_list.matrix[2][3]         0.0000000000 
_pdbx_struct_oper_list.vector[2]            0.0000000000 
_pdbx_struct_oper_list.matrix[3][1]         0.0000000000 
_pdbx_struct_oper_list.matrix[3][2]         0.0000000000 
_pdbx_struct_oper_list.matrix[3][3]         1.0000000000 
_pdbx_struct_oper_list.vector[3]            0.0000000000 
# 
_struct_biol.id                    1 
_struct_biol.pdbx_parent_biol_id   ? 
_struct_biol.details               ? 
# 
loop_
_struct_conf.conf_type_id 
_struct_conf.id 
_struct_conf.pdbx_PDB_helix_id 
_struct_conf.beg_label_comp_id 
_struct_conf.beg_label_asym_id 
_struct_conf.beg_label_seq_id 
_struct_conf.pdbx_beg_PDB_ins_code 
_struct_conf.end_label_comp_id 
_struct_conf.end_label_asym_id 
_struct_conf.end_label_seq_id 
_struct_conf.pdbx_end_PDB_ins_code 
_struct_conf.beg_auth_comp_id 
_struct_conf.beg_auth_asym_id 
_struct_conf.beg_auth_seq_id 
_struct_conf.end_auth_comp_id 
_struct_conf.end_auth_asym_id 
_struct_conf.end_auth_seq_id 
_struct_conf.pdbx_PDB_helix_class 
_struct_conf.details 
_struct_conf.pdbx_PDB_helix_length 
HELX_P HELX_P1 1 SER A 43  ? TYR A 85  ? SER A 425 TYR A 467 1 ? 43 
HELX_P HELX_P2 2 SER A 89  ? GLY A 107 ? SER A 471 GLY A 489 1 ? 19 
HELX_P HELX_P3 3 SER A 108 ? LYS A 139 ? SER A 490 LYS A 521 1 ? 32 
# 
_struct_conf_type.id          HELX_P 
_struct_conf_type.criteria    ? 
_struct_conf_type.reference   ? 
# 
loop_
_pdbx_unobs_or_zero_occ_residues.id 
_pdbx_unobs_or_zero_occ_residues.PDB_model_num 
_pdbx_unobs_or_zero_occ_residues.polymer_flag 
_pdbx_unobs_or_zero_occ_residues.occupancy_flag 
_pdbx_unobs_or_zero_occ_residues.auth_asym_id 
_pdbx_unobs_or_zero_occ_residues.auth_comp_id 
_pdbx_unobs_or_zero_occ_residues.auth_seq_id 
_pdbx_unobs_or_zero_occ_residues.PDB_ins_code 
_pdbx_unobs_or_zero_occ_residues.label_asym_id 
_pdbx_unobs_or_zero_occ_residues.label_comp_id 
_pdbx_unobs_or_zero_occ_residues.label_seq_id 
1  1 Y 1 A ALA 383 ? A ALA 1  
2  1 Y 1 A LYS 384 ? A LYS 2  
3  1 Y 1 A GLY 385 ? A GLY 3  
4  1 Y 1 A ARG 386 ? A ARG 4  
5  1 Y 1 A ALA 387 ? A ALA 5  
6  1 Y 1 A GLY 388 ? A GLY 6  
7  1 Y 1 A ARG 389 ? A ARG 7  
8  1 Y 1 A SER 390 ? A SER 8  
9  1 Y 1 A LYS 391 ? A LYS 9  
10 1 Y 1 A ARG 392 ? A ARG 10 
11 1 Y 1 A THR 393 ? A THR 11 
12 1 Y 1 A GLU 394 ? A GLU 12 
13 1 Y 1 A GLN 395 ? A GLN 13 
14 1 Y 1 A ASP 396 ? A ASP 14 
15 1 Y 1 A HIS 397 ? A HIS 15 
16 1 Y 1 A TYR 398 ? A TYR 16 
17 1 Y 1 A GLU 399 ? A GLU 17 
18 1 Y 1 A THR 400 ? A THR 18 
19 1 Y 1 A ASP 401 ? A ASP 19 
20 1 Y 1 A TYR 402 ? A TYR 20 
21 1 Y 1 A THR 403 ? A THR 21 
22 1 Y 1 A THR 404 ? A THR 22 
23 1 Y 1 A GLY 405 ? A GLY 23 
24 1 Y 1 A GLY 406 ? A GLY 24 
25 1 Y 1 A GLU 407 ? A GLU 25 
26 1 Y 1 A SER 408 ? A SER 26 
27 1 Y 1 A CYS 409 ? A CYS 27 
28 1 Y 1 A ASP 410 ? A ASP 28 
29 1 Y 1 A GLU 411 ? A GLU 29 
30 1 Y 1 A LEU 412 ? A LEU 30 
31 1 Y 1 A GLU 413 ? A GLU 31 
32 1 Y 1 A GLU 414 ? A GLU 32 
33 1 Y 1 A ASP 415 ? A ASP 33 
# 
loop_
_chem_comp_atom.comp_id 
_chem_comp_atom.atom_id 
_chem_comp_atom.type_symbol 
_chem_comp_atom.pdbx_aromatic_flag 
_chem_comp_atom.pdbx_stereo_config 
_chem_comp_atom.pdbx_ordinal 
ALA N    N N N 1   
ALA CA   C N S 2   
ALA C    C N N 3   
ALA O    O N N 4   
ALA CB   C N N 5   
ALA OXT  O N N 6   
ALA H    H N N 7   
ALA H2   H N N 8   
ALA HA   H N N 9   
ALA HB1  H N N 10  
ALA HB2  H N N 11  
ALA HB3  H N N 12  
ALA HXT  H N N 13  
ARG N    N N N 14  
ARG CA   C N S 15  
ARG C    C N N 16  
ARG O    O N N 17  
ARG CB   C N N 18  
ARG CG   C N N 19  
ARG CD   C N N 20  
ARG NE   N N N 21  
ARG CZ   C N N 22  
ARG NH1  N N N 23  
ARG NH2  N N N 24  
ARG OXT  O N N 25  
ARG H    H N N 26  
ARG H2   H N N 27  
ARG HA   H N N 28  
ARG HB2  H N N 29  
ARG HB3  H N N 30  
ARG HG2  H N N 31  
ARG HG3  H N N 32  
ARG HD2  H N N 33  
ARG HD3  H N N 34  
ARG HE   H N N 35  
ARG HH11 H N N 36  
ARG HH12 H N N 37  
ARG HH21 H N N 38  
ARG HH22 H N N 39  
ARG HXT  H N N 40  
ASN N    N N N 41  
ASN CA   C N S 42  
ASN C    C N N 43  
ASN O    O N N 44  
ASN CB   C N N 45  
ASN CG   C N N 46  
ASN OD1  O N N 47  
ASN ND2  N N N 48  
ASN OXT  O N N 49  
ASN H    H N N 50  
ASN H2   H N N 51  
ASN HA   H N N 52  
ASN HB2  H N N 53  
ASN HB3  H N N 54  
ASN HD21 H N N 55  
ASN HD22 H N N 56  
ASN HXT  H N N 57  
ASP N    N N N 58  
ASP CA   C N S 59  
ASP C    C N N 60  
ASP O    O N N 61  
ASP CB   C N N 62  
ASP CG   C N N 63  
ASP OD1  O N N 64  
ASP OD2  O N N 65  
ASP OXT  O N N 66  
ASP H    H N N 67  
ASP H2   H N N 68  
ASP HA   H N N 69  
ASP HB2  H N N 70  
ASP HB3  H N N 71  
ASP HD2  H N N 72  
ASP HXT  H N N 73  
CYS N    N N N 74  
CYS CA   C N R 75  
CYS C    C N N 76  
CYS O    O N N 77  
CYS CB   C N N 78  
CYS SG   S N N 79  
CYS OXT  O N N 80  
CYS H    H N N 81  
CYS H2   H N N 82  
CYS HA   H N N 83  
CYS HB2  H N N 84  
CYS HB3  H N N 85  
CYS HG   H N N 86  
CYS HXT  H N N 87  
GLN N    N N N 88  
GLN CA   C N S 89  
GLN C    C N N 90  
GLN O    O N N 91  
GLN CB   C N N 92  
GLN CG   C N N 93  
GLN CD   C N N 94  
GLN OE1  O N N 95  
GLN NE2  N N N 96  
GLN OXT  O N N 97  
GLN H    H N N 98  
GLN H2   H N N 99  
GLN HA   H N N 100 
GLN HB2  H N N 101 
GLN HB3  H N N 102 
GLN HG2  H N N 103 
GLN HG3  H N N 104 
GLN HE21 H N N 105 
GLN HE22 H N N 106 
GLN HXT  H N N 107 
GLU N    N N N 108 
GLU CA   C N S 109 
GLU C    C N N 110 
GLU O    O N N 111 
GLU CB   C N N 112 
GLU CG   C N N 113 
GLU CD   C N N 114 
GLU OE1  O N N 115 
GLU OE2  O N N 116 
GLU OXT  O N N 117 
GLU H    H N N 118 
GLU H2   H N N 119 
GLU HA   H N N 120 
GLU HB2  H N N 121 
GLU HB3  H N N 122 
GLU HG2  H N N 123 
GLU HG3  H N N 124 
GLU HE2  H N N 125 
GLU HXT  H N N 126 
GLY N    N N N 127 
GLY CA   C N N 128 
GLY C    C N N 129 
GLY O    O N N 130 
GLY OXT  O N N 131 
GLY H    H N N 132 
GLY H2   H N N 133 
GLY HA2  H N N 134 
GLY HA3  H N N 135 
GLY HXT  H N N 136 
HIS N    N N N 137 
HIS CA   C N S 138 
HIS C    C N N 139 
HIS O    O N N 140 
HIS CB   C N N 141 
HIS CG   C Y N 142 
HIS ND1  N Y N 143 
HIS CD2  C Y N 144 
HIS CE1  C Y N 145 
HIS NE2  N Y N 146 
HIS OXT  O N N 147 
HIS H    H N N 148 
HIS H2   H N N 149 
HIS HA   H N N 150 
HIS HB2  H N N 151 
HIS HB3  H N N 152 
HIS HD1  H N N 153 
HIS HD2  H N N 154 
HIS HE1  H N N 155 
HIS HE2  H N N 156 
HIS HXT  H N N 157 
HOH O    O N N 158 
HOH H1   H N N 159 
HOH H2   H N N 160 
ILE N    N N N 161 
ILE CA   C N S 162 
ILE C    C N N 163 
ILE O    O N N 164 
ILE CB   C N S 165 
ILE CG1  C N N 166 
ILE CG2  C N N 167 
ILE CD1  C N N 168 
ILE OXT  O N N 169 
ILE H    H N N 170 
ILE H2   H N N 171 
ILE HA   H N N 172 
ILE HB   H N N 173 
ILE HG12 H N N 174 
ILE HG13 H N N 175 
ILE HG21 H N N 176 
ILE HG22 H N N 177 
ILE HG23 H N N 178 
ILE HD11 H N N 179 
ILE HD12 H N N 180 
ILE HD13 H N N 181 
ILE HXT  H N N 182 
LEU N    N N N 183 
LEU CA   C N S 184 
LEU C    C N N 185 
LEU O    O N N 186 
LEU CB   C N N 187 
LEU CG   C N N 188 
LEU CD1  C N N 189 
LEU CD2  C N N 190 
LEU OXT  O N N 191 
LEU H    H N N 192 
LEU H2   H N N 193 
LEU HA   H N N 194 
LEU HB2  H N N 195 
LEU HB3  H N N 196 
LEU HG   H N N 197 
LEU HD11 H N N 198 
LEU HD12 H N N 199 
LEU HD13 H N N 200 
LEU HD21 H N N 201 
LEU HD22 H N N 202 
LEU HD23 H N N 203 
LEU HXT  H N N 204 
LYS N    N N N 205 
LYS CA   C N S 206 
LYS C    C N N 207 
LYS O    O N N 208 
LYS CB   C N N 209 
LYS CG   C N N 210 
LYS CD   C N N 211 
LYS CE   C N N 212 
LYS NZ   N N N 213 
LYS OXT  O N N 214 
LYS H    H N N 215 
LYS H2   H N N 216 
LYS HA   H N N 217 
LYS HB2  H N N 218 
LYS HB3  H N N 219 
LYS HG2  H N N 220 
LYS HG3  H N N 221 
LYS HD2  H N N 222 
LYS HD3  H N N 223 
LYS HE2  H N N 224 
LYS HE3  H N N 225 
LYS HZ1  H N N 226 
LYS HZ2  H N N 227 
LYS HZ3  H N N 228 
LYS HXT  H N N 229 
MET N    N N N 230 
MET CA   C N S 231 
MET C    C N N 232 
MET O    O N N 233 
MET CB   C N N 234 
MET CG   C N N 235 
MET SD   S N N 236 
MET CE   C N N 237 
MET OXT  O N N 238 
MET H    H N N 239 
MET H2   H N N 240 
MET HA   H N N 241 
MET HB2  H N N 242 
MET HB3  H N N 243 
MET HG2  H N N 244 
MET HG3  H N N 245 
MET HE1  H N N 246 
MET HE2  H N N 247 
MET HE3  H N N 248 
MET HXT  H N N 249 
PHE N    N N N 250 
PHE CA   C N S 251 
PHE C    C N N 252 
PHE O    O N N 253 
PHE CB   C N N 254 
PHE CG   C Y N 255 
PHE CD1  C Y N 256 
PHE CD2  C Y N 257 
PHE CE1  C Y N 258 
PHE CE2  C Y N 259 
PHE CZ   C Y N 260 
PHE OXT  O N N 261 
PHE H    H N N 262 
PHE H2   H N N 263 
PHE HA   H N N 264 
PHE HB2  H N N 265 
PHE HB3  H N N 266 
PHE HD1  H N N 267 
PHE HD2  H N N 268 
PHE HE1  H N N 269 
PHE HE2  H N N 270 
PHE HZ   H N N 271 
PHE HXT  H N N 272 
PRO N    N N N 273 
PRO CA   C N S 274 
PRO C    C N N 275 
PRO O    O N N 276 
PRO CB   C N N 277 
PRO CG   C N N 278 
PRO CD   C N N 279 
PRO OXT  O N N 280 
PRO H    H N N 281 
PRO HA   H N N 282 
PRO HB2  H N N 283 
PRO HB3  H N N 284 
PRO HG2  H N N 285 
PRO HG3  H N N 286 
PRO HD2  H N N 287 
PRO HD3  H N N 288 
PRO HXT  H N N 289 
SER N    N N N 290 
SER CA   C N S 291 
SER C    C N N 292 
SER O    O N N 293 
SER CB   C N N 294 
SER OG   O N N 295 
SER OXT  O N N 296 
SER H    H N N 297 
SER H2   H N N 298 
SER HA   H N N 299 
SER HB2  H N N 300 
SER HB3  H N N 301 
SER HG   H N N 302 
SER HXT  H N N 303 
THR N    N N N 304 
THR CA   C N S 305 
THR C    C N N 306 
THR O    O N N 307 
THR CB   C N R 308 
THR OG1  O N N 309 
THR CG2  C N N 310 
THR OXT  O N N 311 
THR H    H N N 312 
THR H2   H N N 313 
THR HA   H N N 314 
THR HB   H N N 315 
THR HG1  H N N 316 
THR HG21 H N N 317 
THR HG22 H N N 318 
THR HG23 H N N 319 
THR HXT  H N N 320 
TRP N    N N N 321 
TRP CA   C N S 322 
TRP C    C N N 323 
TRP O    O N N 324 
TRP CB   C N N 325 
TRP CG   C Y N 326 
TRP CD1  C Y N 327 
TRP CD2  C Y N 328 
TRP NE1  N Y N 329 
TRP CE2  C Y N 330 
TRP CE3  C Y N 331 
TRP CZ2  C Y N 332 
TRP CZ3  C Y N 333 
TRP CH2  C Y N 334 
TRP OXT  O N N 335 
TRP H    H N N 336 
TRP H2   H N N 337 
TRP HA   H N N 338 
TRP HB2  H N N 339 
TRP HB3  H N N 340 
TRP HD1  H N N 341 
TRP HE1  H N N 342 
TRP HE3  H N N 343 
TRP HZ2  H N N 344 
TRP HZ3  H N N 345 
TRP HH2  H N N 346 
TRP HXT  H N N 347 
TYR N    N N N 348 
TYR CA   C N S 349 
TYR C    C N N 350 
TYR O    O N N 351 
TYR CB   C N N 352 
TYR CG   C Y N 353 
TYR CD1  C Y N 354 
TYR CD2  C Y N 355 
TYR CE1  C Y N 356 
TYR CE2  C Y N 357 
TYR CZ   C Y N 358 
TYR OH   O N N 359 
TYR OXT  O N N 360 
TYR H    H N N 361 
TYR H2   H N N 362 
TYR HA   H N N 363 
TYR HB2  H N N 364 
TYR HB3  H N N 365 
TYR HD1  H N N 366 
TYR HD2  H N N 367 
TYR HE1  H N N 368 
TYR HE2  H N N 369 
TYR HH   H N N 370 
TYR HXT  H N N 371 
VAL N    N N N 372 
VAL CA   C N S 373 
VAL C    C N N 374 
VAL O    O N N 375 
VAL CB   C N N 376 
VAL CG1  C N N 377 
VAL CG2  C N N 378 
VAL OXT  O N N 379 
VAL H    H N N 380 
VAL H2   H N N 381 
VAL HA   H N N 382 
VAL HB   H N N 383 
VAL HG11 H N N 384 
VAL HG12 H N N 385 
VAL HG13 H N N 386 
VAL HG21 H N N 387 
VAL HG22 H N N 388 
VAL HG23 H N N 389 
VAL HXT  H N N 390 
# 
loop_
_chem_comp_bond.comp_id 
_chem_comp_bond.atom_id_1 
_chem_comp_bond.atom_id_2 
_chem_comp_bond.value_order 
_chem_comp_bond.pdbx_aromatic_flag 
_chem_comp_bond.pdbx_stereo_config 
_chem_comp_bond.pdbx_ordinal 
ALA N   CA   sing N N 1   
ALA N   H    sing N N 2   
ALA N   H2   sing N N 3   
ALA CA  C    sing N N 4   
ALA CA  CB   sing N N 5   
ALA CA  HA   sing N N 6   
ALA C   O    doub N N 7   
ALA C   OXT  sing N N 8   
ALA CB  HB1  sing N N 9   
ALA CB  HB2  sing N N 10  
ALA CB  HB3  sing N N 11  
ALA OXT HXT  sing N N 12  
ARG N   CA   sing N N 13  
ARG N   H    sing N N 14  
ARG N   H2   sing N N 15  
ARG CA  C    sing N N 16  
ARG CA  CB   sing N N 17  
ARG CA  HA   sing N N 18  
ARG C   O    doub N N 19  
ARG C   OXT  sing N N 20  
ARG CB  CG   sing N N 21  
ARG CB  HB2  sing N N 22  
ARG CB  HB3  sing N N 23  
ARG CG  CD   sing N N 24  
ARG CG  HG2  sing N N 25  
ARG CG  HG3  sing N N 26  
ARG CD  NE   sing N N 27  
ARG CD  HD2  sing N N 28  
ARG CD  HD3  sing N N 29  
ARG NE  CZ   sing N N 30  
ARG NE  HE   sing N N 31  
ARG CZ  NH1  sing N N 32  
ARG CZ  NH2  doub N N 33  
ARG NH1 HH11 sing N N 34  
ARG NH1 HH12 sing N N 35  
ARG NH2 HH21 sing N N 36  
ARG NH2 HH22 sing N N 37  
ARG OXT HXT  sing N N 38  
ASN N   CA   sing N N 39  
ASN N   H    sing N N 40  
ASN N   H2   sing N N 41  
ASN CA  C    sing N N 42  
ASN CA  CB   sing N N 43  
ASN CA  HA   sing N N 44  
ASN C   O    doub N N 45  
ASN C   OXT  sing N N 46  
ASN CB  CG   sing N N 47  
ASN CB  HB2  sing N N 48  
ASN CB  HB3  sing N N 49  
ASN CG  OD1  doub N N 50  
ASN CG  ND2  sing N N 51  
ASN ND2 HD21 sing N N 52  
ASN ND2 HD22 sing N N 53  
ASN OXT HXT  sing N N 54  
ASP N   CA   sing N N 55  
ASP N   H    sing N N 56  
ASP N   H2   sing N N 57  
ASP CA  C    sing N N 58  
ASP CA  CB   sing N N 59  
ASP CA  HA   sing N N 60  
ASP C   O    doub N N 61  
ASP C   OXT  sing N N 62  
ASP CB  CG   sing N N 63  
ASP CB  HB2  sing N N 64  
ASP CB  HB3  sing N N 65  
ASP CG  OD1  doub N N 66  
ASP CG  OD2  sing N N 67  
ASP OD2 HD2  sing N N 68  
ASP OXT HXT  sing N N 69  
CYS N   CA   sing N N 70  
CYS N   H    sing N N 71  
CYS N   H2   sing N N 72  
CYS CA  C    sing N N 73  
CYS CA  CB   sing N N 74  
CYS CA  HA   sing N N 75  
CYS C   O    doub N N 76  
CYS C   OXT  sing N N 77  
CYS CB  SG   sing N N 78  
CYS CB  HB2  sing N N 79  
CYS CB  HB3  sing N N 80  
CYS SG  HG   sing N N 81  
CYS OXT HXT  sing N N 82  
GLN N   CA   sing N N 83  
GLN N   H    sing N N 84  
GLN N   H2   sing N N 85  
GLN CA  C    sing N N 86  
GLN CA  CB   sing N N 87  
GLN CA  HA   sing N N 88  
GLN C   O    doub N N 89  
GLN C   OXT  sing N N 90  
GLN CB  CG   sing N N 91  
GLN CB  HB2  sing N N 92  
GLN CB  HB3  sing N N 93  
GLN CG  CD   sing N N 94  
GLN CG  HG2  sing N N 95  
GLN CG  HG3  sing N N 96  
GLN CD  OE1  doub N N 97  
GLN CD  NE2  sing N N 98  
GLN NE2 HE21 sing N N 99  
GLN NE2 HE22 sing N N 100 
GLN OXT HXT  sing N N 101 
GLU N   CA   sing N N 102 
GLU N   H    sing N N 103 
GLU N   H2   sing N N 104 
GLU CA  C    sing N N 105 
GLU CA  CB   sing N N 106 
GLU CA  HA   sing N N 107 
GLU C   O    doub N N 108 
GLU C   OXT  sing N N 109 
GLU CB  CG   sing N N 110 
GLU CB  HB2  sing N N 111 
GLU CB  HB3  sing N N 112 
GLU CG  CD   sing N N 113 
GLU CG  HG2  sing N N 114 
GLU CG  HG3  sing N N 115 
GLU CD  OE1  doub N N 116 
GLU CD  OE2  sing N N 117 
GLU OE2 HE2  sing N N 118 
GLU OXT HXT  sing N N 119 
GLY N   CA   sing N N 120 
GLY N   H    sing N N 121 
GLY N   H2   sing N N 122 
GLY CA  C    sing N N 123 
GLY CA  HA2  sing N N 124 
GLY CA  HA3  sing N N 125 
GLY C   O    doub N N 126 
GLY C   OXT  sing N N 127 
GLY OXT HXT  sing N N 128 
HIS N   CA   sing N N 129 
HIS N   H    sing N N 130 
HIS N   H2   sing N N 131 
HIS CA  C    sing N N 132 
HIS CA  CB   sing N N 133 
HIS CA  HA   sing N N 134 
HIS C   O    doub N N 135 
HIS C   OXT  sing N N 136 
HIS CB  CG   sing N N 137 
HIS CB  HB2  sing N N 138 
HIS CB  HB3  sing N N 139 
HIS CG  ND1  sing Y N 140 
HIS CG  CD2  doub Y N 141 
HIS ND1 CE1  doub Y N 142 
HIS ND1 HD1  sing N N 143 
HIS CD2 NE2  sing Y N 144 
HIS CD2 HD2  sing N N 145 
HIS CE1 NE2  sing Y N 146 
HIS CE1 HE1  sing N N 147 
HIS NE2 HE2  sing N N 148 
HIS OXT HXT  sing N N 149 
HOH O   H1   sing N N 150 
HOH O   H2   sing N N 151 
ILE N   CA   sing N N 152 
ILE N   H    sing N N 153 
ILE N   H2   sing N N 154 
ILE CA  C    sing N N 155 
ILE CA  CB   sing N N 156 
ILE CA  HA   sing N N 157 
ILE C   O    doub N N 158 
ILE C   OXT  sing N N 159 
ILE CB  CG1  sing N N 160 
ILE CB  CG2  sing N N 161 
ILE CB  HB   sing N N 162 
ILE CG1 CD1  sing N N 163 
ILE CG1 HG12 sing N N 164 
ILE CG1 HG13 sing N N 165 
ILE CG2 HG21 sing N N 166 
ILE CG2 HG22 sing N N 167 
ILE CG2 HG23 sing N N 168 
ILE CD1 HD11 sing N N 169 
ILE CD1 HD12 sing N N 170 
ILE CD1 HD13 sing N N 171 
ILE OXT HXT  sing N N 172 
LEU N   CA   sing N N 173 
LEU N   H    sing N N 174 
LEU N   H2   sing N N 175 
LEU CA  C    sing N N 176 
LEU CA  CB   sing N N 177 
LEU CA  HA   sing N N 178 
LEU C   O    doub N N 179 
LEU C   OXT  sing N N 180 
LEU CB  CG   sing N N 181 
LEU CB  HB2  sing N N 182 
LEU CB  HB3  sing N N 183 
LEU CG  CD1  sing N N 184 
LEU CG  CD2  sing N N 185 
LEU CG  HG   sing N N 186 
LEU CD1 HD11 sing N N 187 
LEU CD1 HD12 sing N N 188 
LEU CD1 HD13 sing N N 189 
LEU CD2 HD21 sing N N 190 
LEU CD2 HD22 sing N N 191 
LEU CD2 HD23 sing N N 192 
LEU OXT HXT  sing N N 193 
LYS N   CA   sing N N 194 
LYS N   H    sing N N 195 
LYS N   H2   sing N N 196 
LYS CA  C    sing N N 197 
LYS CA  CB   sing N N 198 
LYS CA  HA   sing N N 199 
LYS C   O    doub N N 200 
LYS C   OXT  sing N N 201 
LYS CB  CG   sing N N 202 
LYS CB  HB2  sing N N 203 
LYS CB  HB3  sing N N 204 
LYS CG  CD   sing N N 205 
LYS CG  HG2  sing N N 206 
LYS CG  HG3  sing N N 207 
LYS CD  CE   sing N N 208 
LYS CD  HD2  sing N N 209 
LYS CD  HD3  sing N N 210 
LYS CE  NZ   sing N N 211 
LYS CE  HE2  sing N N 212 
LYS CE  HE3  sing N N 213 
LYS NZ  HZ1  sing N N 214 
LYS NZ  HZ2  sing N N 215 
LYS NZ  HZ3  sing N N 216 
LYS OXT HXT  sing N N 217 
MET N   CA   sing N N 218 
MET N   H    sing N N 219 
MET N   H2   sing N N 220 
MET CA  C    sing N N 221 
MET CA  CB   sing N N 222 
MET CA  HA   sing N N 223 
MET C   O    doub N N 224 
MET C   OXT  sing N N 225 
MET CB  CG   sing N N 226 
MET CB  HB2  sing N N 227 
MET CB  HB3  sing N N 228 
MET CG  SD   sing N N 229 
MET CG  HG2  sing N N 230 
MET CG  HG3  sing N N 231 
MET SD  CE   sing N N 232 
MET CE  HE1  sing N N 233 
MET CE  HE2  sing N N 234 
MET CE  HE3  sing N N 235 
MET OXT HXT  sing N N 236 
PHE N   CA   sing N N 237 
PHE N   H    sing N N 238 
PHE N   H2   sing N N 239 
PHE CA  C    sing N N 240 
PHE CA  CB   sing N N 241 
PHE CA  HA   sing N N 242 
PHE C   O    doub N N 243 
PHE C   OXT  sing N N 244 
PHE CB  CG   sing N N 245 
PHE CB  HB2  sing N N 246 
PHE CB  HB3  sing N N 247 
PHE CG  CD1  doub Y N 248 
PHE CG  CD2  sing Y N 249 
PHE CD1 CE1  sing Y N 250 
PHE CD1 HD1  sing N N 251 
PHE CD2 CE2  doub Y N 252 
PHE CD2 HD2  sing N N 253 
PHE CE1 CZ   doub Y N 254 
PHE CE1 HE1  sing N N 255 
PHE CE2 CZ   sing Y N 256 
PHE CE2 HE2  sing N N 257 
PHE CZ  HZ   sing N N 258 
PHE OXT HXT  sing N N 259 
PRO N   CA   sing N N 260 
PRO N   CD   sing N N 261 
PRO N   H    sing N N 262 
PRO CA  C    sing N N 263 
PRO CA  CB   sing N N 264 
PRO CA  HA   sing N N 265 
PRO C   O    doub N N 266 
PRO C   OXT  sing N N 267 
PRO CB  CG   sing N N 268 
PRO CB  HB2  sing N N 269 
PRO CB  HB3  sing N N 270 
PRO CG  CD   sing N N 271 
PRO CG  HG2  sing N N 272 
PRO CG  HG3  sing N N 273 
PRO CD  HD2  sing N N 274 
PRO CD  HD3  sing N N 275 
PRO OXT HXT  sing N N 276 
SER N   CA   sing N N 277 
SER N   H    sing N N 278 
SER N   H2   sing N N 279 
SER CA  C    sing N N 280 
SER CA  CB   sing N N 281 
SER CA  HA   sing N N 282 
SER C   O    doub N N 283 
SER C   OXT  sing N N 284 
SER CB  OG   sing N N 285 
SER CB  HB2  sing N N 286 
SER CB  HB3  sing N N 287 
SER OG  HG   sing N N 288 
SER OXT HXT  sing N N 289 
THR N   CA   sing N N 290 
THR N   H    sing N N 291 
THR N   H2   sing N N 292 
THR CA  C    sing N N 293 
THR CA  CB   sing N N 294 
THR CA  HA   sing N N 295 
THR C   O    doub N N 296 
THR C   OXT  sing N N 297 
THR CB  OG1  sing N N 298 
THR CB  CG2  sing N N 299 
THR CB  HB   sing N N 300 
THR OG1 HG1  sing N N 301 
THR CG2 HG21 sing N N 302 
THR CG2 HG22 sing N N 303 
THR CG2 HG23 sing N N 304 
THR OXT HXT  sing N N 305 
TRP N   CA   sing N N 306 
TRP N   H    sing N N 307 
TRP N   H2   sing N N 308 
TRP CA  C    sing N N 309 
TRP CA  CB   sing N N 310 
TRP CA  HA   sing N N 311 
TRP C   O    doub N N 312 
TRP C   OXT  sing N N 313 
TRP CB  CG   sing N N 314 
TRP CB  HB2  sing N N 315 
TRP CB  HB3  sing N N 316 
TRP CG  CD1  doub Y N 317 
TRP CG  CD2  sing Y N 318 
TRP CD1 NE1  sing Y N 319 
TRP CD1 HD1  sing N N 320 
TRP CD2 CE2  doub Y N 321 
TRP CD2 CE3  sing Y N 322 
TRP NE1 CE2  sing Y N 323 
TRP NE1 HE1  sing N N 324 
TRP CE2 CZ2  sing Y N 325 
TRP CE3 CZ3  doub Y N 326 
TRP CE3 HE3  sing N N 327 
TRP CZ2 CH2  doub Y N 328 
TRP CZ2 HZ2  sing N N 329 
TRP CZ3 CH2  sing Y N 330 
TRP CZ3 HZ3  sing N N 331 
TRP CH2 HH2  sing N N 332 
TRP OXT HXT  sing N N 333 
TYR N   CA   sing N N 334 
TYR N   H    sing N N 335 
TYR N   H2   sing N N 336 
TYR CA  C    sing N N 337 
TYR CA  CB   sing N N 338 
TYR CA  HA   sing N N 339 
TYR C   O    doub N N 340 
TYR C   OXT  sing N N 341 
TYR CB  CG   sing N N 342 
TYR CB  HB2  sing N N 343 
TYR CB  HB3  sing N N 344 
TYR CG  CD1  doub Y N 345 
TYR CG  CD2  sing Y N 346 
TYR CD1 CE1  sing Y N 347 
TYR CD1 HD1  sing N N 348 
TYR CD2 CE2  doub Y N 349 
TYR CD2 HD2  sing N N 350 
TYR CE1 CZ   doub Y N 351 
TYR CE1 HE1  sing N N 352 
TYR CE2 CZ   sing Y N 353 
TYR CE2 HE2  sing N N 354 
TYR CZ  OH   sing N N 355 
TYR OH  HH   sing N N 356 
TYR OXT HXT  sing N N 357 
VAL N   CA   sing N N 358 
VAL N   H    sing N N 359 
VAL N   H2   sing N N 360 
VAL CA  C    sing N N 361 
VAL CA  CB   sing N N 362 
VAL CA  HA   sing N N 363 
VAL C   O    doub N N 364 
VAL C   OXT  sing N N 365 
VAL CB  CG1  sing N N 366 
VAL CB  CG2  sing N N 367 
VAL CB  HB   sing N N 368 
VAL CG1 HG11 sing N N 369 
VAL CG1 HG12 sing N N 370 
VAL CG1 HG13 sing N N 371 
VAL CG2 HG21 sing N N 372 
VAL CG2 HG22 sing N N 373 
VAL CG2 HG23 sing N N 374 
VAL OXT HXT  sing N N 375 
# 
_atom_sites.entry_id                    1XAW 
_atom_sites.fract_transf_matrix[1][1]   -0.01280778 
_atom_sites.fract_transf_matrix[1][2]   -0.00517956 
_atom_sites.fract_transf_matrix[1][3]   -0.01620524 
_atom_sites.fract_transf_matrix[2][1]   -0.00360688 
_atom_sites.fract_transf_matrix[2][2]   -0.00672893 
_atom_sites.fract_transf_matrix[2][3]   0.00500141 
_atom_sites.fract_transf_matrix[3][1]   -0.01442603 
_atom_sites.fract_transf_matrix[3][2]   0.01309601 
_atom_sites.fract_transf_matrix[3][3]   0.00721581 
_atom_sites.fract_transf_vector[1]      0.224082 
_atom_sites.fract_transf_vector[2]      0.003873 
_atom_sites.fract_transf_vector[3]      0.336510 
# 
loop_
_atom_type.symbol 
C 
N 
O 
S 
# 
loop_
_atom_site.group_PDB 
_atom_site.id 
_atom_site.type_symbol 
_atom_site.label_atom_id 
_atom_site.label_alt_id 
_atom_site.label_comp_id 
_atom_site.label_asym_id 
_atom_site.label_entity_id 
_atom_site.label_seq_id 
_atom_site.pdbx_PDB_ins_code 
_atom_site.Cartn_x 
_atom_site.Cartn_y 
_atom_site.Cartn_z 
_atom_site.occupancy 
_atom_site.B_iso_or_equiv 
_atom_site.pdbx_formal_charge 
_atom_site.auth_seq_id 
_atom_site.auth_comp_id 
_atom_site.auth_asym_id 
_atom_site.auth_atom_id 
_atom_site.pdbx_PDB_model_num 
ATOM   1   N N   . TRP A 1 34  ? 8.308   -0.611  -16.934 1.00 41.07 ? 416 TRP A N   1 
ATOM   2   C CA  . TRP A 1 34  ? 7.595   0.646   -17.288 1.00 40.34 ? 416 TRP A CA  1 
ATOM   3   C C   . TRP A 1 34  ? 8.546   1.635   -17.925 1.00 39.93 ? 416 TRP A C   1 
ATOM   4   O O   . TRP A 1 34  ? 8.308   2.841   -17.889 1.00 39.82 ? 416 TRP A O   1 
ATOM   5   C CB  . TRP A 1 34  ? 6.977   1.289   -16.053 1.00 40.35 ? 416 TRP A CB  1 
ATOM   6   C CG  . TRP A 1 34  ? 7.139   0.485   -14.819 1.00 40.33 ? 416 TRP A CG  1 
ATOM   7   C CD1 . TRP A 1 34  ? 8.297   0.254   -14.134 1.00 40.44 ? 416 TRP A CD1 1 
ATOM   8   C CD2 . TRP A 1 34  ? 6.105   -0.185  -14.103 1.00 40.40 ? 416 TRP A CD2 1 
ATOM   9   N NE1 . TRP A 1 34  ? 8.044   -0.517  -13.027 1.00 41.04 ? 416 TRP A NE1 1 
ATOM   10  C CE2 . TRP A 1 34  ? 6.705   -0.804  -12.985 1.00 40.24 ? 416 TRP A CE2 1 
ATOM   11  C CE3 . TRP A 1 34  ? 4.725   -0.326  -14.296 1.00 40.60 ? 416 TRP A CE3 1 
ATOM   12  C CZ2 . TRP A 1 34  ? 5.972   -1.549  -12.060 1.00 41.11 ? 416 TRP A CZ2 1 
ATOM   13  C CZ3 . TRP A 1 34  ? 3.994   -1.068  -13.375 1.00 40.85 ? 416 TRP A CZ3 1 
ATOM   14  C CH2 . TRP A 1 34  ? 4.621   -1.671  -12.270 1.00 40.52 ? 416 TRP A CH2 1 
ATOM   15  N N   . ILE A 1 35  ? 9.635   1.125   -18.494 1.00 39.16 ? 417 ILE A N   1 
ATOM   16  C CA  . ILE A 1 35  ? 10.587  1.996   -19.159 1.00 39.28 ? 417 ILE A CA  1 
ATOM   17  C C   . ILE A 1 35  ? 9.887   2.435   -20.434 1.00 38.02 ? 417 ILE A C   1 
ATOM   18  O O   . ILE A 1 35  ? 10.232  3.448   -21.028 1.00 39.43 ? 417 ILE A O   1 
ATOM   19  C CB  . ILE A 1 35  ? 11.886  1.266   -19.537 1.00 40.34 ? 417 ILE A CB  1 
ATOM   20  C CG1 . ILE A 1 35  ? 12.367  0.411   -18.362 1.00 41.60 ? 417 ILE A CG1 1 
ATOM   21  C CG2 . ILE A 1 35  ? 12.955  2.288   -19.927 1.00 40.55 ? 417 ILE A CG2 1 
ATOM   22  C CD1 . ILE A 1 35  ? 13.739  -0.230  -18.558 1.00 42.52 ? 417 ILE A CD1 1 
ATOM   23  N N   . ARG A 1 36  ? 8.885   1.664   -20.845 1.00 37.26 ? 418 ARG A N   1 
ATOM   24  C CA  . ARG A 1 36  ? 8.165   1.981   -22.062 1.00 34.31 ? 418 ARG A CA  1 
ATOM   25  C C   . ARG A 1 36  ? 7.134   3.102   -21.934 1.00 34.15 ? 418 ARG A C   1 
ATOM   26  O O   . ARG A 1 36  ? 7.007   3.930   -22.825 1.00 33.62 ? 418 ARG A O   1 
ATOM   27  C CB  . ARG A 1 36  ? 7.527   0.700   -22.627 1.00 33.10 ? 418 ARG A CB  1 
ATOM   28  C CG  . ARG A 1 36  ? 6.938   0.859   -23.995 1.00 30.74 ? 418 ARG A CG  1 
ATOM   29  C CD  . ARG A 1 36  ? 6.728   -0.508  -24.641 1.00 28.77 ? 418 ARG A CD  1 
ATOM   30  N NE  . ARG A 1 36  ? 5.785   -0.374  -25.732 1.00 26.10 ? 418 ARG A NE  1 
ATOM   31  C CZ  . ARG A 1 36  ? 5.323   -1.395  -26.436 1.00 24.92 ? 418 ARG A CZ  1 
ATOM   32  N NH1 . ARG A 1 36  ? 5.728   -2.622  -26.161 1.00 24.99 ? 418 ARG A NH1 1 
ATOM   33  N NH2 . ARG A 1 36  ? 4.417   -1.164  -27.389 1.00 23.92 ? 418 ARG A NH2 1 
ATOM   34  N N   . GLU A 1 37  ? 6.408   3.153   -20.822 1.00 33.99 ? 419 GLU A N   1 
ATOM   35  C CA  . GLU A 1 37  ? 5.394   4.194   -20.649 1.00 33.82 ? 419 GLU A CA  1 
ATOM   36  C C   . GLU A 1 37  ? 6.045   5.499   -20.165 1.00 31.23 ? 419 GLU A C   1 
ATOM   37  O O   . GLU A 1 37  ? 5.574   6.609   -20.449 1.00 30.66 ? 419 GLU A O   1 
ATOM   38  C CB  . GLU A 1 37  ? 4.380   3.758   -19.597 1.00 36.45 ? 419 GLU A CB  1 
ATOM   39  C CG  . GLU A 1 37  ? 3.054   4.462   -19.707 1.00 41.12 ? 419 GLU A CG  1 
ATOM   40  C CD  . GLU A 1 37  ? 1.984   3.536   -20.239 1.00 42.79 ? 419 GLU A CD  1 
ATOM   41  O OE1 . GLU A 1 37  ? 2.124   3.086   -21.395 1.00 43.74 ? 419 GLU A OE1 1 
ATOM   42  O OE2 . GLU A 1 37  ? 1.015   3.252   -19.498 1.00 44.41 ? 419 GLU A OE2 1 
ATOM   43  N N   . TYR A 1 38  ? 7.122   5.325   -19.421 1.00 30.63 ? 420 TYR A N   1 
ATOM   44  C CA  . TYR A 1 38  ? 7.862   6.447   -18.849 1.00 27.73 ? 420 TYR A CA  1 
ATOM   45  C C   . TYR A 1 38  ? 9.326   6.312   -19.246 1.00 25.49 ? 420 TYR A C   1 
ATOM   46  O O   . TYR A 1 38  ? 10.181  5.937   -18.469 1.00 26.13 ? 420 TYR A O   1 
ATOM   47  C CB  . TYR A 1 38  ? 7.664   6.442   -17.332 1.00 28.96 ? 420 TYR A CB  1 
ATOM   48  C CG  . TYR A 1 38  ? 6.252   6.855   -16.929 1.00 28.51 ? 420 TYR A CG  1 
ATOM   49  C CD1 . TYR A 1 38  ? 5.184   5.947   -16.966 1.00 29.45 ? 420 TYR A CD1 1 
ATOM   50  C CD2 . TYR A 1 38  ? 5.973   8.162   -16.534 1.00 29.70 ? 420 TYR A CD2 1 
ATOM   51  C CE1 . TYR A 1 38  ? 3.868   6.344   -16.612 1.00 29.79 ? 420 TYR A CE1 1 
ATOM   52  C CE2 . TYR A 1 38  ? 4.672   8.559   -16.175 1.00 28.36 ? 420 TYR A CE2 1 
ATOM   53  C CZ  . TYR A 1 38  ? 3.623   7.645   -16.213 1.00 30.83 ? 420 TYR A CZ  1 
ATOM   54  O OH  . TYR A 1 38  ? 2.347   8.018   -15.815 1.00 29.72 ? 420 TYR A OH  1 
ATOM   55  N N   . PRO A 1 39  ? 9.604   6.597   -20.516 1.00 26.62 ? 421 PRO A N   1 
ATOM   56  C CA  . PRO A 1 39  ? 10.963  6.505   -21.033 1.00 25.18 ? 421 PRO A CA  1 
ATOM   57  C C   . PRO A 1 39  ? 11.815  7.643   -20.538 1.00 23.95 ? 421 PRO A C   1 
ATOM   58  O O   . PRO A 1 39  ? 11.326  8.547   -19.864 1.00 23.76 ? 421 PRO A O   1 
ATOM   59  C CB  . PRO A 1 39  ? 10.738  6.596   -22.539 1.00 26.96 ? 421 PRO A CB  1 
ATOM   60  C CG  . PRO A 1 39  ? 9.645   7.583   -22.640 1.00 26.78 ? 421 PRO A CG  1 
ATOM   61  C CD  . PRO A 1 39  ? 8.679   7.079   -21.559 1.00 26.08 ? 421 PRO A CD  1 
ATOM   62  N N   . PRO A 1 40  ? 13.105  7.606   -20.854 1.00 22.54 ? 422 PRO A N   1 
ATOM   63  C CA  . PRO A 1 40  ? 14.046  8.646   -20.465 1.00 21.08 ? 422 PRO A CA  1 
ATOM   64  C C   . PRO A 1 40  ? 13.471  9.983   -20.905 1.00 20.34 ? 422 PRO A C   1 
ATOM   65  O O   . PRO A 1 40  ? 12.949  10.122  -22.031 1.00 20.97 ? 422 PRO A O   1 
ATOM   66  C CB  . PRO A 1 40  ? 15.316  8.251   -21.225 1.00 21.94 ? 422 PRO A CB  1 
ATOM   67  C CG  . PRO A 1 40  ? 15.217  6.726   -21.187 1.00 22.17 ? 422 PRO A CG  1 
ATOM   68  C CD  . PRO A 1 40  ? 13.791  6.509   -21.584 1.00 23.23 ? 422 PRO A CD  1 
ATOM   69  N N   . ILE A 1 41  ? 13.564  10.995  -20.040 1.00 17.63 ? 423 ILE A N   1 
ATOM   70  C CA  . ILE A 1 41  ? 12.994  12.295  -20.314 1.00 17.67 ? 423 ILE A CA  1 
ATOM   71  C C   . ILE A 1 41  ? 13.824  13.145  -21.249 1.00 18.34 ? 423 ILE A C   1 
ATOM   72  O O   . ILE A 1 41  ? 15.053  13.132  -21.167 1.00 18.76 ? 423 ILE A O   1 
ATOM   73  C CB  . ILE A 1 41  ? 12.777  13.053  -18.979 1.00 16.77 ? 423 ILE A CB  1 
ATOM   74  C CG1 . ILE A 1 41  ? 11.807  12.233  -18.108 1.00 17.68 ? 423 ILE A CG1 1 
ATOM   75  C CG2 . ILE A 1 41  ? 12.270  14.458  -19.204 1.00 17.58 ? 423 ILE A CG2 1 
ATOM   76  C CD1 . ILE A 1 41  ? 11.879  12.675  -16.649 1.00 18.27 ? 423 ILE A CD1 1 
ATOM   77  N N   . THR A 1 42  ? 13.142  13.862  -22.148 1.00 18.47 ? 424 THR A N   1 
ATOM   78  C CA  . THR A 1 42  ? 13.811  14.753  -23.091 1.00 19.12 ? 424 THR A CA  1 
ATOM   79  C C   . THR A 1 42  ? 13.245  16.162  -23.142 1.00 17.44 ? 424 THR A C   1 
ATOM   80  O O   . THR A 1 42  ? 13.607  16.946  -23.993 1.00 18.75 ? 424 THR A O   1 
ATOM   81  C CB  . THR A 1 42  ? 13.854  14.177  -24.522 1.00 19.90 ? 424 THR A CB  1 
ATOM   82  O OG1 . THR A 1 42  ? 12.527  13.810  -24.916 1.00 22.17 ? 424 THR A OG1 1 
ATOM   83  C CG2 . THR A 1 42  ? 14.807  12.985  -24.578 1.00 21.47 ? 424 THR A CG2 1 
ATOM   84  N N   . SER A 1 43  ? 12.381  16.510  -22.184 1.00 16.94 ? 425 SER A N   1 
ATOM   85  C CA  . SER A 1 43  ? 11.885  17.866  -22.135 1.00 15.82 ? 425 SER A CA  1 
ATOM   86  C C   . SER A 1 43  ? 11.348  18.198  -20.756 1.00 15.88 ? 425 SER A C   1 
ATOM   87  O O   . SER A 1 43  ? 11.020  17.308  -19.974 1.00 15.39 ? 425 SER A O   1 
ATOM   88  C CB  . SER A 1 43  ? 10.748  18.113  -23.156 1.00 17.19 ? 425 SER A CB  1 
ATOM   89  O OG  . SER A 1 43  ? 9.553   17.511  -22.735 1.00 20.28 ? 425 SER A OG  1 
ATOM   90  N N   . ASP A 1 44  ? 11.275  19.499  -20.501 1.00 17.59 ? 426 ASP A N   1 
ATOM   91  C CA  . ASP A 1 44  ? 10.786  19.988  -19.210 1.00 17.77 ? 426 ASP A CA  1 
ATOM   92  C C   . ASP A 1 44  ? 9.298   19.700  -19.053 1.00 18.76 ? 426 ASP A C   1 
ATOM   93  O O   . ASP A 1 44  ? 8.838   19.403  -17.958 1.00 19.54 ? 426 ASP A O   1 
ATOM   94  C CB  . ASP A 1 44  ? 11.027  21.470  -19.069 1.00 19.22 ? 426 ASP A CB  1 
ATOM   95  C CG  . ASP A 1 44  ? 12.470  21.797  -18.736 1.00 21.91 ? 426 ASP A CG  1 
ATOM   96  O OD1 . ASP A 1 44  ? 13.292  20.867  -18.563 1.00 21.75 ? 426 ASP A OD1 1 
ATOM   97  O OD2 . ASP A 1 44  ? 12.754  23.005  -18.673 1.00 25.73 ? 426 ASP A OD2 1 
ATOM   98  N N   . GLN A 1 45  ? 8.528   19.770  -20.145 1.00 19.28 ? 427 GLN A N   1 
ATOM   99  C CA  . GLN A 1 45  ? 7.102   19.495  -20.023 1.00 19.60 ? 427 GLN A CA  1 
ATOM   100 C C   . GLN A 1 45  ? 6.872   18.028  -19.658 1.00 17.17 ? 427 GLN A C   1 
ATOM   101 O O   . GLN A 1 45  ? 6.003   17.681  -18.842 1.00 19.12 ? 427 GLN A O   1 
ATOM   102 C CB  . GLN A 1 45  ? 6.394   19.845  -21.332 1.00 22.89 ? 427 GLN A CB  1 
ATOM   103 C CG  . GLN A 1 45  ? 4.873   19.766  -21.272 1.00 27.26 ? 427 GLN A CG  1 
ATOM   104 C CD  . GLN A 1 45  ? 4.371   18.365  -21.417 1.00 28.73 ? 427 GLN A CD  1 
ATOM   105 O OE1 . GLN A 1 45  ? 4.905   17.588  -22.209 1.00 31.47 ? 427 GLN A OE1 1 
ATOM   106 N NE2 . GLN A 1 45  ? 3.329   18.022  -20.660 1.00 30.84 ? 427 GLN A NE2 1 
ATOM   107 N N   . GLN A 1 46  ? 7.668   17.144  -20.245 1.00 16.78 ? 428 GLN A N   1 
ATOM   108 C CA  . GLN A 1 46  ? 7.600   15.749  -19.925 1.00 17.14 ? 428 GLN A CA  1 
ATOM   109 C C   . GLN A 1 46  ? 7.954   15.523  -18.433 1.00 16.89 ? 428 GLN A C   1 
ATOM   110 O O   . GLN A 1 46  ? 7.317   14.730  -17.761 1.00 17.39 ? 428 GLN A O   1 
ATOM   111 C CB  . GLN A 1 46  ? 8.572   15.003  -20.838 1.00 18.23 ? 428 GLN A CB  1 
ATOM   112 C CG  . GLN A 1 46  ? 8.560   13.555  -20.713 1.00 20.99 ? 428 GLN A CG  1 
ATOM   113 C CD  . GLN A 1 46  ? 9.483   12.924  -21.720 1.00 21.15 ? 428 GLN A CD  1 
ATOM   114 O OE1 . GLN A 1 46  ? 10.348  13.596  -22.275 1.00 21.28 ? 428 GLN A OE1 1 
ATOM   115 N NE2 . GLN A 1 46  ? 9.294   11.627  -21.966 1.00 24.23 ? 428 GLN A NE2 1 
ATOM   116 N N   . ARG A 1 47  ? 9.010   16.201  -17.961 1.00 17.31 ? 429 ARG A N   1 
ATOM   117 C CA  . ARG A 1 47  ? 9.380   16.093  -16.556 1.00 17.59 ? 429 ARG A CA  1 
ATOM   118 C C   . ARG A 1 47  ? 8.194   16.485  -15.658 1.00 17.14 ? 429 ARG A C   1 
ATOM   119 O O   . ARG A 1 47  ? 7.926   15.817  -14.645 1.00 15.86 ? 429 ARG A O   1 
ATOM   120 C CB  . ARG A 1 47  ? 10.557  17.018  -16.250 1.00 17.50 ? 429 ARG A CB  1 
ATOM   121 C CG  . ARG A 1 47  ? 11.052  16.873  -14.797 1.00 18.83 ? 429 ARG A CG  1 
ATOM   122 C CD  . ARG A 1 47  ? 11.915  18.045  -14.436 1.00 20.82 ? 429 ARG A CD  1 
ATOM   123 N NE  . ARG A 1 47  ? 12.538  17.878  -13.098 1.00 21.70 ? 429 ARG A NE  1 
ATOM   124 C CZ  . ARG A 1 47  ? 11.944  18.094  -11.922 1.00 24.73 ? 429 ARG A CZ  1 
ATOM   125 N NH1 . ARG A 1 47  ? 10.684  18.497  -11.828 1.00 26.25 ? 429 ARG A NH1 1 
ATOM   126 N NH2 . ARG A 1 47  ? 12.651  17.903  -10.800 1.00 24.14 ? 429 ARG A NH2 1 
ATOM   127 N N   . GLN A 1 48  ? 7.517   17.571  -16.030 1.00 16.13 ? 430 GLN A N   1 
ATOM   128 C CA  . GLN A 1 48  ? 6.399   18.002  -15.210 1.00 16.42 ? 430 GLN A CA  1 
ATOM   129 C C   . GLN A 1 48  ? 5.241   17.007  -15.237 1.00 17.77 ? 430 GLN A C   1 
ATOM   130 O O   . GLN A 1 48  ? 4.545   16.791  -14.245 1.00 18.15 ? 430 GLN A O   1 
ATOM   131 C CB  . GLN A 1 48  ? 5.951   19.397  -15.636 1.00 18.48 ? 430 GLN A CB  1 
ATOM   132 C CG  . GLN A 1 48  ? 7.017   20.454  -15.340 1.00 23.17 ? 430 GLN A CG  1 
ATOM   133 C CD  . GLN A 1 48  ? 7.609   20.348  -13.913 1.00 26.15 ? 430 GLN A CD  1 
ATOM   134 O OE1 . GLN A 1 48  ? 6.921   20.646  -12.909 1.00 27.69 ? 430 GLN A OE1 1 
ATOM   135 N NE2 . GLN A 1 48  ? 8.884   19.902  -13.813 1.00 24.74 ? 430 GLN A NE2 1 
ATOM   136 N N   . LEU A 1 49  ? 5.032   16.361  -16.388 1.00 17.59 ? 431 LEU A N   1 
ATOM   137 C CA  . LEU A 1 49  ? 3.991   15.384  -16.458 1.00 19.21 ? 431 LEU A CA  1 
ATOM   138 C C   . LEU A 1 49  ? 4.367   14.185  -15.564 1.00 17.20 ? 431 LEU A C   1 
ATOM   139 O O   . LEU A 1 49  ? 3.534   13.633  -14.826 1.00 19.41 ? 431 LEU A O   1 
ATOM   140 C CB  . LEU A 1 49  ? 3.807   14.912  -17.910 1.00 20.12 ? 431 LEU A CB  1 
ATOM   141 C CG  . LEU A 1 49  ? 2.764   13.803  -18.184 1.00 23.49 ? 431 LEU A CG  1 
ATOM   142 C CD1 . LEU A 1 49  ? 1.425   14.080  -17.560 1.00 24.11 ? 431 LEU A CD1 1 
ATOM   143 C CD2 . LEU A 1 49  ? 2.590   13.691  -19.706 1.00 24.47 ? 431 LEU A CD2 1 
ATOM   144 N N   . TYR A 1 50  ? 5.635   13.758  -15.623 1.00 17.88 ? 432 TYR A N   1 
ATOM   145 C CA  . TYR A 1 50  ? 6.052   12.651  -14.751 1.00 17.17 ? 432 TYR A CA  1 
ATOM   146 C C   . TYR A 1 50  ? 5.852   13.023  -13.273 1.00 17.89 ? 432 TYR A C   1 
ATOM   147 O O   . TYR A 1 50  ? 5.456   12.171  -12.518 1.00 18.81 ? 432 TYR A O   1 
ATOM   148 C CB  . TYR A 1 50  ? 7.539   12.311  -14.957 1.00 19.03 ? 432 TYR A CB  1 
ATOM   149 C CG  . TYR A 1 50  ? 7.822   11.517  -16.218 1.00 20.60 ? 432 TYR A CG  1 
ATOM   150 C CD1 . TYR A 1 50  ? 7.055   11.691  -17.362 1.00 19.21 ? 432 TYR A CD1 1 
ATOM   151 C CD2 . TYR A 1 50  ? 8.919   10.666  -16.273 1.00 18.42 ? 432 TYR A CD2 1 
ATOM   152 C CE1 . TYR A 1 50  ? 7.396   11.037  -18.561 1.00 20.07 ? 432 TYR A CE1 1 
ATOM   153 C CE2 . TYR A 1 50  ? 9.264   9.988   -17.469 1.00 19.02 ? 432 TYR A CE2 1 
ATOM   154 C CZ  . TYR A 1 50  ? 8.485   10.205  -18.591 1.00 18.75 ? 432 TYR A CZ  1 
ATOM   155 O OH  . TYR A 1 50  ? 8.836   9.572   -19.797 1.00 21.80 ? 432 TYR A OH  1 
ATOM   156 N N   . LYS A 1 51  ? 6.186   14.270  -12.891 1.00 16.92 ? 433 LYS A N   1 
ATOM   157 C CA  . LYS A 1 51  ? 5.992   14.642  -11.482 1.00 18.29 ? 433 LYS A CA  1 
ATOM   158 C C   . LYS A 1 51  ? 4.527   14.617  -11.089 1.00 18.50 ? 433 LYS A C   1 
ATOM   159 O O   . LYS A 1 51  ? 4.181   14.158  -10.000 1.00 18.23 ? 433 LYS A O   1 
ATOM   160 C CB  . LYS A 1 51  ? 6.543   16.041  -11.230 1.00 19.17 ? 433 LYS A CB  1 
ATOM   161 C CG  . LYS A 1 51  ? 8.090   16.141  -11.085 1.00 21.76 ? 433 LYS A CG  1 
ATOM   162 C CD  . LYS A 1 51  ? 8.659   15.049  -10.166 1.00 24.63 ? 433 LYS A CD  1 
ATOM   163 C CE  . LYS A 1 51  ? 8.018   15.070  -8.778  1.00 25.64 ? 433 LYS A CE  1 
ATOM   164 N NZ  . LYS A 1 51  ? 8.441   16.249  -7.939  1.00 29.17 ? 433 LYS A NZ  1 
ATOM   165 N N   . ARG A 1 52  ? 3.657   15.148  -11.957 1.00 18.81 ? 434 ARG A N   1 
ATOM   166 C CA  . ARG A 1 52  ? 2.214   15.157  -11.654 1.00 20.94 ? 434 ARG A CA  1 
ATOM   167 C C   . ARG A 1 52  ? 1.697   13.713  -11.509 1.00 21.38 ? 434 ARG A C   1 
ATOM   168 O O   . ARG A 1 52  ? 0.922   13.405  -10.584 1.00 20.56 ? 434 ARG A O   1 
ATOM   169 C CB  . ARG A 1 52  ? 1.453   15.906  -12.771 1.00 22.90 ? 434 ARG A CB  1 
ATOM   170 C CG  . ARG A 1 52  ? 0.065   16.382  -12.329 1.00 23.09 ? 434 ARG A CG  1 
ATOM   171 C CD  . ARG A 1 52  ? -0.500  17.425  -13.289 1.00 24.93 ? 434 ARG A CD  1 
ATOM   172 N NE  . ARG A 1 52  ? -0.827  16.870  -14.622 1.00 25.58 ? 434 ARG A NE  1 
ATOM   173 C CZ  . ARG A 1 52  ? -1.986  16.287  -14.944 1.00 25.94 ? 434 ARG A CZ  1 
ATOM   174 N NH1 . ARG A 1 52  ? -2.953  16.143  -14.053 1.00 25.93 ? 434 ARG A NH1 1 
ATOM   175 N NH2 . ARG A 1 52  ? -2.224  15.901  -16.200 1.00 25.41 ? 434 ARG A NH2 1 
ATOM   176 N N   . ASN A 1 53  ? 2.127   12.821  -12.394 1.00 20.38 ? 435 ASN A N   1 
ATOM   177 C CA  . ASN A 1 53  ? 1.708   11.435  -12.349 1.00 21.22 ? 435 ASN A CA  1 
ATOM   178 C C   . ASN A 1 53  ? 2.316   10.697  -11.160 1.00 20.66 ? 435 ASN A C   1 
ATOM   179 O O   . ASN A 1 53  ? 1.664   9.857   -10.547 1.00 22.48 ? 435 ASN A O   1 
ATOM   180 C CB  . ASN A 1 53  ? 2.021   10.729  -13.690 1.00 21.76 ? 435 ASN A CB  1 
ATOM   181 C CG  . ASN A 1 53  ? 1.133   11.228  -14.826 1.00 22.81 ? 435 ASN A CG  1 
ATOM   182 O OD1 . ASN A 1 53  ? 0.303   12.124  -14.658 1.00 23.26 ? 435 ASN A OD1 1 
ATOM   183 N ND2 . ASN A 1 53  ? 1.346   10.667  -16.008 1.00 25.78 ? 435 ASN A ND2 1 
ATOM   184 N N   . PHE A 1 54  ? 3.548   11.051  -10.787 1.00 20.74 ? 436 PHE A N   1 
ATOM   185 C CA  . PHE A 1 54  ? 4.193   10.450  -9.619  1.00 18.85 ? 436 PHE A CA  1 
ATOM   186 C C   . PHE A 1 54  ? 3.382   10.863  -8.376  1.00 18.42 ? 436 PHE A C   1 
ATOM   187 O O   . PHE A 1 54  ? 3.123   10.036  -7.503  1.00 19.37 ? 436 PHE A O   1 
ATOM   188 C CB  . PHE A 1 54  ? 5.647   10.962  -9.493  1.00 21.45 ? 436 PHE A CB  1 
ATOM   189 C CG  . PHE A 1 54  ? 6.357   10.496  -8.233  1.00 21.79 ? 436 PHE A CG  1 
ATOM   190 C CD1 . PHE A 1 54  ? 6.214   11.207  -7.037  1.00 21.72 ? 436 PHE A CD1 1 
ATOM   191 C CD2 . PHE A 1 54  ? 7.163   9.357   -8.248  1.00 23.31 ? 436 PHE A CD2 1 
ATOM   192 C CE1 . PHE A 1 54  ? 6.877   10.785  -5.866  1.00 23.64 ? 436 PHE A CE1 1 
ATOM   193 C CE2 . PHE A 1 54  ? 7.823   8.935   -7.101  1.00 25.11 ? 436 PHE A CE2 1 
ATOM   194 C CZ  . PHE A 1 54  ? 7.686   9.640   -5.912  1.00 24.42 ? 436 PHE A CZ  1 
ATOM   195 N N   . ASP A 1 55  ? 2.966   12.134  -8.328  1.00 17.09 ? 437 ASP A N   1 
ATOM   196 C CA  . ASP A 1 55  ? 2.183   12.563  -7.166  1.00 17.86 ? 437 ASP A CA  1 
ATOM   197 C C   . ASP A 1 55  ? 0.862   11.803  -7.055  1.00 18.64 ? 437 ASP A C   1 
ATOM   198 O O   . ASP A 1 55  ? 0.441   11.363  -5.979  1.00 19.29 ? 437 ASP A O   1 
ATOM   199 C CB  . ASP A 1 55  ? 1.952   14.063  -7.211  1.00 18.89 ? 437 ASP A CB  1 
ATOM   200 C CG  . ASP A 1 55  ? 3.243   14.869  -7.003  1.00 19.71 ? 437 ASP A CG  1 
ATOM   201 O OD1 . ASP A 1 55  ? 4.229   14.289  -6.467  1.00 21.69 ? 437 ASP A OD1 1 
ATOM   202 O OD2 . ASP A 1 55  ? 3.285   16.064  -7.363  1.00 20.95 ? 437 ASP A OD2 1 
ATOM   203 N N   . THR A 1 56  ? 0.146   11.688  -8.169  1.00 19.29 ? 438 THR A N   1 
ATOM   204 C CA  . THR A 1 56  ? -1.100  10.959  -8.135  1.00 20.04 ? 438 THR A CA  1 
ATOM   205 C C   . THR A 1 56  ? -0.865  9.503   -7.708  1.00 20.10 ? 438 THR A C   1 
ATOM   206 O O   . THR A 1 56  ? -1.641  8.944   -6.908  1.00 19.84 ? 438 THR A O   1 
ATOM   207 C CB  . THR A 1 56  ? -1.750  11.012  -9.532  1.00 19.37 ? 438 THR A CB  1 
ATOM   208 O OG1 . THR A 1 56  ? -2.040  12.357  -9.837  1.00 21.18 ? 438 THR A OG1 1 
ATOM   209 C CG2 . THR A 1 56  ? -3.027  10.168  -9.590  1.00 22.02 ? 438 THR A CG2 1 
ATOM   210 N N   . GLY A 1 57  ? 0.193   8.892   -8.230  1.00 19.82 ? 439 GLY A N   1 
ATOM   211 C CA  . GLY A 1 57  ? 0.489   7.528   -7.868  1.00 19.51 ? 439 GLY A CA  1 
ATOM   212 C C   . GLY A 1 57  ? 0.883   7.353   -6.412  1.00 19.15 ? 439 GLY A C   1 
ATOM   213 O O   . GLY A 1 57  ? 0.579   6.325   -5.822  1.00 21.01 ? 439 GLY A O   1 
ATOM   214 N N   . LEU A 1 58  ? 1.569   8.342   -5.836  1.00 19.04 ? 440 LEU A N   1 
ATOM   215 C CA  . LEU A 1 58  ? 1.972   8.254   -4.454  1.00 20.16 ? 440 LEU A CA  1 
ATOM   216 C C   . LEU A 1 58  ? 0.717   8.355   -3.583  1.00 18.54 ? 440 LEU A C   1 
ATOM   217 O O   . LEU A 1 58  ? 0.605   7.680   -2.571  1.00 20.20 ? 440 LEU A O   1 
ATOM   218 C CB  . LEU A 1 58  ? 2.952   9.370   -4.132  1.00 22.29 ? 440 LEU A CB  1 
ATOM   219 C CG  . LEU A 1 58  ? 3.564   9.200   -2.745  1.00 22.39 ? 440 LEU A CG  1 
ATOM   220 C CD1 . LEU A 1 58  ? 4.195   7.817   -2.582  1.00 24.61 ? 440 LEU A CD1 1 
ATOM   221 C CD2 . LEU A 1 58  ? 4.606   10.314  -2.522  1.00 24.70 ? 440 LEU A CD2 1 
ATOM   222 N N   . GLN A 1 59  ? -0.223  9.193   -3.984  1.00 17.44 ? 441 GLN A N   1 
ATOM   223 C CA  . GLN A 1 59  ? -1.485  9.299   -3.235  1.00 18.22 ? 441 GLN A CA  1 
ATOM   224 C C   . GLN A 1 59  ? -2.188  7.943   -3.271  1.00 19.97 ? 441 GLN A C   1 
ATOM   225 O O   . GLN A 1 59  ? -2.703  7.474   -2.253  1.00 20.86 ? 441 GLN A O   1 
ATOM   226 C CB  . GLN A 1 59  ? -2.352  10.369  -3.875  1.00 18.49 ? 441 GLN A CB  1 
ATOM   227 C CG  . GLN A 1 59  ? -1.781  11.764  -3.705  1.00 18.41 ? 441 GLN A CG  1 
ATOM   228 C CD  . GLN A 1 59  ? -2.272  12.725  -4.786  1.00 21.61 ? 441 GLN A CD  1 
ATOM   229 O OE1 . GLN A 1 59  ? -3.348  12.539  -5.343  1.00 23.73 ? 441 GLN A OE1 1 
ATOM   230 N NE2 . GLN A 1 59  ? -1.497  13.760  -5.061  1.00 23.34 ? 441 GLN A NE2 1 
ATOM   231 N N   . GLU A 1 60  ? -2.244  7.320   -4.451  1.00 20.76 ? 442 GLU A N   1 
ATOM   232 C CA  . GLU A 1 60  ? -2.858  5.990   -4.610  1.00 22.87 ? 442 GLU A CA  1 
ATOM   233 C C   . GLU A 1 60  ? -2.163  4.953   -3.732  1.00 22.25 ? 442 GLU A C   1 
ATOM   234 O O   . GLU A 1 60  ? -2.790  4.137   -3.061  1.00 23.75 ? 442 GLU A O   1 
ATOM   235 C CB  . GLU A 1 60  ? -2.763  5.533   -6.070  1.00 25.40 ? 442 GLU A CB  1 
ATOM   236 C CG  . GLU A 1 60  ? -3.531  6.391   -7.072  1.00 32.57 ? 442 GLU A CG  1 
ATOM   237 C CD  . GLU A 1 60  ? -3.514  5.835   -8.509  1.00 34.81 ? 442 GLU A CD  1 
ATOM   238 O OE1 . GLU A 1 60  ? -4.084  6.488   -9.418  1.00 38.32 ? 442 GLU A OE1 1 
ATOM   239 O OE2 . GLU A 1 60  ? -2.946  4.748   -8.736  1.00 37.87 ? 442 GLU A OE2 1 
ATOM   240 N N   . TYR A 1 61  ? -0.841  4.966   -3.774  1.00 21.82 ? 443 TYR A N   1 
ATOM   241 C CA  . TYR A 1 61  ? -0.042  4.048   -2.983  1.00 22.69 ? 443 TYR A CA  1 
ATOM   242 C C   . TYR A 1 61  ? -0.312  4.187   -1.476  1.00 23.98 ? 443 TYR A C   1 
ATOM   243 O O   . TYR A 1 61  ? -0.494  3.175   -0.786  1.00 23.85 ? 443 TYR A O   1 
ATOM   244 C CB  . TYR A 1 61  ? 1.433   4.291   -3.278  1.00 23.89 ? 443 TYR A CB  1 
ATOM   245 C CG  . TYR A 1 61  ? 2.357   3.489   -2.419  1.00 27.15 ? 443 TYR A CG  1 
ATOM   246 C CD1 . TYR A 1 61  ? 2.552   2.138   -2.655  1.00 28.90 ? 443 TYR A CD1 1 
ATOM   247 C CD2 . TYR A 1 61  ? 3.046   4.090   -1.376  1.00 30.51 ? 443 TYR A CD2 1 
ATOM   248 C CE1 . TYR A 1 61  ? 3.421   1.395   -1.875  1.00 31.83 ? 443 TYR A CE1 1 
ATOM   249 C CE2 . TYR A 1 61  ? 3.920   3.362   -0.584  1.00 32.06 ? 443 TYR A CE2 1 
ATOM   250 C CZ  . TYR A 1 61  ? 4.105   2.014   -0.843  1.00 32.63 ? 443 TYR A CZ  1 
ATOM   251 O OH  . TYR A 1 61  ? 5.007   1.282   -0.099  1.00 37.02 ? 443 TYR A OH  1 
ATOM   252 N N   . LYS A 1 62  ? -0.323  5.425   -0.979  1.00 23.14 ? 444 LYS A N   1 
ATOM   253 C CA  . LYS A 1 62  ? -0.564  5.658   0.438   1.00 24.72 ? 444 LYS A CA  1 
ATOM   254 C C   . LYS A 1 62  ? -1.957  5.201   0.812   1.00 23.93 ? 444 LYS A C   1 
ATOM   255 O O   . LYS A 1 62  ? -2.164  4.672   1.907   1.00 25.65 ? 444 LYS A O   1 
ATOM   256 C CB  . LYS A 1 62  ? -0.385  7.141   0.789   1.00 24.57 ? 444 LYS A CB  1 
ATOM   257 C CG  . LYS A 1 62  ? 1.045   7.640   0.702   1.00 29.13 ? 444 LYS A CG  1 
ATOM   258 C CD  . LYS A 1 62  ? 1.932   7.115   1.830   1.00 32.75 ? 444 LYS A CD  1 
ATOM   259 C CE  . LYS A 1 62  ? 3.258   7.877   1.888   1.00 35.36 ? 444 LYS A CE  1 
ATOM   260 N NZ  . LYS A 1 62  ? 4.200   7.309   2.921   1.00 37.03 ? 444 LYS A NZ  1 
ATOM   261 N N   . SER A 1 63  ? -2.923  5.384   -0.075  1.00 24.32 ? 445 SER A N   1 
ATOM   262 C CA  . SER A 1 63  ? -4.284  4.951   0.229   1.00 26.56 ? 445 SER A CA  1 
ATOM   263 C C   . SER A 1 63  ? -4.304  3.433   0.419   1.00 26.26 ? 445 SER A C   1 
ATOM   264 O O   . SER A 1 63  ? -4.833  2.931   1.416   1.00 27.29 ? 445 SER A O   1 
ATOM   265 C CB  . SER A 1 63  ? -5.276  5.344   -0.892  1.00 27.89 ? 445 SER A CB  1 
ATOM   266 O OG  . SER A 1 63  ? -5.213  4.518   -2.064  1.00 32.47 ? 445 SER A OG  1 
ATOM   267 N N   . LEU A 1 64  ? -3.753  2.696   -0.540  1.00 25.63 ? 446 LEU A N   1 
ATOM   268 C CA  . LEU A 1 64  ? -3.733  1.227   -0.445  1.00 26.96 ? 446 LEU A CA  1 
ATOM   269 C C   . LEU A 1 64  ? -2.992  0.744   0.799   1.00 26.89 ? 446 LEU A C   1 
ATOM   270 O O   . LEU A 1 64  ? -3.460  -0.148  1.524   1.00 26.46 ? 446 LEU A O   1 
ATOM   271 C CB  . LEU A 1 64  ? -3.074  0.623   -1.694  1.00 28.08 ? 446 LEU A CB  1 
ATOM   272 C CG  . LEU A 1 64  ? -3.812  0.829   -3.020  1.00 29.68 ? 446 LEU A CG  1 
ATOM   273 C CD1 . LEU A 1 64  ? -2.855  0.560   -4.189  1.00 32.36 ? 446 LEU A CD1 1 
ATOM   274 C CD2 . LEU A 1 64  ? -5.031  -0.074  -3.091  1.00 31.54 ? 446 LEU A CD2 1 
ATOM   275 N N   . GLN A 1 65  ? -1.827  1.329   1.038   1.00 25.59 ? 447 GLN A N   1 
ATOM   276 C CA  . GLN A 1 65  ? -1.000  0.979   2.180   1.00 25.90 ? 447 GLN A CA  1 
ATOM   277 C C   . GLN A 1 65  ? -1.772  1.216   3.471   1.00 24.42 ? 447 GLN A C   1 
ATOM   278 O O   . GLN A 1 65  ? -1.692  0.422   4.410   1.00 23.92 ? 447 GLN A O   1 
ATOM   279 C CB  . GLN A 1 65  ? 0.270   1.823   2.159   1.00 28.80 ? 447 GLN A CB  1 
ATOM   280 C CG  . GLN A 1 65  ? 1.182   1.625   3.334   1.00 31.28 ? 447 GLN A CG  1 
ATOM   281 C CD  . GLN A 1 65  ? 2.339   2.606   3.328   1.00 33.91 ? 447 GLN A CD  1 
ATOM   282 O OE1 . GLN A 1 65  ? 2.149   3.823   3.433   1.00 34.80 ? 447 GLN A OE1 1 
ATOM   283 N NE2 . GLN A 1 65  ? 3.552   2.079   3.198   1.00 35.45 ? 447 GLN A NE2 1 
ATOM   284 N N   . SER A 1 66  ? -2.553  2.292   3.505   1.00 21.24 ? 448 SER A N   1 
ATOM   285 C CA  . SER A 1 66  ? -3.322  2.612   4.702   1.00 22.18 ? 448 SER A CA  1 
ATOM   286 C C   . SER A 1 66  ? -4.374  1.526   5.019   1.00 22.06 ? 448 SER A C   1 
ATOM   287 O O   . SER A 1 66  ? -4.668  1.248   6.184   1.00 23.04 ? 448 SER A O   1 
ATOM   288 C CB  . SER A 1 66  ? -3.992  3.976   4.537   1.00 23.33 ? 448 SER A CB  1 
ATOM   289 O OG  . SER A 1 66  ? -5.087  3.886   3.650   1.00 29.38 ? 448 SER A OG  1 
ATOM   290 N N   . VAL A 1 67  ? -4.941  0.910   3.990   1.00 22.71 ? 449 VAL A N   1 
ATOM   291 C CA  . VAL A 1 67  ? -5.941  -0.138  4.207   1.00 21.73 ? 449 VAL A CA  1 
ATOM   292 C C   . VAL A 1 67  ? -5.250  -1.334  4.839   1.00 22.25 ? 449 VAL A C   1 
ATOM   293 O O   . VAL A 1 67  ? -5.744  -1.925  5.817   1.00 22.30 ? 449 VAL A O   1 
ATOM   294 C CB  . VAL A 1 67  ? -6.608  -0.573  2.874   1.00 21.23 ? 449 VAL A CB  1 
ATOM   295 C CG1 . VAL A 1 67  ? -7.439  -1.852  3.061   1.00 22.95 ? 449 VAL A CG1 1 
ATOM   296 C CG2 . VAL A 1 67  ? -7.458  0.570   2.347   1.00 23.57 ? 449 VAL A CG2 1 
ATOM   297 N N   . LEU A 1 68  ? -4.102  -1.714  4.282   1.00 22.12 ? 450 LEU A N   1 
ATOM   298 C CA  . LEU A 1 68  ? -3.355  -2.853  4.821   1.00 23.77 ? 450 LEU A CA  1 
ATOM   299 C C   . LEU A 1 68  ? -2.908  -2.580  6.266   1.00 24.13 ? 450 LEU A C   1 
ATOM   300 O O   . LEU A 1 68  ? -3.012  -3.453  7.125   1.00 24.56 ? 450 LEU A O   1 
ATOM   301 C CB  . LEU A 1 68  ? -2.147  -3.144  3.920   1.00 25.83 ? 450 LEU A CB  1 
ATOM   302 C CG  . LEU A 1 68  ? -2.424  -3.303  2.414   1.00 26.32 ? 450 LEU A CG  1 
ATOM   303 C CD1 . LEU A 1 68  ? -1.077  -3.457  1.719   1.00 29.34 ? 450 LEU A CD1 1 
ATOM   304 C CD2 . LEU A 1 68  ? -3.325  -4.520  2.106   1.00 28.35 ? 450 LEU A CD2 1 
ATOM   305 N N   . ASP A 1 69  ? -2.416  -1.377  6.528   1.00 24.02 ? 451 ASP A N   1 
ATOM   306 C CA  . ASP A 1 69  ? -1.983  -1.016  7.879   1.00 23.73 ? 451 ASP A CA  1 
ATOM   307 C C   . ASP A 1 69  ? -3.161  -1.032  8.865   1.00 22.43 ? 451 ASP A C   1 
ATOM   308 O O   . ASP A 1 69  ? -3.029  -1.511  9.986   1.00 22.36 ? 451 ASP A O   1 
ATOM   309 C CB  . ASP A 1 69  ? -1.327  0.360   7.882   1.00 26.33 ? 451 ASP A CB  1 
ATOM   310 C CG  . ASP A 1 69  ? -0.008  0.382   7.123   1.00 30.20 ? 451 ASP A CG  1 
ATOM   311 O OD1 . ASP A 1 69  ? 0.550   -0.696  6.815   1.00 32.58 ? 451 ASP A OD1 1 
ATOM   312 O OD2 . ASP A 1 69  ? 0.482   1.491   6.844   1.00 32.85 ? 451 ASP A OD2 1 
ATOM   313 N N   . GLU A 1 70  ? -4.307  -0.503  8.474   1.00 20.16 ? 452 GLU A N   1 
ATOM   314 C CA  . GLU A 1 70  ? -5.467  -0.501  9.357   1.00 19.96 ? 452 GLU A CA  1 
ATOM   315 C C   . GLU A 1 70  ? -5.981  -1.908  9.694   1.00 19.96 ? 452 GLU A C   1 
ATOM   316 O O   . GLU A 1 70  ? -6.456  -2.162  10.806  1.00 20.65 ? 452 GLU A O   1 
ATOM   317 C CB  . GLU A 1 70  ? -6.574  0.348   8.725   1.00 20.65 ? 452 GLU A CB  1 
ATOM   318 C CG  . GLU A 1 70  ? -7.850  0.449   9.556   1.00 23.36 ? 452 GLU A CG  1 
ATOM   319 C CD  . GLU A 1 70  ? -7.601  0.975   10.964  1.00 24.71 ? 452 GLU A CD  1 
ATOM   320 O OE1 . GLU A 1 70  ? -6.657  1.779   11.157  1.00 27.49 ? 452 GLU A OE1 1 
ATOM   321 O OE2 . GLU A 1 70  ? -8.384  0.584   11.848  1.00 26.05 ? 452 GLU A OE2 1 
ATOM   322 N N   . ILE A 1 71  ? -5.941  -2.824  8.718   1.00 20.59 ? 453 ILE A N   1 
ATOM   323 C CA  . ILE A 1 71  ? -6.357  -4.190  8.970   1.00 20.25 ? 453 ILE A CA  1 
ATOM   324 C C   . ILE A 1 71  ? -5.454  -4.762  10.057  1.00 20.11 ? 453 ILE A C   1 
ATOM   325 O O   . ILE A 1 71  ? -5.944  -5.371  11.016  1.00 20.76 ? 453 ILE A O   1 
ATOM   326 C CB  . ILE A 1 71  ? -6.300  -5.049  7.674   1.00 19.55 ? 453 ILE A CB  1 
ATOM   327 C CG1 . ILE A 1 71  ? -7.504  -4.666  6.787   1.00 21.05 ? 453 ILE A CG1 1 
ATOM   328 C CG2 . ILE A 1 71  ? -6.360  -6.571  8.027   1.00 20.59 ? 453 ILE A CG2 1 
ATOM   329 C CD1 . ILE A 1 71  ? -7.349  -5.112  5.345   1.00 20.28 ? 453 ILE A CD1 1 
ATOM   330 N N   . ASN A 1 72  ? -4.145  -4.541  9.916   1.00 21.97 ? 454 ASN A N   1 
ATOM   331 C CA  . ASN A 1 72  ? -3.221  -5.045  10.932  1.00 22.91 ? 454 ASN A CA  1 
ATOM   332 C C   . ASN A 1 72  ? -3.434  -4.383  12.300  1.00 23.70 ? 454 ASN A C   1 
ATOM   333 O O   . ASN A 1 72  ? -3.326  -5.063  13.317  1.00 24.33 ? 454 ASN A O   1 
ATOM   334 C CB  . ASN A 1 72  ? -1.766  -4.877  10.479  1.00 25.32 ? 454 ASN A CB  1 
ATOM   335 C CG  . ASN A 1 72  ? -1.373  -5.863  9.396   1.00 26.89 ? 454 ASN A CG  1 
ATOM   336 O OD1 . ASN A 1 72  ? -1.802  -7.026  9.395   1.00 30.17 ? 454 ASN A OD1 1 
ATOM   337 N ND2 . ASN A 1 72  ? -0.518  -5.407  8.467   1.00 32.09 ? 454 ASN A ND2 1 
ATOM   338 N N   . LYS A 1 73  ? -3.735  -3.087  12.328  1.00 21.55 ? 455 LYS A N   1 
ATOM   339 C CA  . LYS A 1 73  ? -3.976  -2.398  13.598  1.00 23.52 ? 455 LYS A CA  1 
ATOM   340 C C   . LYS A 1 73  ? -5.202  -2.999  14.263  1.00 22.62 ? 455 LYS A C   1 
ATOM   341 O O   . LYS A 1 73  ? -5.252  -3.171  15.482  1.00 23.42 ? 455 LYS A O   1 
ATOM   342 C CB  . LYS A 1 73  ? -4.235  -0.912  13.370  1.00 26.31 ? 455 LYS A CB  1 
ATOM   343 C CG  . LYS A 1 73  ? -4.550  -0.119  14.634  1.00 33.21 ? 455 LYS A CG  1 
ATOM   344 C CD  . LYS A 1 73  ? -4.878  1.337   14.281  1.00 36.80 ? 455 LYS A CD  1 
ATOM   345 C CE  . LYS A 1 73  ? -4.833  2.249   15.511  1.00 38.86 ? 455 LYS A CE  1 
ATOM   346 N NZ  . LYS A 1 73  ? -5.169  3.660   15.156  1.00 40.84 ? 455 LYS A NZ  1 
ATOM   347 N N   . GLU A 1 74  ? -6.233  -3.291  13.471  1.00 21.00 ? 456 GLU A N   1 
ATOM   348 C CA  . GLU A 1 74  ? -7.438  -3.867  14.048  1.00 19.42 ? 456 GLU A CA  1 
ATOM   349 C C   . GLU A 1 74  ? -7.160  -5.286  14.616  1.00 19.50 ? 456 GLU A C   1 
ATOM   350 O O   . GLU A 1 74  ? -7.660  -5.634  15.701  1.00 19.18 ? 456 GLU A O   1 
ATOM   351 C CB  . GLU A 1 74  ? -8.556  -3.909  12.986  1.00 19.33 ? 456 GLU A CB  1 
ATOM   352 C CG  . GLU A 1 74  ? -9.127  -2.512  12.659  1.00 20.01 ? 456 GLU A CG  1 
ATOM   353 C CD  . GLU A 1 74  ? -9.947  -2.455  11.349  1.00 23.53 ? 456 GLU A CD  1 
ATOM   354 O OE1 . GLU A 1 74  ? -10.218 -3.504  10.743  1.00 23.62 ? 456 GLU A OE1 1 
ATOM   355 O OE2 . GLU A 1 74  ? -10.309 -1.337  10.941  1.00 24.63 ? 456 GLU A OE2 1 
ATOM   356 N N   . LEU A 1 75  ? -6.367  -6.081  13.901  1.00 19.62 ? 457 LEU A N   1 
ATOM   357 C CA  . LEU A 1 75  ? -6.003  -7.422  14.382  1.00 18.91 ? 457 LEU A CA  1 
ATOM   358 C C   . LEU A 1 75  ? -5.230  -7.296  15.701  1.00 20.50 ? 457 LEU A C   1 
ATOM   359 O O   . LEU A 1 75  ? -5.452  -8.079  16.595  1.00 20.46 ? 457 LEU A O   1 
ATOM   360 C CB  . LEU A 1 75  ? -5.134  -8.149  13.364  1.00 19.35 ? 457 LEU A CB  1 
ATOM   361 C CG  . LEU A 1 75  ? -5.904  -8.720  12.176  1.00 18.79 ? 457 LEU A CG  1 
ATOM   362 C CD1 . LEU A 1 75  ? -4.916  -9.019  11.051  1.00 20.53 ? 457 LEU A CD1 1 
ATOM   363 C CD2 . LEU A 1 75  ? -6.661  -9.948  12.639  1.00 20.75 ? 457 LEU A CD2 1 
ATOM   364 N N   . SER A 1 76  ? -4.346  -6.300  15.781  1.00 21.85 ? 458 SER A N   1 
ATOM   365 C CA  . SER A 1 76  ? -3.568  -6.115  16.998  1.00 22.90 ? 458 SER A CA  1 
ATOM   366 C C   . SER A 1 76  ? -4.454  -5.721  18.181  1.00 22.59 ? 458 SER A C   1 
ATOM   367 O O   . SER A 1 76  ? -4.255  -6.218  19.314  1.00 23.64 ? 458 SER A O   1 
ATOM   368 C CB  . SER A 1 76  ? -2.473  -5.090  16.706  1.00 23.38 ? 458 SER A CB  1 
ATOM   369 O OG  . SER A 1 76  ? -1.505  -5.645  15.799  1.00 29.32 ? 458 SER A OG  1 
ATOM   370 N N   . ARG A 1 77  ? -5.473  -4.899  17.949  1.00 21.60 ? 459 ARG A N   1 
ATOM   371 C CA  . ARG A 1 77  ? -6.374  -4.522  19.033  1.00 22.09 ? 459 ARG A CA  1 
ATOM   372 C C   . ARG A 1 77  ? -7.147  -5.761  19.501  1.00 21.57 ? 459 ARG A C   1 
ATOM   373 O O   . ARG A 1 77  ? -7.327  -6.011  20.699  1.00 21.61 ? 459 ARG A O   1 
ATOM   374 C CB  . ARG A 1 77  ? -7.340  -3.427  18.568  1.00 25.57 ? 459 ARG A CB  1 
ATOM   375 C CG  . ARG A 1 77  ? -8.515  -3.110  19.502  1.00 32.40 ? 459 ARG A CG  1 
ATOM   376 C CD  . ARG A 1 77  ? -9.328  -1.870  19.057  1.00 37.79 ? 459 ARG A CD  1 
ATOM   377 N NE  . ARG A 1 77  ? -10.260 -2.099  17.938  1.00 42.00 ? 459 ARG A NE  1 
ATOM   378 C CZ  . ARG A 1 77  ? -10.055 -1.704  16.681  1.00 44.49 ? 459 ARG A CZ  1 
ATOM   379 N NH1 . ARG A 1 77  ? -8.942  -1.055  16.360  1.00 45.85 ? 459 ARG A NH1 1 
ATOM   380 N NH2 . ARG A 1 77  ? -10.977 -1.939  15.747  1.00 44.72 ? 459 ARG A NH2 1 
ATOM   381 N N   . LEU A 1 78  ? -7.616  -6.569  18.550  1.00 20.65 ? 460 LEU A N   1 
ATOM   382 C CA  . LEU A 1 78  ? -8.364  -7.761  18.920  1.00 20.17 ? 460 LEU A CA  1 
ATOM   383 C C   . LEU A 1 78  ? -7.481  -8.803  19.605  1.00 19.46 ? 460 LEU A C   1 
ATOM   384 O O   . LEU A 1 78  ? -7.955  -9.492  20.499  1.00 20.54 ? 460 LEU A O   1 
ATOM   385 C CB  . LEU A 1 78  ? -9.040  -8.343  17.675  1.00 20.25 ? 460 LEU A CB  1 
ATOM   386 C CG  . LEU A 1 78  ? -10.264 -7.515  17.243  1.00 20.06 ? 460 LEU A CG  1 
ATOM   387 C CD1 . LEU A 1 78  ? -10.587 -7.756  15.767  1.00 21.71 ? 460 LEU A CD1 1 
ATOM   388 C CD2 . LEU A 1 78  ? -11.426 -7.846  18.115  1.00 21.40 ? 460 LEU A CD2 1 
ATOM   389 N N   . ASP A 1 79  ? -6.224  -8.903  19.184  1.00 20.79 ? 461 ASP A N   1 
ATOM   390 C CA  . ASP A 1 79  ? -5.241  -9.794  19.825  1.00 21.03 ? 461 ASP A CA  1 
ATOM   391 C C   . ASP A 1 79  ? -5.135  -9.417  21.328  1.00 20.83 ? 461 ASP A C   1 
ATOM   392 O O   . ASP A 1 79  ? -5.123  -10.296 22.170  1.00 20.25 ? 461 ASP A O   1 
ATOM   393 C CB  . ASP A 1 79  ? -3.856  -9.595  19.196  1.00 22.76 ? 461 ASP A CB  1 
ATOM   394 C CG  . ASP A 1 79  ? -3.617  -10.443 17.958  1.00 24.81 ? 461 ASP A CG  1 
ATOM   395 O OD1 . ASP A 1 79  ? -4.082  -11.593 17.926  1.00 25.73 ? 461 ASP A OD1 1 
ATOM   396 O OD2 . ASP A 1 79  ? -2.898  -9.964  17.037  1.00 27.13 ? 461 ASP A OD2 1 
ATOM   397 N N   . LYS A 1 80  ? -5.111  -8.118  21.614  1.00 21.40 ? 462 LYS A N   1 
ATOM   398 C CA  . LYS A 1 80  ? -5.024  -7.650  23.009  1.00 22.47 ? 462 LYS A CA  1 
ATOM   399 C C   . LYS A 1 80  ? -6.260  -8.081  23.777  1.00 22.59 ? 462 LYS A C   1 
ATOM   400 O O   . LYS A 1 80  ? -6.182  -8.569  24.908  1.00 23.93 ? 462 LYS A O   1 
ATOM   401 C CB  . LYS A 1 80  ? -4.908  -6.126  23.056  1.00 25.59 ? 462 LYS A CB  1 
ATOM   402 C CG  . LYS A 1 80  ? -4.885  -5.582  24.457  1.00 30.67 ? 462 LYS A CG  1 
ATOM   403 C CD  . LYS A 1 80  ? -4.512  -4.110  24.463  1.00 34.94 ? 462 LYS A CD  1 
ATOM   404 C CE  . LYS A 1 80  ? -4.465  -3.616  25.892  1.00 37.88 ? 462 LYS A CE  1 
ATOM   405 N NZ  . LYS A 1 80  ? -3.716  -4.583  26.737  1.00 38.09 ? 462 LYS A NZ  1 
ATOM   406 N N   . GLU A 1 81  ? -7.431  -7.918  23.168  1.00 20.87 ? 463 GLU A N   1 
ATOM   407 C CA  . GLU A 1 81  ? -8.684  -8.305  23.789  1.00 21.90 ? 463 GLU A CA  1 
ATOM   408 C C   . GLU A 1 81  ? -8.701  -9.804  24.072  1.00 20.56 ? 463 GLU A C   1 
ATOM   409 O O   . GLU A 1 81  ? -9.114  -10.244 25.154  1.00 21.89 ? 463 GLU A O   1 
ATOM   410 C CB  . GLU A 1 81  ? -9.862  -7.950  22.862  1.00 25.00 ? 463 GLU A CB  1 
ATOM   411 C CG  . GLU A 1 81  ? -10.147 -6.476  22.889  1.00 29.59 ? 463 GLU A CG  1 
ATOM   412 C CD  . GLU A 1 81  ? -11.323 -6.085  22.029  1.00 33.83 ? 463 GLU A CD  1 
ATOM   413 O OE1 . GLU A 1 81  ? -12.287 -6.884  21.946  1.00 35.10 ? 463 GLU A OE1 1 
ATOM   414 O OE2 . GLU A 1 81  ? -11.281 -4.983  21.458  1.00 36.76 ? 463 GLU A OE2 1 
ATOM   415 N N   . LEU A 1 82  ? -8.262  -10.599 23.099  1.00 19.84 ? 464 LEU A N   1 
ATOM   416 C CA  . LEU A 1 82  ? -8.232  -12.051 23.263  1.00 21.25 ? 464 LEU A CA  1 
ATOM   417 C C   . LEU A 1 82  ? -7.265  -12.452 24.375  1.00 21.82 ? 464 LEU A C   1 
ATOM   418 O O   . LEU A 1 82  ? -7.557  -13.362 25.181  1.00 23.52 ? 464 LEU A O   1 
ATOM   419 C CB  . LEU A 1 82  ? -7.785  -12.718 21.975  1.00 22.07 ? 464 LEU A CB  1 
ATOM   420 C CG  . LEU A 1 82  ? -8.831  -12.717 20.844  1.00 21.24 ? 464 LEU A CG  1 
ATOM   421 C CD1 . LEU A 1 82  ? -8.169  -13.015 19.505  1.00 21.90 ? 464 LEU A CD1 1 
ATOM   422 C CD2 . LEU A 1 82  ? -9.899  -13.746 21.174  1.00 23.66 ? 464 LEU A CD2 1 
ATOM   423 N N   . ASP A 1 83  ? -6.143  -11.750 24.417  1.00 22.57 ? 465 ASP A N   1 
ATOM   424 C CA  . ASP A 1 83  ? -5.136  -12.091 25.406  1.00 23.13 ? 465 ASP A CA  1 
ATOM   425 C C   . ASP A 1 83  ? -5.638  -11.767 26.808  1.00 24.99 ? 465 ASP A C   1 
ATOM   426 O O   . ASP A 1 83  ? -5.191  -12.425 27.761  1.00 27.90 ? 465 ASP A O   1 
ATOM   427 C CB  . ASP A 1 83  ? -3.792  -11.387 25.081  1.00 24.68 ? 465 ASP A CB  1 
ATOM   428 C CG  . ASP A 1 83  ? -3.066  -12.002 23.867  1.00 26.40 ? 465 ASP A CG  1 
ATOM   429 O OD1 . ASP A 1 83  ? -3.458  -13.093 23.377  1.00 27.37 ? 465 ASP A OD1 1 
ATOM   430 O OD2 . ASP A 1 83  ? -2.078  -11.392 23.396  1.00 27.96 ? 465 ASP A OD2 1 
ATOM   431 N N   . ASP A 1 84  ? -6.575  -10.817 26.945  1.00 24.16 ? 466 ASP A N   1 
ATOM   432 C CA  . ASP A 1 84  ? -7.166  -10.385 28.221  1.00 24.26 ? 466 ASP A CA  1 
ATOM   433 C C   . ASP A 1 84  ? -8.430  -11.087 28.714  1.00 24.60 ? 466 ASP A C   1 
ATOM   434 O O   . ASP A 1 84  ? -8.609  -11.334 29.884  1.00 26.35 ? 466 ASP A O   1 
ATOM   435 C CB  . ASP A 1 84  ? -7.528  -8.890  28.192  1.00 27.88 ? 466 ASP A CB  1 
ATOM   436 C CG  . ASP A 1 84  ? -6.331  -7.977  28.234  1.00 30.67 ? 466 ASP A CG  1 
ATOM   437 O OD1 . ASP A 1 84  ? -6.551  -6.781  27.973  1.00 32.15 ? 466 ASP A OD1 1 
ATOM   438 O OD2 . ASP A 1 84  ? -5.191  -8.435  28.504  1.00 34.05 ? 466 ASP A OD2 1 
ATOM   439 N N   . TYR A 1 85  ? -9.377  -11.362 27.811  1.00 19.62 ? 467 TYR A N   1 
ATOM   440 C CA  . TYR A 1 85  ? -10.624 -11.991 28.208  1.00 19.25 ? 467 TYR A CA  1 
ATOM   441 C C   . TYR A 1 85  ? -10.503 -13.476 28.549  1.00 18.30 ? 467 TYR A C   1 
ATOM   442 O O   . TYR A 1 85  ? -9.730  -14.178 27.926  1.00 19.67 ? 467 TYR A O   1 
ATOM   443 C CB  . TYR A 1 85  ? -11.670 -11.878 27.079  1.00 17.97 ? 467 TYR A CB  1 
ATOM   444 C CG  . TYR A 1 85  ? -12.268 -10.496 26.921  1.00 19.89 ? 467 TYR A CG  1 
ATOM   445 C CD1 . TYR A 1 85  ? -12.939 -9.862  27.971  1.00 19.78 ? 467 TYR A CD1 1 
ATOM   446 C CD2 . TYR A 1 85  ? -12.237 -9.843  25.694  1.00 21.01 ? 467 TYR A CD2 1 
ATOM   447 C CE1 . TYR A 1 85  ? -13.562 -8.625  27.807  1.00 22.30 ? 467 TYR A CE1 1 
ATOM   448 C CE2 . TYR A 1 85  ? -12.874 -8.592  25.527  1.00 21.24 ? 467 TYR A CE2 1 
ATOM   449 C CZ  . TYR A 1 85  ? -13.535 -7.997  26.590  1.00 23.08 ? 467 TYR A CZ  1 
ATOM   450 O OH  . TYR A 1 85  ? -14.183 -6.789  26.431  1.00 28.68 ? 467 TYR A OH  1 
ATOM   451 N N   . ARG A 1 86  ? -11.271 -13.938 29.531  1.00 19.47 ? 468 ARG A N   1 
ATOM   452 C CA  . ARG A 1 86  ? -11.228 -15.357 29.900  1.00 20.91 ? 468 ARG A CA  1 
ATOM   453 C C   . ARG A 1 86  ? -11.678 -16.160 28.680  1.00 20.06 ? 468 ARG A C   1 
ATOM   454 O O   . ARG A 1 86  ? -12.678 -15.789 28.034  1.00 20.79 ? 468 ARG A O   1 
ATOM   455 C CB  . ARG A 1 86  ? -12.163 -15.660 31.058  1.00 24.40 ? 468 ARG A CB  1 
ATOM   456 C CG  . ARG A 1 86  ? -11.632 -15.226 32.375  1.00 25.08 ? 468 ARG A CG  1 
ATOM   457 C CD  . ARG A 1 86  ? -12.620 -15.589 33.430  1.00 26.32 ? 468 ARG A CD  1 
ATOM   458 N NE  . ARG A 1 86  ? -13.867 -14.864 33.222  1.00 26.98 ? 468 ARG A NE  1 
ATOM   459 C CZ  . ARG A 1 86  ? -15.053 -15.437 33.112  1.00 28.66 ? 468 ARG A CZ  1 
ATOM   460 N NH1 . ARG A 1 86  ? -15.159 -16.759 33.198  1.00 31.04 ? 468 ARG A NH1 1 
ATOM   461 N NH2 . ARG A 1 86  ? -16.123 -14.693 32.882  1.00 30.88 ? 468 ARG A NH2 1 
ATOM   462 N N   . GLU A 1 87  ? -10.969 -17.251 28.397  1.00 20.24 ? 469 GLU A N   1 
ATOM   463 C CA  . GLU A 1 87  ? -11.263 -18.092 27.227  1.00 22.31 ? 469 GLU A CA  1 
ATOM   464 C C   . GLU A 1 87  ? -12.711 -18.570 27.157  1.00 23.51 ? 469 GLU A C   1 
ATOM   465 O O   . GLU A 1 87  ? -13.264 -18.722 26.045  1.00 23.31 ? 469 GLU A O   1 
ATOM   466 C CB  . GLU A 1 87  ? -10.329 -19.312 27.243  1.00 24.39 ? 469 GLU A CB  1 
ATOM   467 C CG  . GLU A 1 87  ? -8.898  -19.061 26.770  1.00 26.33 ? 469 GLU A CG  1 
ATOM   468 C CD  . GLU A 1 87  ? -8.064  -18.190 27.720  1.00 29.29 ? 469 GLU A CD  1 
ATOM   469 O OE1 . GLU A 1 87  ? -8.503  -17.972 28.857  1.00 31.17 ? 469 GLU A OE1 1 
ATOM   470 O OE2 . GLU A 1 87  ? -6.966  -17.752 27.309  1.00 33.54 ? 469 GLU A OE2 1 
ATOM   471 N N   . GLU A 1 88  ? -13.334 -18.796 28.296  1.00 23.98 ? 470 GLU A N   1 
ATOM   472 C CA  . GLU A 1 88  ? -14.696 -19.314 28.352  1.00 25.96 ? 470 GLU A CA  1 
ATOM   473 C C   . GLU A 1 88  ? -15.799 -18.255 28.273  1.00 25.46 ? 470 GLU A C   1 
ATOM   474 O O   . GLU A 1 88  ? -16.978 -18.598 28.226  1.00 26.98 ? 470 GLU A O   1 
ATOM   475 C CB  . GLU A 1 88  ? -14.856 -20.137 29.638  1.00 27.42 ? 470 GLU A CB  1 
ATOM   476 C CG  . GLU A 1 88  ? -14.673 -19.306 30.959  1.00 28.45 ? 470 GLU A CG  1 
ATOM   477 C CD  . GLU A 1 88  ? -13.252 -19.252 31.486  1.00 29.26 ? 470 GLU A CD  1 
ATOM   478 O OE1 . GLU A 1 88  ? -12.295 -19.359 30.714  1.00 28.48 ? 470 GLU A OE1 1 
ATOM   479 O OE2 . GLU A 1 88  ? -13.086 -19.082 32.724  1.00 29.91 ? 470 GLU A OE2 1 
ATOM   480 N N   . SER A 1 89  ? -15.426 -16.975 28.228  1.00 23.45 ? 471 SER A N   1 
ATOM   481 C CA  . SER A 1 89  ? -16.412 -15.896 28.220  1.00 23.21 ? 471 SER A CA  1 
ATOM   482 C C   . SER A 1 89  ? -17.073 -15.566 26.885  1.00 23.18 ? 471 SER A C   1 
ATOM   483 O O   . SER A 1 89  ? -16.499 -15.819 25.813  1.00 22.08 ? 471 SER A O   1 
ATOM   484 C CB  . SER A 1 89  ? -15.785 -14.592 28.765  1.00 21.89 ? 471 SER A CB  1 
ATOM   485 O OG  . SER A 1 89  ? -14.809 -14.027 27.898  1.00 19.75 ? 471 SER A OG  1 
ATOM   486 N N   . GLU A 1 90  ? -18.263 -14.977 26.971  1.00 24.25 ? 472 GLU A N   1 
ATOM   487 C CA  . GLU A 1 90  ? -18.977 -14.567 25.747  1.00 23.54 ? 472 GLU A CA  1 
ATOM   488 C C   . GLU A 1 90  ? -18.140 -13.479 25.050  1.00 23.44 ? 472 GLU A C   1 
ATOM   489 O O   . GLU A 1 90  ? -18.060 -13.397 23.822  1.00 22.02 ? 472 GLU A O   1 
ATOM   490 C CB  . GLU A 1 90  ? -20.360 -14.022 26.086  1.00 28.09 ? 472 GLU A CB  1 
ATOM   491 C CG  . GLU A 1 90  ? -20.326 -12.863 27.035  1.00 34.00 ? 472 GLU A CG  1 
ATOM   492 C CD  . GLU A 1 90  ? -21.490 -12.861 28.015  1.00 37.51 ? 472 GLU A CD  1 
ATOM   493 O OE1 . GLU A 1 90  ? -21.398 -13.542 29.062  1.00 40.01 ? 472 GLU A OE1 1 
ATOM   494 O OE2 . GLU A 1 90  ? -22.494 -12.172 27.733  1.00 40.27 ? 472 GLU A OE2 1 
ATOM   495 N N   . GLU A 1 91  ? -17.478 -12.634 25.833  1.00 20.72 ? 473 GLU A N   1 
ATOM   496 C CA  . GLU A 1 91  ? -16.625 -11.610 25.256  1.00 19.81 ? 473 GLU A CA  1 
ATOM   497 C C   . GLU A 1 91  ? -15.476 -12.195 24.398  1.00 18.34 ? 473 GLU A C   1 
ATOM   498 O O   . GLU A 1 91  ? -15.126 -11.653 23.339  1.00 18.00 ? 473 GLU A O   1 
ATOM   499 C CB  . GLU A 1 91  ? -15.996 -10.757 26.379  1.00 21.54 ? 473 GLU A CB  1 
ATOM   500 C CG  . GLU A 1 91  ? -16.940 -9.768  27.030  1.00 23.64 ? 473 GLU A CG  1 
ATOM   501 C CD  . GLU A 1 91  ? -17.910 -10.418 28.017  1.00 24.61 ? 473 GLU A CD  1 
ATOM   502 O OE1 . GLU A 1 91  ? -17.781 -11.622 28.323  1.00 25.08 ? 473 GLU A OE1 1 
ATOM   503 O OE2 . GLU A 1 91  ? -18.830 -9.690  28.501  1.00 28.48 ? 473 GLU A OE2 1 
ATOM   504 N N   . TYR A 1 92  ? -14.854 -13.276 24.882  1.00 18.15 ? 474 TYR A N   1 
ATOM   505 C CA  . TYR A 1 92  ? -13.761 -13.903 24.155  1.00 17.92 ? 474 TYR A CA  1 
ATOM   506 C C   . TYR A 1 92  ? -14.318 -14.453 22.840  1.00 18.01 ? 474 TYR A C   1 
ATOM   507 O O   . TYR A 1 92  ? -13.665 -14.301 21.814  1.00 18.49 ? 474 TYR A O   1 
ATOM   508 C CB  . TYR A 1 92  ? -13.149 -15.031 24.983  1.00 19.16 ? 474 TYR A CB  1 
ATOM   509 C CG  . TYR A 1 92  ? -11.922 -15.645 24.361  1.00 18.08 ? 474 TYR A CG  1 
ATOM   510 C CD1 . TYR A 1 92  ? -12.014 -16.654 23.420  1.00 17.14 ? 474 TYR A CD1 1 
ATOM   511 C CD2 . TYR A 1 92  ? -10.643 -15.235 24.742  1.00 18.32 ? 474 TYR A CD2 1 
ATOM   512 C CE1 . TYR A 1 92  ? -10.878 -17.223 22.887  1.00 19.46 ? 474 TYR A CE1 1 
ATOM   513 C CE2 . TYR A 1 92  ? -9.495  -15.812 24.229  1.00 19.10 ? 474 TYR A CE2 1 
ATOM   514 C CZ  . TYR A 1 92  ? -9.611  -16.807 23.299  1.00 20.20 ? 474 TYR A CZ  1 
ATOM   515 O OH  . TYR A 1 92  ? -8.486  -17.390 22.803  1.00 22.62 ? 474 TYR A OH  1 
ATOM   516 N N   . MET A 1 93  ? -15.514 -15.042 22.905  1.00 18.50 ? 475 MET A N   1 
ATOM   517 C CA  . MET A 1 93  ? -16.145 -15.593 21.685  1.00 20.01 ? 475 MET A CA  1 
ATOM   518 C C   . MET A 1 93  ? -16.404 -14.486 20.679  1.00 20.43 ? 475 MET A C   1 
ATOM   519 O O   . MET A 1 93  ? -16.109 -14.657 19.480  1.00 20.00 ? 475 MET A O   1 
ATOM   520 C CB  . MET A 1 93  ? -17.418 -16.301 22.071  1.00 23.08 ? 475 MET A CB  1 
ATOM   521 C CG  . MET A 1 93  ? -17.970 -17.072 20.878  1.00 27.42 ? 475 MET A CG  1 
ATOM   522 S SD  . MET A 1 93  ? -19.341 -18.064 21.404  1.00 35.71 ? 475 MET A SD  1 
ATOM   523 C CE  . MET A 1 93  ? -20.574 -16.789 21.460  1.00 35.70 ? 475 MET A CE  1 
ATOM   524 N N   . ALA A 1 94  ? -16.924 -13.351 21.122  1.00 18.40 ? 476 ALA A N   1 
ATOM   525 C CA  . ALA A 1 94  ? -17.152 -12.239 20.194  1.00 19.09 ? 476 ALA A CA  1 
ATOM   526 C C   . ALA A 1 94  ? -15.873 -11.726 19.572  1.00 19.06 ? 476 ALA A C   1 
ATOM   527 O O   . ALA A 1 94  ? -15.775 -11.451 18.386  1.00 19.78 ? 476 ALA A O   1 
ATOM   528 C CB  . ALA A 1 94  ? -17.893 -11.106 20.899  1.00 20.32 ? 476 ALA A CB  1 
ATOM   529 N N   . ALA A 1 95  ? -14.843 -11.542 20.391  1.00 17.61 ? 477 ALA A N   1 
ATOM   530 C CA  . ALA A 1 95  ? -13.599 -11.079 19.835  1.00 18.13 ? 477 ALA A CA  1 
ATOM   531 C C   . ALA A 1 95  ? -12.966 -12.061 18.866  1.00 16.53 ? 477 ALA A C   1 
ATOM   532 O O   . ALA A 1 95  ? -12.327 -11.644 17.897  1.00 16.94 ? 477 ALA A O   1 
ATOM   533 C CB  . ALA A 1 95  ? -12.599 -10.783 20.988  1.00 19.20 ? 477 ALA A CB  1 
ATOM   534 N N   . ALA A 1 96  ? -13.097 -13.355 19.186  1.00 18.21 ? 478 ALA A N   1 
ATOM   535 C CA  . ALA A 1 96  ? -12.548 -14.393 18.322  1.00 17.11 ? 478 ALA A CA  1 
ATOM   536 C C   . ALA A 1 96  ? -13.233 -14.370 16.949  1.00 17.53 ? 478 ALA A C   1 
ATOM   537 O O   . ALA A 1 96  ? -12.579 -14.477 15.929  1.00 18.56 ? 478 ALA A O   1 
ATOM   538 C CB  . ALA A 1 96  ? -12.692 -15.759 18.971  1.00 19.41 ? 478 ALA A CB  1 
ATOM   539 N N   . ASP A 1 97  ? -14.544 -14.173 16.967  1.00 17.60 ? 479 ASP A N   1 
ATOM   540 C CA  . ASP A 1 97  ? -15.295 -14.123 15.704  1.00 18.81 ? 479 ASP A CA  1 
ATOM   541 C C   . ASP A 1 97  ? -14.772 -12.939 14.871  1.00 18.65 ? 479 ASP A C   1 
ATOM   542 O O   . ASP A 1 97  ? -14.398 -13.103 13.708  1.00 19.61 ? 479 ASP A O   1 
ATOM   543 C CB  . ASP A 1 97  ? -16.752 -13.902 15.990  1.00 20.68 ? 479 ASP A CB  1 
ATOM   544 C CG  . ASP A 1 97  ? -17.568 -13.735 14.721  1.00 25.82 ? 479 ASP A CG  1 
ATOM   545 O OD1 . ASP A 1 97  ? -17.953 -14.759 14.127  1.00 31.91 ? 479 ASP A OD1 1 
ATOM   546 O OD2 . ASP A 1 97  ? -17.809 -12.578 14.321  1.00 30.97 ? 479 ASP A OD2 1 
ATOM   547 N N   . GLU A 1 98  ? -14.670 -11.755 15.469  1.00 17.44 ? 480 GLU A N   1 
ATOM   548 C CA  . GLU A 1 98  ? -14.221 -10.591 14.728  1.00 15.97 ? 480 GLU A CA  1 
ATOM   549 C C   . GLU A 1 98  ? -12.789 -10.736 14.222  1.00 16.19 ? 480 GLU A C   1 
ATOM   550 O O   . GLU A 1 98  ? -12.431 -10.353 13.111  1.00 17.07 ? 480 GLU A O   1 
ATOM   551 C CB  . GLU A 1 98  ? -14.323 -9.304  15.590  1.00 17.76 ? 480 GLU A CB  1 
ATOM   552 C CG  . GLU A 1 98  ? -14.157 -8.020  14.823  1.00 19.43 ? 480 GLU A CG  1 
ATOM   553 C CD  . GLU A 1 98  ? -14.266 -6.769  15.709  1.00 20.91 ? 480 GLU A CD  1 
ATOM   554 O OE1 . GLU A 1 98  ? -14.761 -6.913  16.854  1.00 22.55 ? 480 GLU A OE1 1 
ATOM   555 O OE2 . GLU A 1 98  ? -13.890 -5.681  15.219  1.00 23.52 ? 480 GLU A OE2 1 
ATOM   556 N N   . TYR A 1 99  ? -11.926 -11.241 15.119  1.00 16.43 ? 481 TYR A N   1 
ATOM   557 C CA  . TYR A 1 99  ? -10.569 -11.470 14.748  1.00 16.46 ? 481 TYR A CA  1 
ATOM   558 C C   . TYR A 1 99  ? -10.453 -12.416 13.513  1.00 16.46 ? 481 TYR A C   1 
ATOM   559 O O   . TYR A 1 99  ? -9.665  -12.168 12.607  1.00 16.50 ? 481 TYR A O   1 
ATOM   560 C CB  . TYR A 1 99  ? -9.831  -12.055 15.971  1.00 17.10 ? 481 TYR A CB  1 
ATOM   561 C CG  . TYR A 1 99  ? -8.391  -12.391 15.698  1.00 15.53 ? 481 TYR A CG  1 
ATOM   562 C CD1 . TYR A 1 99  ? -7.388  -11.420 15.768  1.00 16.95 ? 481 TYR A CD1 1 
ATOM   563 C CD2 . TYR A 1 99  ? -8.031  -13.695 15.388  1.00 16.55 ? 481 TYR A CD2 1 
ATOM   564 C CE1 . TYR A 1 99  ? -6.052  -11.759 15.544  1.00 17.45 ? 481 TYR A CE1 1 
ATOM   565 C CE2 . TYR A 1 99  ? -6.708  -14.047 15.163  1.00 18.65 ? 481 TYR A CE2 1 
ATOM   566 C CZ  . TYR A 1 99  ? -5.727  -13.067 15.252  1.00 17.53 ? 481 TYR A CZ  1 
ATOM   567 O OH  . TYR A 1 99  ? -4.409  -13.414 15.087  1.00 22.06 ? 481 TYR A OH  1 
ATOM   568 N N   . ASN A 1 100 ? -11.207 -13.521 13.567  1.00 16.13 ? 482 ASN A N   1 
ATOM   569 C CA  . ASN A 1 100 ? -11.181 -14.483 12.480  1.00 16.18 ? 482 ASN A CA  1 
ATOM   570 C C   . ASN A 1 100 ? -11.727 -13.896 11.186  1.00 16.06 ? 482 ASN A C   1 
ATOM   571 O O   . ASN A 1 100 ? -11.200 -14.260 10.114  1.00 17.17 ? 482 ASN A O   1 
ATOM   572 C CB  . ASN A 1 100 ? -11.941 -15.733 12.868  1.00 17.17 ? 482 ASN A CB  1 
ATOM   573 C CG  . ASN A 1 100 ? -11.198 -16.568 13.909  1.00 18.03 ? 482 ASN A CG  1 
ATOM   574 O OD1 . ASN A 1 100 ? -9.963  -16.584 13.947  1.00 18.90 ? 482 ASN A OD1 1 
ATOM   575 N ND2 . ASN A 1 100 ? -11.947 -17.302 14.706  1.00 18.83 ? 482 ASN A ND2 1 
ATOM   576 N N   . ARG A 1 101 ? -12.651 -12.953 11.291  1.00 17.69 ? 483 ARG A N   1 
ATOM   577 C CA  . ARG A 1 101 ? -13.146 -12.301 10.068  1.00 18.91 ? 483 ARG A CA  1 
ATOM   578 C C   . ARG A 1 101 ? -12.029 -11.485 9.460   1.00 18.94 ? 483 ARG A C   1 
ATOM   579 O O   . ARG A 1 101 ? -11.845 -11.469 8.242   1.00 19.66 ? 483 ARG A O   1 
ATOM   580 C CB  . ARG A 1 101 ? -14.338 -11.386 10.327  1.00 20.09 ? 483 ARG A CB  1 
ATOM   581 C CG  . ARG A 1 101 ? -15.417 -12.010 11.087  1.00 24.77 ? 483 ARG A CG  1 
ATOM   582 C CD  . ARG A 1 101 ? -15.953 -13.227 10.385  1.00 26.28 ? 483 ARG A CD  1 
ATOM   583 N NE  . ARG A 1 101 ? -16.982 -13.878 11.183  1.00 27.21 ? 483 ARG A NE  1 
ATOM   584 C CZ  . ARG A 1 101 ? -17.818 -14.799 10.717  1.00 26.80 ? 483 ARG A CZ  1 
ATOM   585 N NH1 . ARG A 1 101 ? -17.744 -15.187 9.434   1.00 27.53 ? 483 ARG A NH1 1 
ATOM   586 N NH2 . ARG A 1 101 ? -18.715 -15.307 11.539  1.00 26.13 ? 483 ARG A NH2 1 
ATOM   587 N N   . LEU A 1 102 ? -11.248 -10.769 10.279  1.00 18.55 ? 484 LEU A N   1 
ATOM   588 C CA  . LEU A 1 102 ? -10.160 -9.999  9.697   1.00 19.50 ? 484 LEU A CA  1 
ATOM   589 C C   . LEU A 1 102 ? -9.040  -10.885 9.147   1.00 18.63 ? 484 LEU A C   1 
ATOM   590 O O   . LEU A 1 102 ? -8.404  -10.529 8.170   1.00 19.06 ? 484 LEU A O   1 
ATOM   591 C CB  . LEU A 1 102 ? -9.586  -8.980  10.717  1.00 20.76 ? 484 LEU A CB  1 
ATOM   592 C CG  . LEU A 1 102 ? -10.591 -7.894  11.114  1.00 24.01 ? 484 LEU A CG  1 
ATOM   593 C CD1 . LEU A 1 102 ? -10.095 -7.144  12.355  1.00 26.66 ? 484 LEU A CD1 1 
ATOM   594 C CD2 . LEU A 1 102 ? -10.834 -6.949  9.926   1.00 26.96 ? 484 LEU A CD2 1 
ATOM   595 N N   . LYS A 1 103 ? -8.776  -12.027 9.790   1.00 19.09 ? 485 LYS A N   1 
ATOM   596 C CA  . LYS A 1 103 ? -7.777  -12.926 9.253   1.00 18.08 ? 485 LYS A CA  1 
ATOM   597 C C   . LYS A 1 103 ? -8.313  -13.485 7.899   1.00 19.27 ? 485 LYS A C   1 
ATOM   598 O O   . LYS A 1 103 ? -7.543  -13.704 6.971   1.00 20.54 ? 485 LYS A O   1 
ATOM   599 C CB  . LYS A 1 103 ? -7.486  -14.075 10.233  1.00 19.51 ? 485 LYS A CB  1 
ATOM   600 C CG  . LYS A 1 103 ? -6.613  -13.626 11.433  1.00 21.82 ? 485 LYS A CG  1 
ATOM   601 C CD  . LYS A 1 103 ? -5.291  -13.184 10.925  1.00 25.54 ? 485 LYS A CD  1 
ATOM   602 C CE  . LYS A 1 103 ? -4.325  -12.724 12.000  1.00 29.97 ? 485 LYS A CE  1 
ATOM   603 N NZ  . LYS A 1 103 ? -2.979  -12.699 11.361  1.00 34.15 ? 485 LYS A NZ  1 
ATOM   604 N N   . GLN A 1 104 ? -9.627  -13.672 7.809   1.00 19.34 ? 486 GLN A N   1 
ATOM   605 C CA  . GLN A 1 104 ? -10.192 -14.181 6.552   1.00 19.06 ? 486 GLN A CA  1 
ATOM   606 C C   . GLN A 1 104 ? -9.959  -13.106 5.493   1.00 19.97 ? 486 GLN A C   1 
ATOM   607 O O   . GLN A 1 104 ? -9.609  -13.419 4.355   1.00 20.61 ? 486 GLN A O   1 
ATOM   608 C CB  . GLN A 1 104 ? -11.686 -14.443 6.728   1.00 19.77 ? 486 GLN A CB  1 
ATOM   609 C CG  . GLN A 1 104 ? -12.395 -15.030 5.470   1.00 20.97 ? 486 GLN A CG  1 
ATOM   610 C CD  . GLN A 1 104 ? -12.787 -13.998 4.441   1.00 22.20 ? 486 GLN A CD  1 
ATOM   611 O OE1 . GLN A 1 104 ? -13.175 -12.896 4.768   1.00 24.96 ? 486 GLN A OE1 1 
ATOM   612 N NE2 . GLN A 1 104 ? -12.709 -14.381 3.160   1.00 28.18 ? 486 GLN A NE2 1 
ATOM   613 N N   . VAL A 1 105 ? -10.116 -11.831 5.857   1.00 20.13 ? 487 VAL A N   1 
ATOM   614 C CA  . VAL A 1 105 ? -9.858  -10.759 4.887   1.00 20.73 ? 487 VAL A CA  1 
ATOM   615 C C   . VAL A 1 105 ? -8.395  -10.751 4.455   1.00 22.01 ? 487 VAL A C   1 
ATOM   616 O O   . VAL A 1 105 ? -8.081  -10.577 3.267   1.00 23.27 ? 487 VAL A O   1 
ATOM   617 C CB  . VAL A 1 105 ? -10.218 -9.398  5.479   1.00 19.71 ? 487 VAL A CB  1 
ATOM   618 C CG1 . VAL A 1 105 ? -9.693  -8.253  4.595   1.00 20.84 ? 487 VAL A CG1 1 
ATOM   619 C CG2 . VAL A 1 105 ? -11.704 -9.312  5.669   1.00 20.75 ? 487 VAL A CG2 1 
ATOM   620 N N   . LYS A 1 106 ? -7.482  -10.929 5.416   1.00 22.97 ? 488 LYS A N   1 
ATOM   621 C CA  . LYS A 1 106 ? -6.064  -10.928 5.074   1.00 27.11 ? 488 LYS A CA  1 
ATOM   622 C C   . LYS A 1 106 ? -5.614  -12.054 4.192   1.00 29.36 ? 488 LYS A C   1 
ATOM   623 O O   . LYS A 1 106 ? -4.635  -11.897 3.451   1.00 30.53 ? 488 LYS A O   1 
ATOM   624 C CB  . LYS A 1 106 ? -5.180  -10.932 6.321   1.00 27.77 ? 488 LYS A CB  1 
ATOM   625 C CG  . LYS A 1 106 ? -4.916  -9.586  6.918   1.00 31.55 ? 488 LYS A CG  1 
ATOM   626 C CD  . LYS A 1 106 ? -3.755  -9.633  7.928   1.00 32.78 ? 488 LYS A CD  1 
ATOM   627 C CE  . LYS A 1 106 ? -2.426  -9.828  7.262   1.00 33.17 ? 488 LYS A CE  1 
ATOM   628 N NZ  . LYS A 1 106 ? -1.301  -9.873  8.246   1.00 34.50 ? 488 LYS A NZ  1 
ATOM   629 N N   . GLY A 1 107 ? -6.305  -13.189 4.268   1.00 30.64 ? 489 GLY A N   1 
ATOM   630 C CA  . GLY A 1 107 ? -5.952  -14.329 3.448   1.00 31.82 ? 489 GLY A CA  1 
ATOM   631 C C   . GLY A 1 107 ? -6.758  -14.337 2.159   1.00 31.71 ? 489 GLY A C   1 
ATOM   632 O O   . GLY A 1 107 ? -6.600  -15.244 1.334   1.00 34.18 ? 489 GLY A O   1 
ATOM   633 N N   . SER A 1 108 ? -7.600  -13.321 1.981   1.00 32.70 ? 490 SER A N   1 
ATOM   634 C CA  . SER A 1 108 ? -8.476  -13.205 0.802   1.00 31.22 ? 490 SER A CA  1 
ATOM   635 C C   . SER A 1 108 ? -7.798  -12.692 -0.460  1.00 33.22 ? 490 SER A C   1 
ATOM   636 O O   . SER A 1 108 ? -6.720  -12.109 -0.421  1.00 32.06 ? 490 SER A O   1 
ATOM   637 C CB  . SER A 1 108 ? -9.684  -12.307 1.094   1.00 32.64 ? 490 SER A CB  1 
ATOM   638 O OG  . SER A 1 108 ? -9.362  -10.916 1.033   1.00 32.15 ? 490 SER A OG  1 
ATOM   639 N N   . ALA A 1 109 ? -8.453  -12.920 -1.590  1.00 33.99 ? 491 ALA A N   1 
ATOM   640 C CA  . ALA A 1 109 ? -7.914  -12.487 -2.866  1.00 34.53 ? 491 ALA A CA  1 
ATOM   641 C C   . ALA A 1 109 ? -7.920  -10.973 -3.009  1.00 35.52 ? 491 ALA A C   1 
ATOM   642 O O   . ALA A 1 109 ? -6.987  -10.424 -3.589  1.00 35.37 ? 491 ALA A O   1 
ATOM   643 C CB  . ALA A 1 109 ? -8.699  -13.121 -4.008  1.00 34.68 ? 491 ALA A CB  1 
ATOM   644 N N   . ASP A 1 110 ? -8.949  -10.301 -2.487  1.00 36.10 ? 492 ASP A N   1 
ATOM   645 C CA  . ASP A 1 110 ? -9.034  -8.839  -2.584  1.00 36.62 ? 492 ASP A CA  1 
ATOM   646 C C   . ASP A 1 110 ? -7.887  -8.190  -1.818  1.00 35.86 ? 492 ASP A C   1 
ATOM   647 O O   . ASP A 1 110 ? -7.342  -7.161  -2.241  1.00 35.72 ? 492 ASP A O   1 
ATOM   648 C CB  . ASP A 1 110 ? -10.369 -8.330  -2.037  1.00 39.38 ? 492 ASP A CB  1 
ATOM   649 C CG  . ASP A 1 110 ? -10.655 -6.896  -2.442  1.00 42.12 ? 492 ASP A CG  1 
ATOM   650 O OD1 . ASP A 1 110 ? -10.554 -6.597  -3.655  1.00 44.29 ? 492 ASP A OD1 1 
ATOM   651 O OD2 . ASP A 1 110 ? -10.979 -6.061  -1.563  1.00 43.91 ? 492 ASP A OD2 1 
ATOM   652 N N   . TYR A 1 111 ? -7.522  -8.787  -0.692  1.00 33.40 ? 493 TYR A N   1 
ATOM   653 C CA  . TYR A 1 111 ? -6.420  -8.258  0.086   1.00 31.35 ? 493 TYR A CA  1 
ATOM   654 C C   . TYR A 1 111 ? -5.107  -8.530  -0.662  1.00 31.52 ? 493 TYR A C   1 
ATOM   655 O O   . TYR A 1 111 ? -4.268  -7.641  -0.788  1.00 29.83 ? 493 TYR A O   1 
ATOM   656 C CB  . TYR A 1 111 ? -6.413  -8.895  1.476   1.00 29.77 ? 493 TYR A CB  1 
ATOM   657 C CG  . TYR A 1 111 ? -5.258  -8.474  2.344   1.00 29.01 ? 493 TYR A CG  1 
ATOM   658 C CD1 . TYR A 1 111 ? -4.001  -9.033  2.175   1.00 28.24 ? 493 TYR A CD1 1 
ATOM   659 C CD2 . TYR A 1 111 ? -5.427  -7.528  3.337   1.00 27.21 ? 493 TYR A CD2 1 
ATOM   660 C CE1 . TYR A 1 111 ? -2.944  -8.673  2.978   1.00 29.10 ? 493 TYR A CE1 1 
ATOM   661 C CE2 . TYR A 1 111 ? -4.374  -7.151  4.144   1.00 27.52 ? 493 TYR A CE2 1 
ATOM   662 C CZ  . TYR A 1 111 ? -3.133  -7.737  3.961   1.00 28.95 ? 493 TYR A CZ  1 
ATOM   663 O OH  . TYR A 1 111 ? -2.091  -7.407  4.790   1.00 30.22 ? 493 TYR A OH  1 
ATOM   664 N N   . LYS A 1 112 ? -4.947  -9.752  -1.173  1.00 32.23 ? 494 LYS A N   1 
ATOM   665 C CA  . LYS A 1 112 ? -3.748  -10.137 -1.915  1.00 34.52 ? 494 LYS A CA  1 
ATOM   666 C C   . LYS A 1 112 ? -3.533  -9.207  -3.101  1.00 33.67 ? 494 LYS A C   1 
ATOM   667 O O   . LYS A 1 112 ? -2.397  -8.813  -3.396  1.00 34.07 ? 494 LYS A O   1 
ATOM   668 C CB  . LYS A 1 112 ? -3.882  -11.576 -2.427  1.00 35.44 ? 494 LYS A CB  1 
ATOM   669 C CG  . LYS A 1 112 ? -3.086  -12.628 -1.651  1.00 38.73 ? 494 LYS A CG  1 
ATOM   670 C CD  . LYS A 1 112 ? -3.364  -12.590 -0.155  1.00 40.13 ? 494 LYS A CD  1 
ATOM   671 C CE  . LYS A 1 112 ? -2.490  -11.566 0.575   1.00 40.72 ? 494 LYS A CE  1 
ATOM   672 N NZ  . LYS A 1 112 ? -1.056  -11.977 0.702   1.00 41.29 ? 494 LYS A NZ  1 
ATOM   673 N N   . SER A 1 113 ? -4.631  -8.863  -3.763  1.00 33.47 ? 495 SER A N   1 
ATOM   674 C CA  . SER A 1 113 ? -4.616  -7.980  -4.918  1.00 34.01 ? 495 SER A CA  1 
ATOM   675 C C   . SER A 1 113 ? -4.145  -6.577  -4.542  1.00 33.79 ? 495 SER A C   1 
ATOM   676 O O   . SER A 1 113 ? -3.354  -5.969  -5.263  1.00 33.51 ? 495 SER A O   1 
ATOM   677 C CB  . SER A 1 113 ? -6.017  -7.902  -5.522  1.00 34.03 ? 495 SER A CB  1 
ATOM   678 O OG  . SER A 1 113 ? -6.033  -7.051  -6.658  1.00 36.79 ? 495 SER A OG  1 
ATOM   679 N N   . LYS A 1 114 ? -4.651  -6.058  -3.425  1.00 32.44 ? 496 LYS A N   1 
ATOM   680 C CA  . LYS A 1 114 ? -4.257  -4.719  -2.978  1.00 32.23 ? 496 LYS A CA  1 
ATOM   681 C C   . LYS A 1 114 ? -2.785  -4.696  -2.614  1.00 32.00 ? 496 LYS A C   1 
ATOM   682 O O   . LYS A 1 114 ? -2.072  -3.729  -2.917  1.00 30.60 ? 496 LYS A O   1 
ATOM   683 C CB  . LYS A 1 114 ? -5.108  -4.278  -1.780  1.00 33.26 ? 496 LYS A CB  1 
ATOM   684 C CG  . LYS A 1 114 ? -6.505  -3.802  -2.180  1.00 33.68 ? 496 LYS A CG  1 
ATOM   685 C CD  . LYS A 1 114 ? -7.372  -3.574  -0.966  1.00 36.46 ? 496 LYS A CD  1 
ATOM   686 C CE  . LYS A 1 114 ? -8.687  -2.943  -1.361  1.00 36.83 ? 496 LYS A CE  1 
ATOM   687 N NZ  . LYS A 1 114 ? -8.519  -1.549  -1.836  1.00 37.80 ? 496 LYS A NZ  1 
ATOM   688 N N   . LYS A 1 115 ? -2.317  -5.754  -1.971  1.00 31.04 ? 497 LYS A N   1 
ATOM   689 C CA  . LYS A 1 115 ? -0.919  -5.823  -1.598  1.00 31.56 ? 497 LYS A CA  1 
ATOM   690 C C   . LYS A 1 115 ? -0.066  -5.847  -2.868  1.00 32.16 ? 497 LYS A C   1 
ATOM   691 O O   . LYS A 1 115 ? 0.991   -5.210  -2.907  1.00 30.90 ? 497 LYS A O   1 
ATOM   692 C CB  . LYS A 1 115 ? -0.630  -7.056  -0.745  1.00 33.16 ? 497 LYS A CB  1 
ATOM   693 C CG  . LYS A 1 115 ? 0.805   -7.112  -0.227  1.00 35.71 ? 497 LYS A CG  1 
ATOM   694 C CD  . LYS A 1 115 ? 1.049   -8.279  0.705   1.00 39.10 ? 497 LYS A CD  1 
ATOM   695 C CE  . LYS A 1 115 ? 0.701   -7.935  2.146   1.00 41.40 ? 497 LYS A CE  1 
ATOM   696 N NZ  . LYS A 1 115 ? 1.069   -9.037  3.098   1.00 44.06 ? 497 LYS A NZ  1 
ATOM   697 N N   . ASN A 1 116 ? -0.531  -6.579  -3.883  1.00 31.87 ? 498 ASN A N   1 
ATOM   698 C CA  . ASN A 1 116 ? 0.182   -6.675  -5.171  1.00 33.24 ? 498 ASN A CA  1 
ATOM   699 C C   . ASN A 1 116 ? 0.154   -5.350  -5.920  1.00 32.82 ? 498 ASN A C   1 
ATOM   700 O O   . ASN A 1 116 ? 1.127   -4.990  -6.572  1.00 32.46 ? 498 ASN A O   1 
ATOM   701 C CB  . ASN A 1 116 ? -0.437  -7.747  -6.081  1.00 35.77 ? 498 ASN A CB  1 
ATOM   702 C CG  . ASN A 1 116 ? -0.127  -9.164  -5.620  1.00 38.24 ? 498 ASN A CG  1 
ATOM   703 O OD1 . ASN A 1 116 ? 0.885   -9.413  -4.971  1.00 41.19 ? 498 ASN A OD1 1 
ATOM   704 N ND2 . ASN A 1 116 ? -0.997  -10.100 -5.973  1.00 41.33 ? 498 ASN A ND2 1 
ATOM   705 N N   . HIS A 1 117 ? -0.971  -4.647  -5.861  1.00 32.56 ? 499 HIS A N   1 
ATOM   706 C CA  . HIS A 1 117 ? -1.075  -3.349  -6.524  1.00 33.20 ? 499 HIS A CA  1 
ATOM   707 C C   . HIS A 1 117 ? -0.098  -2.404  -5.828  1.00 33.54 ? 499 HIS A C   1 
ATOM   708 O O   . HIS A 1 117 ? 0.551   -1.564  -6.446  1.00 32.33 ? 499 HIS A O   1 
ATOM   709 C CB  . HIS A 1 117 ? -2.498  -2.805  -6.424  1.00 34.86 ? 499 HIS A CB  1 
ATOM   710 C CG  . HIS A 1 117 ? -2.712  -1.530  -7.179  1.00 36.47 ? 499 HIS A CG  1 
ATOM   711 N ND1 . HIS A 1 117 ? -3.947  -0.923  -7.284  1.00 38.08 ? 499 HIS A ND1 1 
ATOM   712 C CD2 . HIS A 1 117 ? -1.858  -0.762  -7.895  1.00 37.79 ? 499 HIS A CD2 1 
ATOM   713 C CE1 . HIS A 1 117 ? -3.843  0.159   -8.033  1.00 37.71 ? 499 HIS A CE1 1 
ATOM   714 N NE2 . HIS A 1 117 ? -2.585  0.279   -8.417  1.00 38.46 ? 499 HIS A NE2 1 
ATOM   715 N N   . CYS A 1 118 ? -0.004  -2.538  -4.517  1.00 33.65 ? 500 CYS A N   1 
ATOM   716 C CA  . CYS A 1 118 ? 0.919   -1.725  -3.748  1.00 34.25 ? 500 CYS A CA  1 
ATOM   717 C C   . CYS A 1 118 ? 2.355   -1.879  -4.196  1.00 34.55 ? 500 CYS A C   1 
ATOM   718 O O   . CYS A 1 118 ? 3.088   -0.902  -4.318  1.00 34.62 ? 500 CYS A O   1 
ATOM   719 C CB  . CYS A 1 118 ? 0.861   -2.122  -2.295  1.00 35.24 ? 500 CYS A CB  1 
ATOM   720 S SG  . CYS A 1 118 ? -0.156  -1.058  -1.404  1.00 38.02 ? 500 CYS A SG  1 
ATOM   721 N N   . LYS A 1 119 ? 2.769   -3.124  -4.391  1.00 34.84 ? 501 LYS A N   1 
ATOM   722 C CA  . LYS A 1 119 ? 4.138   -3.390  -4.785  1.00 35.89 ? 501 LYS A CA  1 
ATOM   723 C C   . LYS A 1 119 ? 4.430   -2.905  -6.192  1.00 35.17 ? 501 LYS A C   1 
ATOM   724 O O   . LYS A 1 119 ? 5.501   -2.353  -6.446  1.00 34.94 ? 501 LYS A O   1 
ATOM   725 C CB  . LYS A 1 119 ? 4.448   -4.878  -4.662  1.00 37.58 ? 501 LYS A CB  1 
ATOM   726 C CG  . LYS A 1 119 ? 4.212   -5.422  -3.274  1.00 40.33 ? 501 LYS A CG  1 
ATOM   727 C CD  . LYS A 1 119 ? 5.079   -6.637  -3.020  1.00 42.76 ? 501 LYS A CD  1 
ATOM   728 C CE  . LYS A 1 119 ? 6.485   -6.190  -2.686  1.00 44.26 ? 501 LYS A CE  1 
ATOM   729 N NZ  . LYS A 1 119 ? 6.447   -5.369  -1.442  1.00 46.09 ? 501 LYS A NZ  1 
ATOM   730 N N   . GLN A 1 120 ? 3.484   -3.105  -7.103  1.00 34.59 ? 502 GLN A N   1 
ATOM   731 C CA  . GLN A 1 120 ? 3.667   -2.673  -8.484  1.00 34.86 ? 502 GLN A CA  1 
ATOM   732 C C   . GLN A 1 120 ? 3.711   -1.147  -8.559  1.00 32.98 ? 502 GLN A C   1 
ATOM   733 O O   . GLN A 1 120 ? 4.476   -0.582  -9.337  1.00 31.78 ? 502 GLN A O   1 
ATOM   734 C CB  . GLN A 1 120 ? 2.541   -3.210  -9.370  1.00 36.52 ? 502 GLN A CB  1 
ATOM   735 C CG  . GLN A 1 120 ? 1.309   -2.328  -9.496  1.00 41.57 ? 502 GLN A CG  1 
ATOM   736 C CD  . GLN A 1 120 ? 1.263   -1.552  -10.813 1.00 44.13 ? 502 GLN A CD  1 
ATOM   737 O OE1 . GLN A 1 120 ? 1.397   -2.131  -11.898 1.00 46.05 ? 502 GLN A OE1 1 
ATOM   738 N NE2 . GLN A 1 120 ? 1.056   -0.238  -10.725 1.00 46.05 ? 502 GLN A NE2 1 
ATOM   739 N N   . LEU A 1 121 ? 2.896   -0.478  -7.746  1.00 32.02 ? 503 LEU A N   1 
ATOM   740 C CA  . LEU A 1 121 ? 2.899   0.977   -7.732  1.00 30.07 ? 503 LEU A CA  1 
ATOM   741 C C   . LEU A 1 121 ? 4.226   1.459   -7.155  1.00 29.78 ? 503 LEU A C   1 
ATOM   742 O O   . LEU A 1 121 ? 4.795   2.438   -7.643  1.00 29.22 ? 503 LEU A O   1 
ATOM   743 C CB  . LEU A 1 121 ? 1.730   1.528   -6.891  1.00 29.87 ? 503 LEU A CB  1 
ATOM   744 C CG  . LEU A 1 121 ? 0.459   1.916   -7.646  1.00 30.93 ? 503 LEU A CG  1 
ATOM   745 C CD1 . LEU A 1 121 ? -0.632  2.318   -6.650  1.00 31.04 ? 503 LEU A CD1 1 
ATOM   746 C CD2 . LEU A 1 121 ? 0.753   3.091   -8.588  1.00 31.32 ? 503 LEU A CD2 1 
ATOM   747 N N   . LYS A 1 122 ? 4.752   0.776   -6.142  1.00 29.86 ? 504 LYS A N   1 
ATOM   748 C CA  . LYS A 1 122 ? 6.010   1.222   -5.555  1.00 30.25 ? 504 LYS A CA  1 
ATOM   749 C C   . LYS A 1 122 ? 7.107   1.133   -6.619  1.00 30.22 ? 504 LYS A C   1 
ATOM   750 O O   . LYS A 1 122 ? 7.971   2.008   -6.701  1.00 29.50 ? 504 LYS A O   1 
ATOM   751 C CB  . LYS A 1 122 ? 6.383   0.374   -4.333  1.00 32.24 ? 504 LYS A CB  1 
ATOM   752 C CG  . LYS A 1 122 ? 7.511   0.960   -3.492  1.00 35.37 ? 504 LYS A CG  1 
ATOM   753 C CD  . LYS A 1 122 ? 7.716   0.156   -2.222  1.00 37.86 ? 504 LYS A CD  1 
ATOM   754 C CE  . LYS A 1 122 ? 8.963   0.597   -1.451  1.00 38.77 ? 504 LYS A CE  1 
ATOM   755 N NZ  . LYS A 1 122 ? 9.128   -0.192  -0.189  1.00 41.45 ? 504 LYS A NZ  1 
ATOM   756 N N   . SER A 1 123 ? 7.038   0.084   -7.433  1.00 29.76 ? 505 SER A N   1 
ATOM   757 C CA  . SER A 1 123 ? 7.995   -0.147  -8.512  1.00 30.28 ? 505 SER A CA  1 
ATOM   758 C C   . SER A 1 123 ? 7.890   0.953   -9.567  1.00 29.83 ? 505 SER A C   1 
ATOM   759 O O   . SER A 1 123 ? 8.922   1.534   -9.944  1.00 30.64 ? 505 SER A O   1 
ATOM   760 C CB  . SER A 1 123 ? 7.734   -1.520  -9.155  1.00 30.92 ? 505 SER A CB  1 
ATOM   761 O OG  . SER A 1 123 ? 8.516   -1.697  -10.328 1.00 34.75 ? 505 SER A OG  1 
ATOM   762 N N   . LYS A 1 124 ? 6.663   1.223   -10.032 1.00 28.44 ? 506 LYS A N   1 
ATOM   763 C CA  . LYS A 1 124 ? 6.375   2.248   -11.042 1.00 28.36 ? 506 LYS A CA  1 
ATOM   764 C C   . LYS A 1 124 ? 6.865   3.617   -10.548 1.00 27.50 ? 506 LYS A C   1 
ATOM   765 O O   . LYS A 1 124 ? 7.565   4.333   -11.264 1.00 26.96 ? 506 LYS A O   1 
ATOM   766 C CB  . LYS A 1 124 ? 4.865   2.289   -11.340 1.00 30.12 ? 506 LYS A CB  1 
ATOM   767 C CG  . LYS A 1 124 ? 4.451   3.173   -12.531 1.00 32.36 ? 506 LYS A CG  1 
ATOM   768 C CD  . LYS A 1 124 ? 2.966   3.037   -12.873 1.00 33.75 ? 506 LYS A CD  1 
ATOM   769 C CE  . LYS A 1 124 ? 2.648   3.632   -14.247 1.00 35.39 ? 506 LYS A CE  1 
ATOM   770 N NZ  . LYS A 1 124 ? 1.181   3.726   -14.538 1.00 37.12 ? 506 LYS A NZ  1 
ATOM   771 N N   . LEU A 1 125 ? 6.502   3.979   -9.323  1.00 24.99 ? 507 LEU A N   1 
ATOM   772 C CA  . LEU A 1 125 ? 6.953   5.252   -8.737  1.00 24.80 ? 507 LEU A CA  1 
ATOM   773 C C   . LEU A 1 125 ? 8.491   5.356   -8.619  1.00 26.13 ? 507 LEU A C   1 
ATOM   774 O O   . LEU A 1 125 ? 9.057   6.417   -8.856  1.00 25.26 ? 507 LEU A O   1 
ATOM   775 C CB  . LEU A 1 125 ? 6.322   5.458   -7.351  1.00 25.08 ? 507 LEU A CB  1 
ATOM   776 C CG  . LEU A 1 125 ? 4.810   5.618   -7.405  1.00 23.99 ? 507 LEU A CG  1 
ATOM   777 C CD1 . LEU A 1 125 ? 4.245   5.547   -5.975  1.00 25.60 ? 507 LEU A CD1 1 
ATOM   778 C CD2 . LEU A 1 125 ? 4.454   6.953   -8.058  1.00 24.58 ? 507 LEU A CD2 1 
ATOM   779 N N   . SER A 1 126 ? 9.146   4.266   -8.214  1.00 26.56 ? 508 SER A N   1 
ATOM   780 C CA  . SER A 1 126 ? 10.594  4.222   -8.080  1.00 26.87 ? 508 SER A CA  1 
ATOM   781 C C   . SER A 1 126 ? 11.234  4.529   -9.429  1.00 26.13 ? 508 SER A C   1 
ATOM   782 O O   . SER A 1 126 ? 12.223  5.279   -9.507  1.00 26.28 ? 508 SER A O   1 
ATOM   783 C CB  . SER A 1 126 ? 11.041  2.834   -7.613  1.00 27.74 ? 508 SER A CB  1 
ATOM   784 O OG  . SER A 1 126 ? 12.457  2.791   -7.524  1.00 31.84 ? 508 SER A OG  1 
ATOM   785 N N   . HIS A 1 127 ? 10.655  3.956   -10.472 1.00 24.85 ? 509 HIS A N   1 
ATOM   786 C CA  . HIS A 1 127 ? 11.127  4.158   -11.850 1.00 25.75 ? 509 HIS A CA  1 
ATOM   787 C C   . HIS A 1 127 ? 10.933  5.597   -12.299 1.00 23.73 ? 509 HIS A C   1 
ATOM   788 O O   . HIS A 1 127 ? 11.833  6.207   -12.883 1.00 23.19 ? 509 HIS A O   1 
ATOM   789 C CB  . HIS A 1 127 ? 10.393  3.254   -12.833 1.00 26.00 ? 509 HIS A CB  1 
ATOM   790 C CG  . HIS A 1 127 ? 10.676  3.578   -14.271 1.00 26.87 ? 509 HIS A CG  1 
ATOM   791 N ND1 . HIS A 1 127 ? 9.783   4.248   -15.080 1.00 27.74 ? 509 HIS A ND1 1 
ATOM   792 C CD2 . HIS A 1 127 ? 11.781  3.364   -15.029 1.00 26.69 ? 509 HIS A CD2 1 
ATOM   793 C CE1 . HIS A 1 127 ? 10.323  4.432   -16.273 1.00 28.31 ? 509 HIS A CE1 1 
ATOM   794 N NE2 . HIS A 1 127 ? 11.533  3.908   -16.265 1.00 28.26 ? 509 HIS A NE2 1 
ATOM   795 N N   . ILE A 1 128 ? 9.741   6.140   -12.059 1.00 23.26 ? 510 ILE A N   1 
ATOM   796 C CA  . ILE A 1 128 ? 9.490   7.517   -12.479 1.00 22.01 ? 510 ILE A CA  1 
ATOM   797 C C   . ILE A 1 128 ? 10.473  8.455   -11.765 1.00 23.06 ? 510 ILE A C   1 
ATOM   798 O O   . ILE A 1 128 ? 11.056  9.366   -12.377 1.00 22.53 ? 510 ILE A O   1 
ATOM   799 C CB  . ILE A 1 128 ? 8.030   7.921   -12.165 1.00 21.88 ? 510 ILE A CB  1 
ATOM   800 C CG1 . ILE A 1 128 ? 7.063   7.137   -13.066 1.00 23.42 ? 510 ILE A CG1 1 
ATOM   801 C CG2 . ILE A 1 128 ? 7.879   9.439   -12.343 1.00 22.63 ? 510 ILE A CG2 1 
ATOM   802 C CD1 . ILE A 1 128 ? 5.572   7.281   -12.698 1.00 24.89 ? 510 ILE A CD1 1 
ATOM   803 N N   . LYS A 1 129 ? 10.719  8.194   -10.492 1.00 23.40 ? 511 LYS A N   1 
ATOM   804 C CA  . LYS A 1 129 ? 11.632  9.023   -9.721  1.00 22.96 ? 511 LYS A CA  1 
ATOM   805 C C   . LYS A 1 129 ? 13.055  8.941   -10.301 1.00 23.11 ? 511 LYS A C   1 
ATOM   806 O O   . LYS A 1 129 ? 13.775  9.925   -10.368 1.00 23.75 ? 511 LYS A O   1 
ATOM   807 C CB  . LYS A 1 129 ? 11.649  8.598   -8.245  1.00 26.35 ? 511 LYS A CB  1 
ATOM   808 C CG  . LYS A 1 129 ? 12.662  9.379   -7.412  1.00 30.42 ? 511 LYS A CG  1 
ATOM   809 C CD  . LYS A 1 129 ? 12.576  9.058   -5.943  1.00 33.96 ? 511 LYS A CD  1 
ATOM   810 C CE  . LYS A 1 129 ? 12.965  10.305  -5.152  1.00 36.58 ? 511 LYS A CE  1 
ATOM   811 N NZ  . LYS A 1 129 ? 12.130  11.466  -5.628  1.00 39.34 ? 511 LYS A NZ  1 
ATOM   812 N N   . LYS A 1 130 ? 13.424  7.746   -10.728 1.00 23.03 ? 512 LYS A N   1 
ATOM   813 C CA  . LYS A 1 130 ? 14.737  7.515   -11.308 1.00 24.51 ? 512 LYS A CA  1 
ATOM   814 C C   . LYS A 1 130 ? 14.862  8.304   -12.602 1.00 23.36 ? 512 LYS A C   1 
ATOM   815 O O   . LYS A 1 130 ? 15.886  8.930   -12.844 1.00 24.56 ? 512 LYS A O   1 
ATOM   816 C CB  . LYS A 1 130 ? 14.933  6.019   -11.608 1.00 26.55 ? 512 LYS A CB  1 
ATOM   817 C CG  . LYS A 1 130 ? 16.262  5.707   -12.286 1.00 30.54 ? 512 LYS A CG  1 
ATOM   818 C CD  . LYS A 1 130 ? 16.358  4.215   -12.632 1.00 32.88 ? 512 LYS A CD  1 
ATOM   819 C CE  . LYS A 1 130 ? 17.672  3.868   -13.332 1.00 35.39 ? 512 LYS A CE  1 
ATOM   820 N NZ  . LYS A 1 130 ? 17.999  4.665   -14.565 1.00 36.79 ? 512 LYS A NZ  1 
ATOM   821 N N   . MET A 1 131 ? 13.820  8.289   -13.433 1.00 21.82 ? 513 MET A N   1 
ATOM   822 C CA  . MET A 1 131 ? 13.861  9.027   -14.712 1.00 20.92 ? 513 MET A CA  1 
ATOM   823 C C   . MET A 1 131 ? 13.990  10.520  -14.456 1.00 20.29 ? 513 MET A C   1 
ATOM   824 O O   . MET A 1 131 ? 14.741  11.214  -15.142 1.00 19.26 ? 513 MET A O   1 
ATOM   825 C CB  . MET A 1 131 ? 12.599  8.786   -15.551 1.00 22.32 ? 513 MET A CB  1 
ATOM   826 C CG  . MET A 1 131 ? 12.357  7.354   -16.021 1.00 23.43 ? 513 MET A CG  1 
ATOM   827 S SD  . MET A 1 131 ? 13.678  6.655   -17.073 1.00 26.79 ? 513 MET A SD  1 
ATOM   828 C CE  . MET A 1 131 ? 14.644  6.042   -15.877 1.00 26.79 ? 513 MET A CE  1 
ATOM   829 N N   . VAL A 1 132 ? 13.251  11.023  -13.472 1.00 20.56 ? 514 VAL A N   1 
ATOM   830 C CA  . VAL A 1 132 ? 13.326  12.444  -13.157 1.00 19.26 ? 514 VAL A CA  1 
ATOM   831 C C   . VAL A 1 132 ? 14.737  12.804  -12.642 1.00 19.92 ? 514 VAL A C   1 
ATOM   832 O O   . VAL A 1 132 ? 15.307  13.812  -13.041 1.00 20.30 ? 514 VAL A O   1 
ATOM   833 C CB  . VAL A 1 132 ? 12.254  12.827  -12.134 1.00 20.71 ? 514 VAL A CB  1 
ATOM   834 C CG1 . VAL A 1 132 ? 12.488  14.251  -11.645 1.00 19.80 ? 514 VAL A CG1 1 
ATOM   835 C CG2 . VAL A 1 132 ? 10.894  12.723  -12.786 1.00 20.31 ? 514 VAL A CG2 1 
ATOM   836 N N   . GLY A 1 133 ? 15.297  11.936  -11.802 1.00 21.04 ? 515 GLY A N   1 
ATOM   837 C CA  . GLY A 1 133 ? 16.624  12.174  -11.277 1.00 21.94 ? 515 GLY A CA  1 
ATOM   838 C C   . GLY A 1 133 ? 17.659  12.132  -12.397 1.00 20.98 ? 515 GLY A C   1 
ATOM   839 O O   . GLY A 1 133 ? 18.545  12.991  -12.429 1.00 23.82 ? 515 GLY A O   1 
ATOM   840 N N   . ASP A 1 134 ? 17.553  11.163  -13.305 1.00 21.21 ? 516 ASP A N   1 
ATOM   841 C CA  . ASP A 1 134 ? 18.501  11.041  -14.424 1.00 21.02 ? 516 ASP A CA  1 
ATOM   842 C C   . ASP A 1 134 ? 18.459  12.348  -15.259 1.00 20.42 ? 516 ASP A C   1 
ATOM   843 O O   . ASP A 1 134 ? 19.482  12.950  -15.597 1.00 20.59 ? 516 ASP A O   1 
ATOM   844 C CB  . ASP A 1 134 ? 18.121  9.856   -15.340 1.00 23.56 ? 516 ASP A CB  1 
ATOM   845 C CG  . ASP A 1 134 ? 18.409  8.477   -14.718 1.00 25.93 ? 516 ASP A CG  1 
ATOM   846 O OD1 . ASP A 1 134 ? 19.056  8.388   -13.652 1.00 28.73 ? 516 ASP A OD1 1 
ATOM   847 O OD2 . ASP A 1 134 ? 17.960  7.494   -15.321 1.00 29.52 ? 516 ASP A OD2 1 
ATOM   848 N N   . TYR A 1 135 ? 17.251  12.795  -15.593 1.00 18.85 ? 517 TYR A N   1 
ATOM   849 C CA  . TYR A 1 135 ? 17.080  14.006  -16.368 1.00 19.81 ? 517 TYR A CA  1 
ATOM   850 C C   . TYR A 1 135 ? 17.688  15.224  -15.680 1.00 18.67 ? 517 TYR A C   1 
ATOM   851 O O   . TYR A 1 135 ? 18.400  15.999  -16.317 1.00 20.15 ? 517 TYR A O   1 
ATOM   852 C CB  . TYR A 1 135 ? 15.577  14.242  -16.584 1.00 17.80 ? 517 TYR A CB  1 
ATOM   853 C CG  . TYR A 1 135 ? 15.274  15.443  -17.432 1.00 16.69 ? 517 TYR A CG  1 
ATOM   854 C CD1 . TYR A 1 135 ? 15.613  15.450  -18.792 1.00 16.54 ? 517 TYR A CD1 1 
ATOM   855 C CD2 . TYR A 1 135 ? 14.613  16.552  -16.908 1.00 16.95 ? 517 TYR A CD2 1 
ATOM   856 C CE1 . TYR A 1 135 ? 15.284  16.537  -19.602 1.00 17.13 ? 517 TYR A CE1 1 
ATOM   857 C CE2 . TYR A 1 135 ? 14.268  17.657  -17.738 1.00 17.29 ? 517 TYR A CE2 1 
ATOM   858 C CZ  . TYR A 1 135 ? 14.616  17.624  -19.086 1.00 16.46 ? 517 TYR A CZ  1 
ATOM   859 O OH  . TYR A 1 135 ? 14.302  18.690  -19.880 1.00 17.35 ? 517 TYR A OH  1 
ATOM   860 N N   . ASP A 1 136 ? 17.376  15.417  -14.402 1.00 19.22 ? 518 ASP A N   1 
ATOM   861 C CA  . ASP A 1 136 ? 17.877  16.587  -13.695 1.00 20.88 ? 518 ASP A CA  1 
ATOM   862 C C   . ASP A 1 136 ? 19.399  16.573  -13.691 1.00 21.00 ? 518 ASP A C   1 
ATOM   863 O O   . ASP A 1 136 ? 20.021  17.602  -13.877 1.00 22.39 ? 518 ASP A O   1 
ATOM   864 C CB  . ASP A 1 136 ? 17.323  16.634  -12.275 1.00 22.32 ? 518 ASP A CB  1 
ATOM   865 C CG  . ASP A 1 136 ? 15.825  16.951  -12.211 1.00 23.13 ? 518 ASP A CG  1 
ATOM   866 O OD1 . ASP A 1 136 ? 15.235  17.348  -13.226 1.00 24.50 ? 518 ASP A OD1 1 
ATOM   867 O OD2 . ASP A 1 136 ? 15.249  16.814  -11.108 1.00 23.96 ? 518 ASP A OD2 1 
ATOM   868 N N   . ARG A 1 137 ? 19.991  15.396  -13.534 1.00 22.23 ? 519 ARG A N   1 
ATOM   869 C CA  . ARG A 1 137 ? 21.446  15.362  -13.571 1.00 24.59 ? 519 ARG A CA  1 
ATOM   870 C C   . ARG A 1 137 ? 21.983  15.679  -14.954 1.00 24.97 ? 519 ARG A C   1 
ATOM   871 O O   . ARG A 1 137 ? 22.983  16.418  -15.081 1.00 26.67 ? 519 ARG A O   1 
ATOM   872 C CB  . ARG A 1 137 ? 21.968  14.018  -13.101 1.00 24.85 ? 519 ARG A CB  1 
ATOM   873 C CG  . ARG A 1 137 ? 21.775  13.849  -11.602 1.00 26.00 ? 519 ARG A CG  1 
ATOM   874 C CD  . ARG A 1 137 ? 22.529  12.608  -11.059 1.00 28.87 ? 519 ARG A CD  1 
ATOM   875 N NE  . ARG A 1 137 ? 21.889  11.367  -11.474 1.00 29.67 ? 519 ARG A NE  1 
ATOM   876 C CZ  . ARG A 1 137 ? 20.872  10.789  -10.830 1.00 30.75 ? 519 ARG A CZ  1 
ATOM   877 N NH1 . ARG A 1 137 ? 20.394  11.325  -9.725  1.00 31.30 ? 519 ARG A NH1 1 
ATOM   878 N NH2 . ARG A 1 137 ? 20.312  9.694   -11.320 1.00 32.66 ? 519 ARG A NH2 1 
ATOM   879 N N   . GLN A 1 138 ? 21.327  15.148  -15.981 1.00 24.82 ? 520 GLN A N   1 
ATOM   880 C CA  . GLN A 1 138 ? 21.715  15.354  -17.380 1.00 25.85 ? 520 GLN A CA  1 
ATOM   881 C C   . GLN A 1 138 ? 21.555  16.804  -17.826 1.00 26.90 ? 520 GLN A C   1 
ATOM   882 O O   . GLN A 1 138 ? 22.259  17.247  -18.759 1.00 27.99 ? 520 GLN A O   1 
ATOM   883 C CB  . GLN A 1 138 ? 20.892  14.458  -18.322 1.00 26.37 ? 520 GLN A CB  1 
ATOM   884 C CG  . GLN A 1 138 ? 21.253  12.961  -18.321 1.00 26.13 ? 520 GLN A CG  1 
ATOM   885 C CD  . GLN A 1 138 ? 20.301  12.115  -19.161 1.00 28.51 ? 520 GLN A CD  1 
ATOM   886 O OE1 . GLN A 1 138 ? 19.369  12.638  -19.771 1.00 30.35 ? 520 GLN A OE1 1 
ATOM   887 N NE2 . GLN A 1 138 ? 20.530  10.798  -19.194 1.00 29.64 ? 520 GLN A NE2 1 
ATOM   888 N N   . LYS A 1 139 ? 20.635  17.547  -17.195 1.00 24.55 ? 521 LYS A N   1 
ATOM   889 C CA  . LYS A 1 139 ? 20.413  18.945  -17.552 1.00 24.91 ? 521 LYS A CA  1 
ATOM   890 C C   . LYS A 1 139 ? 21.238  19.895  -16.675 1.00 24.76 ? 521 LYS A C   1 
ATOM   891 O O   . LYS A 1 139 ? 21.147  21.111  -16.800 1.00 25.67 ? 521 LYS A O   1 
ATOM   892 C CB  . LYS A 1 139 ? 18.920  19.288  -17.441 1.00 23.95 ? 521 LYS A CB  1 
ATOM   893 C CG  . LYS A 1 139 ? 18.036  18.538  -18.477 1.00 22.33 ? 521 LYS A CG  1 
ATOM   894 C CD  . LYS A 1 139 ? 18.467  18.757  -19.952 1.00 22.45 ? 521 LYS A CD  1 
ATOM   895 C CE  . LYS A 1 139 ? 18.330  20.189  -20.393 1.00 21.22 ? 521 LYS A CE  1 
ATOM   896 N NZ  . LYS A 1 139 ? 16.885  20.564  -20.389 1.00 23.50 ? 521 LYS A NZ  1 
ATOM   897 N N   . THR A 1 140 ? 22.051  19.321  -15.786 1.00 25.60 ? 522 THR A N   1 
ATOM   898 C CA  . THR A 1 140 ? 22.904  20.119  -14.931 1.00 27.03 ? 522 THR A CA  1 
ATOM   899 C C   . THR A 1 140 ? 24.131  20.642  -15.704 1.00 25.91 ? 522 THR A C   1 
ATOM   900 O O   . THR A 1 140 ? 24.464  21.827  -15.481 1.00 28.69 ? 522 THR A O   1 
ATOM   901 C CB  . THR A 1 140 ? 23.372  19.299  -13.731 1.00 25.94 ? 522 THR A CB  1 
ATOM   902 O OG1 . THR A 1 140 ? 22.255  18.967  -12.891 1.00 27.86 ? 522 THR A OG1 1 
ATOM   903 C CG2 . THR A 1 140 ? 24.339  20.128  -12.909 1.00 27.84 ? 522 THR A CG2 1 
ATOM   904 O OXT . THR A 1 140 ? 24.730  19.882  -16.490 1.00 26.73 ? 522 THR A OXT 1 
HETATM 905 O O   . HOH B 2 .   ? 15.289  10.313  -17.751 1.00 21.76 ? 1   HOH A O   1 
HETATM 906 O O   . HOH B 2 .   ? 11.696  11.399  -24.090 1.00 23.74 ? 2   HOH A O   1 
HETATM 907 O O   . HOH B 2 .   ? 9.316   21.229  -22.639 1.00 24.82 ? 3   HOH A O   1 
HETATM 908 O O   . HOH B 2 .   ? -7.798  -16.850 12.338  1.00 24.81 ? 4   HOH A O   1 
HETATM 909 O O   . HOH B 2 .   ? -15.670 -18.286 24.755  1.00 22.91 ? 5   HOH A O   1 
HETATM 910 O O   . HOH B 2 .   ? 12.633  21.310  -22.510 1.00 29.83 ? 6   HOH A O   1 
HETATM 911 O O   . HOH B 2 .   ? -11.040 -0.844  2.010   1.00 30.52 ? 7   HOH A O   1 
HETATM 912 O O   . HOH B 2 .   ? 15.865  21.028  -17.688 1.00 27.57 ? 8   HOH A O   1 
HETATM 913 O O   . HOH B 2 .   ? 25.372  17.296  -16.006 1.00 24.29 ? 9   HOH A O   1 
HETATM 914 O O   . HOH B 2 .   ? -3.241  13.903  -7.952  1.00 32.16 ? 10  HOH A O   1 
HETATM 915 O O   . HOH B 2 .   ? -9.186  -16.028 3.562   1.00 28.84 ? 11  HOH A O   1 
HETATM 916 O O   . HOH B 2 .   ? 16.831  11.777  -19.438 1.00 23.89 ? 12  HOH A O   1 
HETATM 917 O O   . HOH B 2 .   ? -0.980  15.311  -9.457  1.00 28.20 ? 13  HOH A O   1 
HETATM 918 O O   . HOH B 2 .   ? -7.139  -14.949 27.292  1.00 29.25 ? 14  HOH A O   1 
HETATM 919 O O   . HOH B 2 .   ? -16.146 -8.222  18.636  1.00 30.88 ? 15  HOH A O   1 
HETATM 920 O O   . HOH B 2 .   ? 1.436   17.544  -8.881  1.00 27.95 ? 16  HOH A O   1 
HETATM 921 O O   . HOH B 2 .   ? -5.248  17.017  -11.899 1.00 37.91 ? 17  HOH A O   1 
HETATM 922 O O   . HOH B 2 .   ? -2.600  -11.522 15.005  1.00 29.81 ? 18  HOH A O   1 
HETATM 923 O O   . HOH B 2 .   ? 24.770  18.224  -19.252 1.00 25.70 ? 19  HOH A O   1 
HETATM 924 O O   . HOH B 2 .   ? 7.554   16.467  -24.942 1.00 40.40 ? 20  HOH A O   1 
HETATM 925 O O   . HOH B 2 .   ? -15.718 -8.727  22.875  1.00 28.79 ? 21  HOH A O   1 
HETATM 926 O O   . HOH B 2 .   ? -19.807 -16.393 30.836  1.00 45.21 ? 22  HOH A O   1 
HETATM 927 O O   . HOH B 2 .   ? -6.467  -17.245 24.464  1.00 40.60 ? 23  HOH A O   1 
HETATM 928 O O   . HOH B 2 .   ? 17.997  8.768   -10.573 1.00 41.19 ? 24  HOH A O   1 
HETATM 929 O O   . HOH B 2 .   ? 17.002  7.941   -17.599 1.00 31.74 ? 25  HOH A O   1 
HETATM 930 O O   . HOH B 2 .   ? 2.614   19.805  -18.176 1.00 34.96 ? 26  HOH A O   1 
HETATM 931 O O   . HOH B 2 .   ? 18.485  20.296  -13.581 1.00 33.37 ? 28  HOH A O   1 
HETATM 932 O O   . HOH B 2 .   ? -0.165  5.169   4.148   1.00 34.16 ? 29  HOH A O   1 
HETATM 933 O O   . HOH B 2 .   ? -12.038 3.208   16.597  1.00 48.78 ? 30  HOH A O   1 
HETATM 934 O O   . HOH B 2 .   ? -0.379  -1.459  11.603  1.00 40.17 ? 31  HOH A O   1 
HETATM 935 O O   . HOH B 2 .   ? 13.037  19.205  -25.893 1.00 35.15 ? 32  HOH A O   1 
HETATM 936 O O   . HOH B 2 .   ? -6.721  -17.161 30.806  1.00 33.52 ? 33  HOH A O   1 
HETATM 937 O O   . HOH B 2 .   ? 8.036   -3.388  -15.868 1.00 47.11 ? 34  HOH A O   1 
HETATM 938 O O   . HOH B 2 .   ? -2.825  -6.138  6.769   1.00 36.24 ? 35  HOH A O   1 
HETATM 939 O O   . HOH B 2 .   ? -1.532  -6.434  19.902  1.00 35.27 ? 36  HOH A O   1 
HETATM 940 O O   . HOH B 2 .   ? 15.783  19.527  -15.001 1.00 37.88 ? 37  HOH A O   1 
HETATM 941 O O   . HOH B 2 .   ? -4.107  3.401   8.205   1.00 35.77 ? 38  HOH A O   1 
HETATM 942 O O   . HOH B 2 .   ? 15.746  14.721  -9.317  1.00 36.95 ? 39  HOH A O   1 
HETATM 943 O O   . HOH B 2 .   ? -1.105  -11.257 10.853  1.00 43.01 ? 40  HOH A O   1 
HETATM 944 O O   . HOH B 2 .   ? -20.330 -13.944 22.297  1.00 37.42 ? 41  HOH A O   1 
HETATM 945 O O   . HOH B 2 .   ? -1.716  -8.858  24.161  1.00 33.52 ? 42  HOH A O   1 
HETATM 946 O O   . HOH B 2 .   ? 0.571   6.192   -15.389 1.00 53.17 ? 43  HOH A O   1 
HETATM 947 O O   . HOH B 2 .   ? -13.114 -13.472 0.402   1.00 43.82 ? 44  HOH A O   1 
HETATM 948 O O   . HOH B 2 .   ? 15.988  22.875  -21.735 1.00 34.56 ? 45  HOH A O   1 
HETATM 949 O O   . HOH B 2 .   ? -13.761 -5.609  19.959  1.00 46.73 ? 46  HOH A O   1 
HETATM 950 O O   . HOH B 2 .   ? 9.897   15.037  -24.458 1.00 36.89 ? 47  HOH A O   1 
HETATM 951 O O   . HOH B 2 .   ? -11.215 -12.135 -2.014  1.00 41.19 ? 48  HOH A O   1 
HETATM 952 O O   . HOH B 2 .   ? -1.624  -14.349 21.731  1.00 31.56 ? 49  HOH A O   1 
HETATM 953 O O   . HOH B 2 .   ? 10.880  -2.549  -15.454 1.00 46.27 ? 50  HOH A O   1 
HETATM 954 O O   . HOH B 2 .   ? -4.120  -18.068 22.047  1.00 48.90 ? 51  HOH A O   1 
HETATM 955 O O   . HOH B 2 .   ? 9.594   24.133  -24.425 1.00 41.32 ? 52  HOH A O   1 
HETATM 956 O O   . HOH B 2 .   ? 1.501   -14.142 21.613  1.00 26.59 ? 53  HOH A O   1 
HETATM 957 O O   . HOH B 2 .   ? -1.704  -11.541 20.549  1.00 31.93 ? 54  HOH A O   1 
HETATM 958 O O   . HOH B 2 .   ? -16.190 -2.836  21.682  1.00 54.99 ? 55  HOH A O   1 
HETATM 959 O O   . HOH B 2 .   ? -4.608  -14.530 18.504  1.00 35.75 ? 56  HOH A O   1 
HETATM 960 O O   . HOH B 2 .   ? 3.516   22.211  -17.610 1.00 48.37 ? 57  HOH A O   1 
HETATM 961 O O   . HOH B 2 .   ? -18.730 -8.562  23.616  1.00 36.06 ? 58  HOH A O   1 
HETATM 962 O O   . HOH B 2 .   ? 8.620   23.657  -21.301 1.00 34.39 ? 59  HOH A O   1 
HETATM 963 O O   . HOH B 2 .   ? -3.545  -7.268  26.596  1.00 55.55 ? 60  HOH A O   1 
HETATM 964 O O   . HOH B 2 .   ? 13.091  21.144  -15.152 1.00 43.60 ? 61  HOH A O   1 
HETATM 965 O O   . HOH B 2 .   ? -9.502  -17.620 5.743   1.00 30.12 ? 62  HOH A O   1 
HETATM 966 O O   . HOH B 2 .   ? 14.103  12.222  -8.761  1.00 38.28 ? 63  HOH A O   1 
HETATM 967 O O   . HOH B 2 .   ? -18.778 -19.073 25.498  1.00 57.77 ? 64  HOH A O   1 
HETATM 968 O O   . HOH B 2 .   ? -14.126 -11.731 6.781   1.00 34.13 ? 65  HOH A O   1 
HETATM 969 O O   . HOH B 2 .   ? -10.830 -3.992  1.210   1.00 46.02 ? 66  HOH A O   1 
HETATM 970 O O   . HOH B 2 .   ? -5.148  -15.520 23.386  1.00 71.59 ? 67  HOH A O   1 
HETATM 971 O O   . HOH B 2 .   ? -13.599 -2.208  16.054  1.00 71.70 ? 68  HOH A O   1 
HETATM 972 O O   . HOH B 2 .   ? 4.446   18.816  -12.269 1.00 35.18 ? 69  HOH A O   1 
HETATM 973 O O   . HOH B 2 .   ? -11.679 -16.573 1.507   1.00 61.82 ? 70  HOH A O   1 
HETATM 974 O O   . HOH B 2 .   ? -20.286 -13.934 18.919  1.00 49.25 ? 71  HOH A O   1 
HETATM 975 O O   . HOH B 2 .   ? 4.469   9.586   -20.276 1.00 44.06 ? 72  HOH A O   1 
HETATM 976 O O   . HOH B 2 .   ? 6.336   23.102  -18.672 1.00 76.11 ? 73  HOH A O   1 
HETATM 977 O O   . HOH B 2 .   ? -16.156 -17.304 18.119  1.00 38.15 ? 74  HOH A O   1 
HETATM 978 O O   . HOH B 2 .   ? 14.252  5.685   -7.636  1.00 43.19 ? 75  HOH A O   1 
HETATM 979 O O   . HOH B 2 .   ? 13.858  8.820   -2.671  1.00 57.46 ? 76  HOH A O   1 
HETATM 980 O O   . HOH B 2 .   ? -5.467  2.707   18.827  1.00 47.68 ? 77  HOH A O   1 
HETATM 981 O O   . HOH B 2 .   ? -3.206  16.013  -5.589  1.00 66.80 ? 78  HOH A O   1 
HETATM 982 O O   . HOH B 2 .   ? -7.679  3.535   13.558  1.00 50.35 ? 79  HOH A O   1 
HETATM 983 O O   . HOH B 2 .   ? 17.628  24.663  -23.616 1.00 40.99 ? 80  HOH A O   1 
HETATM 984 O O   . HOH B 2 .   ? -8.360  -5.588  10.700  1.00 80.25 ? 81  HOH A O   1 
HETATM 985 O O   . HOH B 2 .   ? -5.308  2.129   -5.951  1.00 60.48 ? 82  HOH A O   1 
HETATM 986 O O   . HOH B 2 .   ? 11.395  0.194   -10.539 1.00 42.50 ? 83  HOH A O   1 
HETATM 987 O O   . HOH B 2 .   ? -6.725  -0.185  18.644  1.00 70.12 ? 84  HOH A O   1 
# 
